data_9NXC
#
_entry.id   9NXC
#
_cell.length_a   1.00
_cell.length_b   1.00
_cell.length_c   1.00
_cell.angle_alpha   90.00
_cell.angle_beta   90.00
_cell.angle_gamma   90.00
#
_symmetry.space_group_name_H-M   'P 1'
#
loop_
_entity.id
_entity.type
_entity.pdbx_description
1 polymer 'Maltose/maltodextrin transport system permease protein MalF'
2 polymer 'Maltose/maltodextrin transport system permease protein MalG'
3 polymer 'Maltose/maltodextrin import ATP-binding protein MalK'
4 polymer 'Maltose/maltodextrin import ATP-binding protein MalK'
#
loop_
_entity_poly.entity_id
_entity_poly.type
_entity_poly.pdbx_seq_one_letter_code
_entity_poly.pdbx_strand_id
1 'polypeptide(L)'
;MRKNPMDVIKKKHWWQSDALKWSVLGLLGLLVGYLVVLMYAQGEYLFAITTLILSSAGLYIFANRKAYAWRYVYPGMAGM
GLFVLFPLVCTIAIAFTNYSSTNQLTFERAQEVLLDRSWQAGKIYNFGLYPAGDEWQLALSDGETGKNYLSDAFKFGGEQ
KLQLKESATQPEGERANLRVITQNRQALSDITAILPDGNKVMMSSLRQFSGTQPLYTLDGDGTLTNNQSGVKYRPNNQIG
FYQSITADGNWGDEKLSPGYTVTTGWKNFTRVFTDEGIQKPFLAIFVWTVVFSLITVFLTVAVGMVLACLVQWEALRGKA
VYRVLLILPYAVPSFISILIFKGLFNQSFGEINMMLSALFGVKPAWFSDPTTARTMLIIVNTWLGYPYMMILCMGLLKAI
PDDLYEASAMDGAGPFQNFFKITLPLLIKPLTPLMIASFAFNFNNFVLIQLLTNGGPDRLGTTTPAGYTDLLVNYTYRIA
FEGGGGQDFGLAAAIATLIFLLVGALAIVNLKATRMKFD
;
H
2 'polypeptide(L)'
;AMVQPKSQKARLFITHLLLLLFIAAIMFPLLMVVAISLRQGNFATGSLWPEQISWDHWKLALGFSVEQADGRIWPPPFPV
LLWLWNSVKVAGISAIGIVALSTTCAYAFARMRFPGKATLLKGMLIFQMFPAVLSLVALYALFDRLGEYIPFIGLNTHGG
VIFAYLGGIALHVWTIKGYFETIDSSLEEAAALDGATPWQAFRLVLLPLSVPILAVVFILSFIAAITEVPVASLLLRDVN
SYTLAVGMQQYLNPQNYLWGDFAAAAVMSALPITIVFLLAQRWLVN
;
I
3 'polypeptide(L)'
;ASVQLQNVTKAWGEVVVSKDINLDIHEGEFVVFVGPSGCGKSTLLRMIAGLETITSGDLFIGEKRMNDTPPAERGVGMVF
QSYALYPHLSVAENMSFGLKLAGAKKEVINQRVNQVAEVLQLAHLLDRKPKALSGGQRQRVAIGRTLVAEPSVFLLDEPL
SNLDAALRVQMRIEISRLHKRLGRTMIYVTHDQVEAMTLADKIVVLDAGRVAQVGKPLELYHYPADRFVAGFIGSPKMNF
LPVKVTATAIDQVQVELPMPNRQQVWLPVESRDVQVGANMSLGIRPEHLLPSDIADVILEGEVQVVEQLGNETQIHIQIP
SIRQNLVYRQNDVVLVEEGATFAIGLPPERCHLFREDGTACRRLHKEPGVA
;
C
4 'polypeptide(L)'
;ASVQLQNVTKAWGEVVVSKDINLDIHEGEFVVFVGPSGCGKSTLLRMIAGLETITSGDLFIGEKRMNDTPPAERGVGMVF
QSYALYPHLSVAENMSFGLKLAGAKKEVINQRVNQVAEVLQLAHLLDRKPKALSGGQRQRVAIGRTLVAEPSVFLLDEPL
SNLDAALRVQMRIEISRLHKRLGRTMIYVTHDQVEAMTLADKIVVLDAGRVAQVGKPLELYHYPADRFVAGFIGSPKMNF
LPVKVTATAIDQVQVELPMPNRQQVWLPVESRDVQVGANMSLGIRPEHLLPSDIADVILEGEVQVVEQLGNETQIHIQIP
SIRQNLVYRQNDVVLVEEGATFAIGLPPERCHLFREDGTACRRLHKEPGVAHH
;
D
#
# COMPACT_ATOMS: atom_id res chain seq x y z
N LEU A 46 11.08 36.02 34.96
CA LEU A 46 11.56 35.28 33.81
C LEU A 46 10.59 34.18 33.43
N PHE A 47 10.14 33.39 34.41
CA PHE A 47 9.12 32.39 34.15
C PHE A 47 7.81 33.03 33.71
N ALA A 48 7.44 34.16 34.33
CA ALA A 48 6.22 34.85 33.94
C ALA A 48 6.32 35.39 32.52
N ILE A 49 7.47 35.95 32.15
CA ILE A 49 7.64 36.45 30.78
C ILE A 49 7.58 35.30 29.78
N THR A 50 8.23 34.17 30.11
CA THR A 50 8.18 33.01 29.21
C THR A 50 6.75 32.50 29.04
N THR A 51 6.01 32.40 30.14
CA THR A 51 4.62 31.94 30.06
C THR A 51 3.76 32.94 29.29
N LEU A 52 4.01 34.24 29.46
CA LEU A 52 3.25 35.23 28.71
C LEU A 52 3.55 35.14 27.22
N ILE A 53 4.81 34.86 26.87
CA ILE A 53 5.15 34.62 25.46
C ILE A 53 4.40 33.41 24.93
N LEU A 54 4.41 32.32 25.71
CA LEU A 54 3.72 31.10 25.29
C LEU A 54 2.23 31.35 25.11
N SER A 55 1.64 32.16 25.98
CA SER A 55 0.21 32.44 25.89
C SER A 55 -0.10 33.36 24.70
N SER A 56 0.47 34.57 24.71
CA SER A 56 0.20 35.55 23.66
C SER A 56 1.27 35.53 22.58
N ALA A 57 1.63 34.33 22.10
CA ALA A 57 2.25 34.22 20.79
C ALA A 57 1.54 35.09 19.74
N GLY A 58 0.23 35.23 19.85
CA GLY A 58 -0.50 36.17 19.04
C GLY A 58 -1.04 35.66 17.73
N LEU A 59 -0.82 34.39 17.40
CA LEU A 59 -1.24 33.83 16.13
C LEU A 59 -2.63 33.20 16.19
N TYR A 60 -3.47 33.64 17.12
CA TYR A 60 -4.83 33.15 17.24
C TYR A 60 -5.86 34.12 16.65
N ILE A 61 -5.40 35.06 15.81
CA ILE A 61 -6.31 36.04 15.22
C ILE A 61 -7.37 35.32 14.42
N PHE A 62 -8.64 35.61 14.73
CA PHE A 62 -9.76 34.90 14.12
C PHE A 62 -9.97 35.38 12.68
N ALA A 63 -9.08 34.94 11.79
CA ALA A 63 -9.08 35.36 10.40
C ALA A 63 -9.19 34.20 9.42
N ASN A 64 -9.36 32.97 9.91
CA ASN A 64 -9.48 31.78 9.06
C ASN A 64 -8.24 31.57 8.19
N ARG A 65 -7.15 32.24 8.54
CA ARG A 65 -5.88 32.13 7.83
C ARG A 65 -5.11 30.96 8.43
N LYS A 66 -3.79 30.91 8.18
CA LYS A 66 -2.91 29.95 8.82
C LYS A 66 -3.09 29.96 10.34
N ALA A 67 -3.81 30.98 10.82
CA ALA A 67 -4.12 31.01 12.27
C ALA A 67 -4.92 29.75 12.60
N TYR A 68 -5.94 29.45 11.78
CA TYR A 68 -6.79 28.26 12.05
C TYR A 68 -5.92 27.00 12.14
N ALA A 69 -5.07 26.78 11.15
CA ALA A 69 -4.23 25.57 11.14
C ALA A 69 -3.49 25.47 12.48
N TRP A 70 -2.83 26.54 12.90
CA TRP A 70 -2.01 26.47 14.14
C TRP A 70 -2.92 26.37 15.36
N ARG A 71 -4.16 26.85 15.26
CA ARG A 71 -5.11 26.70 16.40
C ARG A 71 -5.19 25.21 16.76
N TYR A 72 -4.94 24.32 15.80
CA TYR A 72 -4.90 22.87 16.10
C TYR A 72 -3.53 22.49 16.64
N VAL A 73 -2.46 23.06 16.07
CA VAL A 73 -1.09 22.62 16.49
C VAL A 73 -0.74 23.19 17.87
N TYR A 74 -1.12 24.44 18.17
CA TYR A 74 -0.71 25.06 19.45
C TYR A 74 -0.89 24.10 20.63
N PRO A 75 -2.09 23.55 20.92
CA PRO A 75 -2.21 22.58 22.02
C PRO A 75 -1.23 21.44 21.75
N GLY A 76 -0.27 21.23 22.65
CA GLY A 76 0.75 20.23 22.42
C GLY A 76 2.05 20.82 21.91
N MET A 77 1.97 21.78 20.98
CA MET A 77 3.16 22.57 20.66
C MET A 77 3.55 23.42 21.85
N ALA A 78 2.56 24.02 22.52
CA ALA A 78 2.82 24.70 23.79
C ALA A 78 3.33 23.71 24.83
N GLY A 79 2.74 22.50 24.86
CA GLY A 79 3.20 21.50 25.79
C GLY A 79 4.67 21.17 25.62
N MET A 80 5.10 20.99 24.37
CA MET A 80 6.52 20.75 24.13
C MET A 80 7.35 21.97 24.51
N GLY A 81 6.95 23.15 24.02
CA GLY A 81 7.70 24.36 24.32
C GLY A 81 7.88 24.63 25.79
N LEU A 82 6.97 24.11 26.62
CA LEU A 82 7.08 24.31 28.06
C LEU A 82 7.76 23.14 28.78
N PHE A 83 7.57 21.90 28.32
CA PHE A 83 8.01 20.73 29.07
C PHE A 83 9.26 20.07 28.50
N VAL A 84 9.71 20.43 27.30
CA VAL A 84 10.85 19.81 26.65
C VAL A 84 11.91 20.85 26.29
N LEU A 85 11.52 21.86 25.50
CA LEU A 85 12.46 22.90 25.12
C LEU A 85 12.91 23.72 26.32
N PHE A 86 11.99 24.05 27.23
CA PHE A 86 12.32 24.91 28.36
C PHE A 86 13.40 24.28 29.25
N PRO A 87 13.31 23.01 29.66
CA PRO A 87 14.43 22.44 30.43
C PRO A 87 15.75 22.47 29.68
N LEU A 88 15.72 22.27 28.36
CA LEU A 88 16.94 22.33 27.57
C LEU A 88 17.55 23.73 27.59
N VAL A 89 16.72 24.75 27.41
CA VAL A 89 17.22 26.13 27.43
C VAL A 89 17.73 26.47 28.83
N CYS A 90 17.06 25.97 29.87
CA CYS A 90 17.54 26.21 31.22
C CYS A 90 18.90 25.55 31.46
N THR A 91 19.08 24.32 30.96
CA THR A 91 20.38 23.68 31.06
C THR A 91 21.45 24.48 30.33
N ILE A 92 21.08 25.06 29.20
CA ILE A 92 22.01 25.96 28.50
C ILE A 92 22.35 27.15 29.40
N ALA A 93 21.35 27.74 30.05
CA ALA A 93 21.58 28.91 30.90
C ALA A 93 22.40 28.55 32.12
N ILE A 94 22.16 27.38 32.71
CA ILE A 94 22.89 26.99 33.92
C ILE A 94 24.38 26.90 33.68
N ALA A 95 24.78 26.44 32.50
CA ALA A 95 26.21 26.25 32.21
C ALA A 95 26.98 27.56 32.34
N PHE A 96 26.44 28.65 31.83
CA PHE A 96 27.14 29.94 31.87
C PHE A 96 27.16 30.55 33.26
N THR A 97 26.44 29.99 34.22
CA THR A 97 26.43 30.47 35.59
C THR A 97 27.37 29.62 36.45
N ASN A 98 27.46 29.98 37.73
CA ASN A 98 28.25 29.22 38.70
C ASN A 98 27.36 28.56 39.76
N TYR A 99 26.16 28.14 39.36
CA TYR A 99 25.24 27.46 40.28
C TYR A 99 25.92 26.27 40.93
N SER A 100 25.97 26.26 42.25
CA SER A 100 26.67 25.22 42.99
C SER A 100 26.04 25.11 44.38
N SER A 101 26.57 24.19 45.19
CA SER A 101 26.11 24.05 46.57
C SER A 101 26.49 25.25 47.42
N THR A 102 27.35 26.13 46.92
CA THR A 102 27.66 27.38 47.59
C THR A 102 26.94 28.57 46.97
N ASN A 103 26.31 28.39 45.80
CA ASN A 103 25.64 29.47 45.09
C ASN A 103 24.27 29.05 44.61
N GLN A 104 23.66 28.07 45.27
CA GLN A 104 22.34 27.60 44.85
C GLN A 104 21.28 28.68 45.03
N LEU A 105 21.38 29.44 46.11
CA LEU A 105 20.46 30.55 46.35
C LEU A 105 20.70 31.66 45.33
N THR A 106 19.62 32.27 44.85
CA THR A 106 19.76 33.29 43.82
C THR A 106 20.09 34.65 44.44
N PHE A 107 19.15 35.24 45.18
CA PHE A 107 19.39 36.53 45.82
C PHE A 107 18.80 36.63 47.22
N GLU A 108 18.11 35.60 47.71
CA GLU A 108 17.32 35.74 48.93
C GLU A 108 18.17 36.06 50.15
N ARG A 109 19.44 35.65 50.15
CA ARG A 109 20.32 35.94 51.28
C ARG A 109 20.81 37.38 51.20
N ALA A 110 20.13 38.27 51.91
CA ALA A 110 20.54 39.67 52.01
C ALA A 110 21.17 40.01 53.35
N GLN A 111 20.72 39.38 54.44
CA GLN A 111 21.32 39.54 55.75
C GLN A 111 21.58 38.22 56.46
N GLU A 112 20.92 37.14 56.05
CA GLU A 112 21.08 35.83 56.67
C GLU A 112 22.53 35.34 56.59
N ASN A 250 28.32 47.67 55.84
CA ASN A 250 29.71 47.67 55.30
C ASN A 250 29.70 47.14 53.86
N TRP A 251 30.84 46.68 53.36
CA TRP A 251 30.91 46.12 51.98
C TRP A 251 29.97 44.91 51.88
N GLY A 252 29.65 44.28 53.02
CA GLY A 252 28.73 43.13 53.04
C GLY A 252 29.02 42.16 51.90
N ASP A 253 30.25 41.67 51.81
CA ASP A 253 30.64 40.70 50.75
C ASP A 253 29.80 40.96 49.50
N GLU A 254 29.95 42.14 48.89
CA GLU A 254 29.18 42.49 47.68
C GLU A 254 30.07 42.28 46.45
N LYS A 255 30.83 41.18 46.44
CA LYS A 255 31.78 40.92 45.32
C LYS A 255 31.14 39.98 44.30
N LEU A 256 31.91 39.05 43.75
CA LEU A 256 31.38 38.14 42.74
C LEU A 256 30.95 36.81 43.35
N SER A 257 31.88 36.08 43.95
CA SER A 257 31.56 34.77 44.51
C SER A 257 30.52 34.86 45.63
N PRO A 258 30.61 35.78 46.60
CA PRO A 258 29.50 35.94 47.56
C PRO A 258 28.19 36.37 46.92
N GLY A 259 28.21 36.83 45.67
CA GLY A 259 26.98 37.13 44.97
C GLY A 259 26.17 35.91 44.59
N TYR A 260 26.70 34.71 44.84
CA TYR A 260 26.00 33.44 44.61
C TYR A 260 25.75 33.29 43.12
N THR A 261 24.51 33.28 42.65
CA THR A 261 24.24 33.07 41.23
C THR A 261 24.76 34.24 40.39
N VAL A 262 25.87 34.01 39.69
CA VAL A 262 26.43 35.00 38.79
C VAL A 262 26.79 34.31 37.48
N THR A 263 26.86 35.10 36.41
CA THR A 263 27.22 34.60 35.09
C THR A 263 28.73 34.68 34.95
N THR A 264 29.40 33.52 34.87
CA THR A 264 30.83 33.50 34.68
C THR A 264 31.19 33.71 33.22
N GLY A 265 30.71 32.83 32.35
CA GLY A 265 30.88 32.98 30.92
C GLY A 265 32.00 32.10 30.37
N TRP A 266 31.63 30.96 29.80
CA TRP A 266 32.58 30.03 29.19
C TRP A 266 33.62 29.51 30.17
N LYS A 267 33.51 29.90 31.45
CA LYS A 267 34.43 29.40 32.46
C LYS A 267 34.21 27.92 32.72
N ASN A 268 32.95 27.50 32.83
CA ASN A 268 32.65 26.09 33.05
C ASN A 268 32.95 25.27 31.81
N PHE A 269 32.77 25.85 30.63
CA PHE A 269 33.10 25.16 29.39
C PHE A 269 34.61 24.96 29.25
N THR A 270 35.40 25.97 29.60
CA THR A 270 36.85 25.81 29.55
C THR A 270 37.34 24.83 30.61
N ARG A 271 36.75 24.87 31.81
CA ARG A 271 37.22 24.04 32.90
C ARG A 271 36.98 22.56 32.67
N VAL A 272 36.17 22.18 31.67
CA VAL A 272 36.02 20.76 31.39
C VAL A 272 37.20 20.24 30.57
N PHE A 273 38.00 21.13 29.98
CA PHE A 273 39.14 20.75 29.16
C PHE A 273 40.47 21.12 29.81
N THR A 274 40.64 22.39 30.19
CA THR A 274 41.93 22.86 30.69
C THR A 274 42.25 22.34 32.09
N ASP A 275 41.26 21.82 32.81
CA ASP A 275 41.51 21.37 34.18
C ASP A 275 42.47 20.18 34.22
N GLU A 276 42.26 19.21 33.34
CA GLU A 276 43.06 17.98 33.23
C GLU A 276 42.85 17.09 34.45
N GLY A 277 42.14 17.61 35.46
CA GLY A 277 41.68 16.76 36.54
C GLY A 277 40.33 16.14 36.26
N ILE A 278 39.57 16.73 35.35
CA ILE A 278 38.30 16.16 34.91
C ILE A 278 38.28 15.87 33.42
N GLN A 279 39.27 16.34 32.65
CA GLN A 279 39.30 16.08 31.22
C GLN A 279 39.61 14.62 30.93
N LYS A 280 40.64 14.08 31.57
CA LYS A 280 40.99 12.67 31.36
C LYS A 280 39.86 11.73 31.75
N PRO A 281 39.22 11.86 32.92
CA PRO A 281 38.04 11.02 33.19
C PRO A 281 36.95 11.21 32.17
N PHE A 282 36.74 12.46 31.73
CA PHE A 282 35.71 12.75 30.74
C PHE A 282 35.99 12.01 29.43
N LEU A 283 37.24 12.07 28.96
CA LEU A 283 37.59 11.37 27.73
C LEU A 283 37.46 9.86 27.90
N ALA A 284 37.86 9.34 29.06
CA ALA A 284 37.77 7.90 29.28
C ALA A 284 36.32 7.43 29.23
N ILE A 285 35.43 8.12 29.94
CA ILE A 285 34.03 7.68 29.95
C ILE A 285 33.39 7.93 28.59
N PHE A 286 33.83 8.97 27.87
CA PHE A 286 33.34 9.17 26.51
C PHE A 286 33.69 8.00 25.60
N VAL A 287 34.94 7.57 25.65
CA VAL A 287 35.37 6.43 24.82
C VAL A 287 34.61 5.18 25.23
N TRP A 288 34.45 4.96 26.53
CA TRP A 288 33.70 3.78 26.98
C TRP A 288 32.25 3.85 26.52
N THR A 289 31.64 5.03 26.58
CA THR A 289 30.24 5.16 26.15
C THR A 289 30.10 4.86 24.66
N VAL A 290 31.02 5.39 23.85
CA VAL A 290 30.95 5.15 22.41
C VAL A 290 31.11 3.65 22.13
N VAL A 291 32.10 3.02 22.76
CA VAL A 291 32.34 1.60 22.53
C VAL A 291 31.12 0.78 22.95
N PHE A 292 30.59 1.08 24.13
CA PHE A 292 29.41 0.38 24.65
C PHE A 292 28.23 0.50 23.69
N SER A 293 27.95 1.72 23.25
CA SER A 293 26.81 1.94 22.37
C SER A 293 26.99 1.21 21.04
N LEU A 294 28.18 1.30 20.44
CA LEU A 294 28.40 0.66 19.15
C LEU A 294 28.28 -0.86 19.27
N ILE A 295 28.92 -1.43 20.28
CA ILE A 295 28.87 -2.88 20.47
C ILE A 295 27.45 -3.35 20.69
N THR A 296 26.70 -2.66 21.57
CA THR A 296 25.36 -3.11 21.88
C THR A 296 24.43 -2.91 20.67
N VAL A 297 24.65 -1.87 19.87
CA VAL A 297 23.83 -1.67 18.68
C VAL A 297 24.07 -2.79 17.68
N PHE A 298 25.34 -3.12 17.43
CA PHE A 298 25.63 -4.17 16.45
C PHE A 298 25.07 -5.51 16.93
N LEU A 299 25.31 -5.86 18.19
CA LEU A 299 24.82 -7.13 18.72
C LEU A 299 23.29 -7.19 18.69
N THR A 300 22.63 -6.10 19.08
CA THR A 300 21.18 -6.06 19.10
C THR A 300 20.61 -6.21 17.70
N VAL A 301 21.18 -5.49 16.73
CA VAL A 301 20.70 -5.58 15.36
C VAL A 301 20.86 -7.00 14.84
N ALA A 302 22.02 -7.60 15.07
CA ALA A 302 22.28 -8.95 14.56
C ALA A 302 21.29 -9.96 15.17
N VAL A 303 21.14 -9.92 16.49
CA VAL A 303 20.27 -10.89 17.16
C VAL A 303 18.83 -10.69 16.71
N GLY A 304 18.37 -9.45 16.65
CA GLY A 304 17.00 -9.20 16.25
C GLY A 304 16.72 -9.60 14.82
N MET A 305 17.65 -9.30 13.91
CA MET A 305 17.47 -9.66 12.51
C MET A 305 17.43 -11.18 12.34
N VAL A 306 18.35 -11.89 13.01
CA VAL A 306 18.35 -13.35 12.92
C VAL A 306 17.04 -13.92 13.46
N LEU A 307 16.59 -13.41 14.62
CA LEU A 307 15.35 -13.93 15.20
C LEU A 307 14.16 -13.65 14.30
N ALA A 308 14.12 -12.47 13.68
CA ALA A 308 13.02 -12.15 12.78
C ALA A 308 13.01 -13.07 11.56
N CYS A 309 14.18 -13.24 10.93
CA CYS A 309 14.26 -14.11 9.76
C CYS A 309 13.86 -15.54 10.10
N LEU A 310 14.24 -16.01 11.30
CA LEU A 310 13.88 -17.38 11.68
C LEU A 310 12.41 -17.49 12.03
N VAL A 311 11.83 -16.45 12.66
CA VAL A 311 10.43 -16.50 13.06
C VAL A 311 9.51 -16.45 11.85
N GLN A 312 9.89 -15.70 10.81
CA GLN A 312 9.05 -15.58 9.61
C GLN A 312 9.33 -16.68 8.60
N TRP A 313 9.76 -17.86 9.05
CA TRP A 313 10.06 -18.97 8.15
C TRP A 313 8.80 -19.47 7.43
N GLU A 314 7.64 -19.36 8.07
CA GLU A 314 6.36 -19.89 7.59
C GLU A 314 6.37 -21.41 7.46
N ALA A 315 7.43 -22.07 7.91
CA ALA A 315 7.47 -23.52 8.03
C ALA A 315 7.64 -23.96 9.48
N LEU A 316 7.73 -23.04 10.42
CA LEU A 316 7.89 -23.35 11.83
C LEU A 316 6.54 -23.71 12.45
N ARG A 317 6.60 -24.10 13.72
CA ARG A 317 5.41 -24.45 14.49
C ARG A 317 5.36 -23.59 15.75
N GLY A 318 4.16 -23.14 16.11
CA GLY A 318 4.01 -22.30 17.29
C GLY A 318 4.70 -20.95 17.17
N LYS A 319 4.61 -20.32 16.00
CA LYS A 319 5.30 -19.05 15.81
C LYS A 319 4.77 -17.98 16.75
N ALA A 320 3.48 -18.02 17.06
CA ALA A 320 2.93 -17.06 18.03
C ALA A 320 3.56 -17.25 19.41
N VAL A 321 3.69 -18.52 19.84
CA VAL A 321 4.34 -18.80 21.12
C VAL A 321 5.78 -18.30 21.12
N TYR A 322 6.50 -18.55 20.01
CA TYR A 322 7.88 -18.10 19.93
C TYR A 322 7.97 -16.57 19.97
N ARG A 323 7.07 -15.88 19.28
CA ARG A 323 7.05 -14.42 19.32
C ARG A 323 6.82 -13.93 20.74
N VAL A 324 5.85 -14.52 21.45
CA VAL A 324 5.55 -14.09 22.80
C VAL A 324 6.76 -14.30 23.71
N LEU A 325 7.36 -15.48 23.63
CA LEU A 325 8.49 -15.79 24.51
C LEU A 325 9.69 -14.90 24.22
N LEU A 326 9.97 -14.65 22.93
CA LEU A 326 11.11 -13.81 22.60
C LEU A 326 10.82 -12.33 22.85
N ILE A 327 9.55 -11.97 23.02
CA ILE A 327 9.21 -10.58 23.30
C ILE A 327 9.18 -10.30 24.79
N LEU A 328 8.89 -11.32 25.62
CA LEU A 328 8.76 -11.19 27.08
C LEU A 328 9.73 -10.22 27.74
N PRO A 329 11.03 -10.18 27.38
CA PRO A 329 11.89 -9.13 27.96
C PRO A 329 11.40 -7.72 27.71
N TYR A 330 10.78 -7.47 26.55
CA TYR A 330 10.20 -6.15 26.30
C TYR A 330 8.99 -5.91 27.19
N ALA A 331 8.18 -6.94 27.43
CA ALA A 331 6.97 -6.77 28.22
C ALA A 331 7.29 -6.56 29.69
N VAL A 332 8.34 -7.21 30.19
CA VAL A 332 8.70 -7.01 31.59
C VAL A 332 9.18 -5.58 31.78
N PRO A 333 8.72 -4.86 32.80
CA PRO A 333 9.19 -3.48 33.01
C PRO A 333 10.70 -3.44 33.16
N SER A 334 11.31 -2.39 32.59
CA SER A 334 12.75 -2.34 32.45
C SER A 334 13.45 -2.40 33.80
N PHE A 335 13.03 -1.56 34.75
CA PHE A 335 13.72 -1.47 36.03
C PHE A 335 13.67 -2.81 36.77
N ILE A 336 12.57 -3.54 36.61
CA ILE A 336 12.46 -4.85 37.25
C ILE A 336 13.54 -5.78 36.74
N SER A 337 13.72 -5.84 35.41
CA SER A 337 14.74 -6.71 34.84
C SER A 337 16.14 -6.25 35.23
N ILE A 338 16.39 -4.94 35.25
CA ILE A 338 17.71 -4.44 35.59
C ILE A 338 18.06 -4.80 37.03
N LEU A 339 17.11 -4.61 37.95
CA LEU A 339 17.38 -4.96 39.34
C LEU A 339 17.47 -6.47 39.55
N ILE A 340 16.72 -7.24 38.75
CA ILE A 340 16.87 -8.70 38.80
C ILE A 340 18.28 -9.11 38.39
N PHE A 341 18.81 -8.49 37.34
CA PHE A 341 20.19 -8.76 36.95
C PHE A 341 21.17 -8.29 38.01
N LYS A 342 20.88 -7.16 38.66
CA LYS A 342 21.73 -6.72 39.76
C LYS A 342 21.80 -7.77 40.87
N GLY A 343 20.65 -8.35 41.22
CA GLY A 343 20.66 -9.41 42.21
C GLY A 343 21.38 -10.66 41.73
N LEU A 344 21.11 -11.07 40.49
CA LEU A 344 21.70 -12.31 39.98
C LEU A 344 23.21 -12.23 39.89
N PHE A 345 23.74 -11.11 39.41
CA PHE A 345 25.19 -10.94 39.27
C PHE A 345 25.87 -10.50 40.56
N ASN A 346 25.22 -10.69 41.71
CA ASN A 346 25.81 -10.29 42.98
C ASN A 346 27.04 -11.14 43.28
N GLN A 347 27.95 -10.57 44.08
CA GLN A 347 29.17 -11.25 44.48
C GLN A 347 29.18 -11.69 45.94
N SER A 348 28.58 -10.91 46.84
CA SER A 348 28.62 -11.24 48.27
C SER A 348 27.89 -12.55 48.54
N PHE A 349 26.69 -12.71 47.99
CA PHE A 349 25.96 -13.97 48.03
C PHE A 349 25.88 -14.64 46.67
N GLY A 350 25.33 -13.95 45.68
CA GLY A 350 25.39 -14.41 44.30
C GLY A 350 24.48 -15.57 43.98
N GLU A 351 23.94 -15.56 42.76
CA GLU A 351 23.22 -16.69 42.21
C GLU A 351 23.94 -17.23 40.98
N ILE A 352 24.16 -16.39 39.98
CA ILE A 352 24.88 -16.79 38.77
C ILE A 352 26.30 -17.19 39.10
N ASN A 353 26.95 -16.47 40.00
CA ASN A 353 28.34 -16.78 40.34
C ASN A 353 28.47 -18.18 40.95
N MET A 354 27.57 -18.56 41.85
CA MET A 354 27.72 -19.85 42.49
C MET A 354 27.17 -20.96 41.59
N MET A 355 26.24 -20.63 40.68
CA MET A 355 25.93 -21.56 39.59
C MET A 355 27.18 -21.87 38.76
N LEU A 356 27.93 -20.82 38.39
CA LEU A 356 29.14 -21.02 37.61
C LEU A 356 30.18 -21.79 38.40
N SER A 357 30.27 -21.52 39.71
CA SER A 357 31.20 -22.27 40.55
C SER A 357 30.82 -23.75 40.60
N ALA A 358 29.53 -24.06 40.71
CA ALA A 358 29.08 -25.44 40.74
C ALA A 358 29.39 -26.14 39.42
N LEU A 359 29.14 -25.46 38.29
CA LEU A 359 29.43 -26.07 36.99
C LEU A 359 30.93 -26.27 36.79
N PHE A 360 31.72 -25.21 37.00
CA PHE A 360 33.18 -25.28 36.92
C PHE A 360 33.71 -24.10 37.72
N GLY A 361 34.37 -24.38 38.83
CA GLY A 361 34.65 -23.34 39.81
C GLY A 361 35.44 -22.15 39.31
N VAL A 362 34.74 -21.03 39.14
CA VAL A 362 35.34 -19.75 38.78
C VAL A 362 34.48 -18.65 39.38
N LYS A 363 35.11 -17.55 39.78
CA LYS A 363 34.41 -16.40 40.35
C LYS A 363 34.61 -15.20 39.42
N PRO A 364 33.63 -14.88 38.58
CA PRO A 364 33.83 -13.79 37.60
C PRO A 364 34.09 -12.43 38.22
N ALA A 365 33.54 -12.16 39.41
CA ALA A 365 33.72 -10.87 40.09
C ALA A 365 33.23 -9.71 39.20
N TRP A 366 31.92 -9.72 38.94
CA TRP A 366 31.34 -8.80 37.98
C TRP A 366 31.49 -7.35 38.44
N PHE A 367 31.12 -7.07 39.68
CA PHE A 367 31.12 -5.68 40.15
C PHE A 367 32.53 -5.18 40.43
N SER A 368 33.41 -6.04 40.94
CA SER A 368 34.74 -5.60 41.33
C SER A 368 35.61 -5.27 40.10
N ASP A 369 35.63 -6.16 39.11
CA ASP A 369 36.49 -6.01 37.94
C ASP A 369 35.81 -5.11 36.91
N PRO A 370 36.45 -4.01 36.50
CA PRO A 370 35.81 -3.14 35.49
C PRO A 370 35.53 -3.83 34.17
N THR A 371 36.41 -4.73 33.72
CA THR A 371 36.18 -5.40 32.45
C THR A 371 34.96 -6.32 32.52
N THR A 372 34.86 -7.11 33.59
CA THR A 372 33.69 -7.97 33.76
C THR A 372 32.43 -7.15 33.98
N ALA A 373 32.56 -5.98 34.63
CA ALA A 373 31.41 -5.10 34.79
C ALA A 373 30.91 -4.61 33.44
N ARG A 374 31.83 -4.19 32.57
CA ARG A 374 31.44 -3.76 31.22
C ARG A 374 30.85 -4.92 30.42
N THR A 375 31.38 -6.13 30.61
CA THR A 375 30.85 -7.29 29.89
C THR A 375 29.42 -7.61 30.34
N MET A 376 29.18 -7.65 31.65
CA MET A 376 27.83 -7.85 32.15
C MET A 376 26.91 -6.73 31.69
N LEU A 377 27.44 -5.51 31.62
CA LEU A 377 26.68 -4.36 31.16
C LEU A 377 26.22 -4.55 29.72
N ILE A 378 27.13 -4.99 28.85
CA ILE A 378 26.78 -5.26 27.46
C ILE A 378 25.75 -6.37 27.38
N ILE A 379 25.92 -7.43 28.17
CA ILE A 379 24.98 -8.54 28.16
C ILE A 379 23.58 -8.06 28.54
N VAL A 380 23.49 -7.26 29.61
CA VAL A 380 22.19 -6.79 30.08
C VAL A 380 21.56 -5.84 29.06
N ASN A 381 22.35 -4.95 28.46
CA ASN A 381 21.80 -4.05 27.46
C ASN A 381 21.28 -4.82 26.26
N THR A 382 22.03 -5.82 25.80
CA THR A 382 21.57 -6.63 24.68
C THR A 382 20.28 -7.36 25.03
N TRP A 383 20.21 -7.92 26.24
CA TRP A 383 19.01 -8.64 26.67
C TRP A 383 17.81 -7.71 26.70
N LEU A 384 17.99 -6.48 27.17
CA LEU A 384 16.90 -5.52 27.21
C LEU A 384 16.49 -5.07 25.81
N GLY A 385 17.46 -4.89 24.91
CA GLY A 385 17.18 -4.22 23.66
C GLY A 385 16.87 -5.09 22.45
N TYR A 386 17.18 -6.38 22.51
CA TYR A 386 16.97 -7.23 21.33
C TYR A 386 15.52 -7.30 20.87
N PRO A 387 14.50 -7.43 21.73
CA PRO A 387 13.13 -7.60 21.20
C PRO A 387 12.63 -6.44 20.37
N TYR A 388 13.03 -5.21 20.69
CA TYR A 388 12.57 -4.06 19.91
C TYR A 388 13.07 -4.13 18.48
N MET A 389 14.37 -4.40 18.30
CA MET A 389 14.91 -4.55 16.96
C MET A 389 14.38 -5.80 16.28
N MET A 390 14.03 -6.84 17.06
CA MET A 390 13.34 -7.98 16.49
C MET A 390 12.01 -7.55 15.89
N ILE A 391 11.25 -6.71 16.60
CA ILE A 391 9.98 -6.22 16.10
C ILE A 391 10.18 -5.41 14.82
N LEU A 392 11.18 -4.53 14.84
CA LEU A 392 11.43 -3.69 13.67
C LEU A 392 11.82 -4.54 12.46
N CYS A 393 12.68 -5.53 12.66
CA CYS A 393 13.07 -6.40 11.56
C CYS A 393 11.91 -7.27 11.08
N MET A 394 11.04 -7.70 11.99
CA MET A 394 9.85 -8.44 11.59
C MET A 394 8.95 -7.58 10.70
N GLY A 395 8.75 -6.32 11.08
CA GLY A 395 8.01 -5.41 10.23
C GLY A 395 8.65 -5.20 8.88
N LEU A 396 9.99 -5.08 8.86
CA LEU A 396 10.68 -4.86 7.59
C LEU A 396 10.63 -6.10 6.69
N LEU A 397 10.72 -7.29 7.27
CA LEU A 397 10.53 -8.50 6.48
C LEU A 397 9.10 -8.59 5.96
N LYS A 398 8.12 -8.11 6.72
CA LYS A 398 6.76 -8.02 6.17
C LYS A 398 6.73 -7.07 4.98
N ALA A 399 7.41 -5.94 5.09
CA ALA A 399 7.49 -5.01 3.96
C ALA A 399 8.18 -5.65 2.76
N ILE A 400 9.12 -6.54 3.01
CA ILE A 400 9.82 -7.25 1.93
C ILE A 400 8.83 -8.15 1.20
N PRO A 401 8.76 -8.10 -0.13
CA PRO A 401 7.86 -9.00 -0.86
C PRO A 401 8.43 -10.40 -0.94
N ASP A 402 7.55 -11.35 -1.30
CA ASP A 402 7.90 -12.76 -1.34
C ASP A 402 8.28 -13.24 -2.75
N ASP A 403 7.93 -12.49 -3.79
CA ASP A 403 8.25 -12.90 -5.16
C ASP A 403 9.76 -12.96 -5.38
N LEU A 404 10.53 -12.07 -4.74
CA LEU A 404 11.98 -12.15 -4.83
C LEU A 404 12.50 -13.46 -4.26
N TYR A 405 11.96 -13.86 -3.10
CA TYR A 405 12.33 -15.14 -2.50
C TYR A 405 11.99 -16.29 -3.44
N GLU A 406 10.80 -16.23 -4.05
CA GLU A 406 10.37 -17.30 -4.96
C GLU A 406 11.27 -17.38 -6.18
N ALA A 407 11.66 -16.24 -6.74
CA ALA A 407 12.55 -16.23 -7.90
C ALA A 407 13.92 -16.77 -7.54
N SER A 408 14.43 -16.41 -6.36
CA SER A 408 15.71 -16.98 -5.92
C SER A 408 15.61 -18.49 -5.74
N ALA A 409 14.49 -18.96 -5.20
CA ALA A 409 14.28 -20.40 -5.04
C ALA A 409 14.22 -21.10 -6.40
N MET A 410 13.60 -20.45 -7.38
CA MET A 410 13.62 -20.97 -8.75
C MET A 410 15.04 -21.09 -9.26
N ASP A 411 15.83 -20.03 -9.11
CA ASP A 411 17.23 -20.07 -9.53
C ASP A 411 18.05 -21.09 -8.77
N GLY A 412 17.61 -21.49 -7.58
CA GLY A 412 18.31 -22.49 -6.80
C GLY A 412 18.95 -21.99 -5.52
N ALA A 413 18.65 -20.77 -5.10
CA ALA A 413 19.28 -20.21 -3.90
C ALA A 413 18.79 -20.92 -2.65
N GLY A 414 19.67 -21.04 -1.67
CA GLY A 414 19.32 -21.63 -0.39
C GLY A 414 18.98 -20.58 0.65
N PRO A 415 18.77 -21.01 1.89
CA PRO A 415 18.42 -20.06 2.95
C PRO A 415 19.49 -19.01 3.21
N PHE A 416 20.75 -19.46 3.37
CA PHE A 416 21.82 -18.52 3.68
C PHE A 416 22.11 -17.59 2.51
N GLN A 417 22.10 -18.11 1.29
CA GLN A 417 22.28 -17.26 0.12
C GLN A 417 21.16 -16.24 0.02
N ASN A 418 19.92 -16.66 0.31
CA ASN A 418 18.80 -15.74 0.32
C ASN A 418 19.02 -14.64 1.35
N PHE A 419 19.41 -15.01 2.56
CA PHE A 419 19.60 -14.01 3.62
C PHE A 419 20.72 -13.04 3.27
N PHE A 420 21.79 -13.52 2.64
CA PHE A 420 22.95 -12.69 2.39
C PHE A 420 22.90 -11.90 1.10
N LYS A 421 22.03 -12.26 0.16
CA LYS A 421 21.97 -11.55 -1.11
C LYS A 421 20.58 -11.01 -1.46
N ILE A 422 19.58 -11.20 -0.60
CA ILE A 422 18.25 -10.66 -0.85
C ILE A 422 17.81 -9.84 0.36
N THR A 423 17.72 -10.50 1.52
CA THR A 423 17.17 -9.84 2.70
C THR A 423 18.11 -8.75 3.23
N LEU A 424 19.39 -9.08 3.39
CA LEU A 424 20.31 -8.12 4.01
C LEU A 424 20.48 -6.83 3.21
N PRO A 425 20.72 -6.86 1.90
CA PRO A 425 20.87 -5.57 1.18
C PRO A 425 19.64 -4.69 1.25
N LEU A 426 18.45 -5.27 1.29
CA LEU A 426 17.21 -4.51 1.32
C LEU A 426 16.77 -4.14 2.73
N LEU A 427 17.57 -4.46 3.75
CA LEU A 427 17.25 -4.12 5.13
C LEU A 427 18.17 -3.07 5.72
N ILE A 428 19.45 -3.05 5.32
CA ILE A 428 20.37 -2.05 5.87
C ILE A 428 19.98 -0.65 5.42
N LYS A 429 19.47 -0.52 4.19
CA LYS A 429 19.10 0.80 3.69
C LYS A 429 17.98 1.43 4.50
N PRO A 430 16.88 0.74 4.83
CA PRO A 430 15.90 1.30 5.77
C PRO A 430 16.25 1.10 7.24
N LEU A 431 17.35 0.42 7.55
CA LEU A 431 17.72 0.14 8.93
C LEU A 431 18.76 1.10 9.49
N THR A 432 19.50 1.79 8.62
CA THR A 432 20.51 2.73 9.10
C THR A 432 19.95 3.80 10.04
N PRO A 433 18.84 4.48 9.73
CA PRO A 433 18.30 5.44 10.71
C PRO A 433 17.93 4.80 12.03
N LEU A 434 17.38 3.57 11.99
CA LEU A 434 17.06 2.87 13.23
C LEU A 434 18.32 2.52 14.01
N MET A 435 19.39 2.12 13.31
CA MET A 435 20.65 1.87 13.97
C MET A 435 21.18 3.12 14.65
N ILE A 436 21.04 4.27 13.99
CA ILE A 436 21.53 5.53 14.56
C ILE A 436 20.70 5.91 15.79
N ALA A 437 19.38 5.76 15.71
CA ALA A 437 18.53 6.09 16.85
C ALA A 437 18.83 5.19 18.03
N SER A 438 19.00 3.89 17.79
CA SER A 438 19.38 2.98 18.87
C SER A 438 20.74 3.34 19.43
N PHE A 439 21.66 3.81 18.57
CA PHE A 439 22.96 4.27 19.06
C PHE A 439 22.80 5.43 20.03
N ALA A 440 21.94 6.39 19.69
CA ALA A 440 21.68 7.51 20.59
C ALA A 440 21.08 7.05 21.91
N PHE A 441 20.09 6.14 21.84
CA PHE A 441 19.44 5.66 23.05
C PHE A 441 20.43 4.93 23.96
N ASN A 442 21.27 4.07 23.39
CA ASN A 442 22.27 3.37 24.18
C ASN A 442 23.35 4.31 24.69
N PHE A 443 23.62 5.40 23.98
CA PHE A 443 24.50 6.44 24.51
C PHE A 443 23.89 7.07 25.76
N ASN A 444 22.60 7.37 25.75
CA ASN A 444 22.07 8.09 26.94
C ASN A 444 21.34 7.11 27.89
N ASN A 445 21.81 5.87 28.01
CA ASN A 445 21.07 4.87 28.84
C ASN A 445 21.30 5.14 30.31
N PHE A 446 20.95 6.34 30.79
CA PHE A 446 21.13 6.70 32.21
C PHE A 446 20.44 5.68 33.10
N VAL A 447 19.19 5.33 32.77
CA VAL A 447 18.44 4.50 33.70
C VAL A 447 19.14 3.18 33.94
N LEU A 448 19.61 2.53 32.86
CA LEU A 448 20.32 1.27 33.01
C LEU A 448 21.61 1.47 33.79
N ILE A 449 22.40 2.47 33.41
CA ILE A 449 23.74 2.53 34.01
C ILE A 449 23.63 2.98 35.47
N GLN A 450 22.55 3.70 35.81
CA GLN A 450 22.33 4.14 37.18
C GLN A 450 21.76 3.02 38.05
N LEU A 451 20.87 2.20 37.49
CA LEU A 451 20.28 1.13 38.29
C LEU A 451 21.26 0.01 38.52
N LEU A 452 22.02 -0.38 37.49
CA LEU A 452 22.98 -1.46 37.60
C LEU A 452 24.38 -0.86 37.66
N THR A 453 25.16 -1.27 38.66
CA THR A 453 26.52 -0.78 38.95
C THR A 453 26.65 0.72 38.66
N ASN A 454 25.88 1.51 39.40
CA ASN A 454 25.94 2.96 39.28
C ASN A 454 27.34 3.48 39.56
N GLY A 455 28.05 2.80 40.46
CA GLY A 455 29.35 3.26 40.92
C GLY A 455 30.44 2.24 40.66
N GLY A 456 30.40 1.59 39.50
CA GLY A 456 31.44 0.68 39.07
C GLY A 456 32.81 1.26 39.35
N PRO A 457 33.78 0.37 39.66
CA PRO A 457 34.99 0.79 40.40
C PRO A 457 35.53 2.16 40.01
N ASP A 458 35.69 3.02 41.01
CA ASP A 458 35.97 4.42 40.75
C ASP A 458 37.36 4.59 40.15
N ARG A 459 37.55 5.70 39.44
CA ARG A 459 38.76 5.88 38.65
C ARG A 459 39.98 6.16 39.52
N LEU A 460 39.77 6.37 40.84
CA LEU A 460 40.87 6.40 41.81
C LEU A 460 41.89 7.48 41.50
N GLY A 461 41.51 8.75 41.68
CA GLY A 461 42.35 9.86 41.29
C GLY A 461 41.62 10.94 40.54
N THR A 462 40.31 11.01 40.68
CA THR A 462 39.47 11.97 39.99
C THR A 462 38.97 13.00 40.99
N THR A 463 39.09 14.29 40.64
CA THR A 463 38.57 15.34 41.50
C THR A 463 37.06 15.23 41.64
N THR A 464 36.37 14.99 40.53
CA THR A 464 34.94 14.71 40.55
C THR A 464 34.73 13.20 40.55
N PRO A 465 33.73 12.69 41.28
CA PRO A 465 33.51 11.23 41.27
C PRO A 465 33.24 10.69 39.88
N ALA A 466 33.85 9.56 39.55
CA ALA A 466 33.71 8.97 38.23
C ALA A 466 34.14 7.51 38.28
N GLY A 467 33.35 6.64 37.65
CA GLY A 467 33.62 5.23 37.61
C GLY A 467 33.89 4.75 36.19
N TYR A 468 34.46 3.55 36.10
CA TYR A 468 34.79 2.98 34.80
C TYR A 468 33.53 2.75 33.97
N THR A 469 32.47 2.23 34.60
CA THR A 469 31.22 1.94 33.90
C THR A 469 30.25 3.10 34.13
N ASP A 470 30.67 4.29 33.66
CA ASP A 470 29.86 5.49 33.79
C ASP A 470 29.66 6.10 32.41
N LEU A 471 28.41 6.26 32.01
CA LEU A 471 28.11 7.03 30.82
C LEU A 471 28.26 8.53 31.13
N LEU A 472 28.30 9.33 30.06
CA LEU A 472 28.44 10.77 30.24
C LEU A 472 27.28 11.35 31.05
N VAL A 473 26.06 10.86 30.79
CA VAL A 473 24.89 11.35 31.51
C VAL A 473 25.06 11.11 33.00
N ASN A 474 25.54 9.92 33.39
CA ASN A 474 25.61 9.64 34.81
C ASN A 474 26.84 10.27 35.44
N TYR A 475 27.89 10.52 34.66
CA TYR A 475 28.95 11.38 35.14
C TYR A 475 28.42 12.73 35.56
N THR A 476 27.62 13.35 34.68
CA THR A 476 27.03 14.65 35.00
C THR A 476 26.08 14.56 36.18
N TYR A 477 25.29 13.48 36.25
CA TYR A 477 24.42 13.26 37.41
C TYR A 477 25.23 13.16 38.69
N ARG A 478 26.36 12.45 38.65
CA ARG A 478 27.23 12.34 39.81
C ARG A 478 27.77 13.69 40.23
N ILE A 479 28.19 14.51 39.27
CA ILE A 479 28.64 15.86 39.61
C ILE A 479 27.49 16.72 40.13
N ALA A 480 26.26 16.43 39.72
CA ALA A 480 25.13 17.29 40.05
C ALA A 480 24.56 17.02 41.45
N PHE A 481 24.20 15.77 41.72
CA PHE A 481 23.41 15.46 42.91
C PHE A 481 24.09 14.52 43.89
N GLU A 482 25.11 13.78 43.48
CA GLU A 482 25.84 12.97 44.44
C GLU A 482 26.57 13.85 45.43
N GLY A 483 26.47 13.51 46.72
CA GLY A 483 27.01 14.38 47.75
C GLY A 483 28.51 14.58 47.68
N GLY A 484 29.25 13.54 47.26
CA GLY A 484 30.70 13.65 47.20
C GLY A 484 31.21 14.51 46.07
N GLY A 485 30.35 14.86 45.12
CA GLY A 485 30.78 15.67 43.99
C GLY A 485 30.77 17.18 44.22
N GLY A 486 30.32 17.62 45.39
CA GLY A 486 30.26 19.04 45.68
C GLY A 486 29.05 19.76 45.16
N GLN A 487 28.16 19.05 44.45
CA GLN A 487 26.93 19.63 43.90
C GLN A 487 27.22 20.86 43.04
N ASP A 488 28.20 20.71 42.14
CA ASP A 488 28.57 21.80 41.23
C ASP A 488 27.66 21.74 40.01
N PHE A 489 26.52 22.43 40.12
CA PHE A 489 25.54 22.44 39.04
C PHE A 489 26.09 23.10 37.79
N GLY A 490 26.97 24.08 37.94
CA GLY A 490 27.52 24.76 36.78
C GLY A 490 28.32 23.83 35.89
N LEU A 491 29.21 23.04 36.49
CA LEU A 491 29.94 22.02 35.74
C LEU A 491 29.01 20.90 35.31
N ALA A 492 27.99 20.61 36.12
CA ALA A 492 27.09 19.49 35.86
C ALA A 492 26.26 19.68 34.60
N ALA A 493 26.23 20.88 34.02
CA ALA A 493 25.49 21.09 32.79
C ALA A 493 26.04 20.23 31.66
N ALA A 494 27.29 20.48 31.27
CA ALA A 494 27.95 19.75 30.17
C ALA A 494 27.05 19.70 28.95
N ILE A 495 26.31 20.79 28.70
CA ILE A 495 25.33 20.82 27.62
C ILE A 495 26.02 20.73 26.27
N ALA A 496 27.05 21.56 26.07
CA ALA A 496 27.69 21.74 24.76
C ALA A 496 28.50 20.53 24.33
N THR A 497 28.62 19.50 25.16
CA THR A 497 29.22 18.25 24.72
C THR A 497 28.15 17.20 24.41
N LEU A 498 27.35 16.85 25.41
CA LEU A 498 26.37 15.78 25.23
C LEU A 498 25.32 16.16 24.20
N ILE A 499 24.68 17.33 24.38
CA ILE A 499 23.60 17.67 23.47
C ILE A 499 24.15 18.07 22.10
N PHE A 500 25.43 18.39 22.01
CA PHE A 500 25.97 18.75 20.70
C PHE A 500 26.31 17.51 19.87
N LEU A 501 26.92 16.49 20.49
CA LEU A 501 27.01 15.23 19.77
C LEU A 501 25.62 14.67 19.48
N LEU A 502 24.67 14.91 20.39
CA LEU A 502 23.31 14.44 20.17
C LEU A 502 22.63 15.19 19.02
N VAL A 503 22.91 16.48 18.86
CA VAL A 503 22.32 17.22 17.74
C VAL A 503 22.98 16.83 16.42
N GLY A 504 24.27 16.51 16.44
CA GLY A 504 24.87 15.89 15.26
C GLY A 504 24.16 14.61 14.88
N ALA A 505 23.84 13.79 15.88
CA ALA A 505 23.09 12.57 15.63
C ALA A 505 21.72 12.86 15.03
N LEU A 506 21.01 13.86 15.57
CA LEU A 506 19.73 14.28 15.01
C LEU A 506 19.87 14.64 13.54
N ALA A 507 20.86 15.46 13.21
CA ALA A 507 21.02 15.88 11.83
C ALA A 507 21.28 14.68 10.92
N ILE A 508 22.10 13.74 11.39
CA ILE A 508 22.42 12.58 10.56
C ILE A 508 21.16 11.73 10.33
N VAL A 509 20.40 11.45 11.39
CA VAL A 509 19.22 10.61 11.21
C VAL A 509 18.18 11.33 10.36
N ASN A 510 18.07 12.66 10.52
CA ASN A 510 17.13 13.42 9.71
C ASN A 510 17.50 13.37 8.24
N LEU A 511 18.81 13.46 7.93
CA LEU A 511 19.24 13.31 6.55
C LEU A 511 18.93 11.92 6.03
N LYS A 512 19.12 10.89 6.86
CA LYS A 512 18.82 9.53 6.43
C LYS A 512 17.32 9.30 6.24
N ALA A 513 16.49 10.05 6.97
CA ALA A 513 15.04 9.84 6.88
C ALA A 513 14.48 10.34 5.56
N THR A 514 14.98 11.49 5.08
CA THR A 514 14.55 12.01 3.79
C THR A 514 15.10 11.19 2.64
N ARG A 515 16.01 10.26 2.91
CA ARG A 515 16.59 9.44 1.86
C ARG A 515 15.56 8.45 1.33
N MET A 516 15.39 8.44 0.01
CA MET A 516 14.46 7.55 -0.69
C MET A 516 13.07 7.54 -0.07
N ALA B 1 3.52 -23.73 0.04
CA ALA B 1 3.80 -25.16 0.04
C ALA B 1 4.75 -25.52 -1.09
N MET B 2 5.84 -24.75 -1.19
CA MET B 2 6.86 -25.02 -2.20
C MET B 2 7.49 -26.39 -1.97
N VAL B 3 7.68 -27.14 -3.04
CA VAL B 3 8.35 -28.43 -2.94
C VAL B 3 9.80 -28.19 -2.52
N GLN B 4 10.20 -28.82 -1.43
CA GLN B 4 11.48 -28.51 -0.80
C GLN B 4 12.30 -29.77 -0.62
N PRO B 5 13.63 -29.65 -0.60
CA PRO B 5 14.49 -30.83 -0.53
C PRO B 5 14.50 -31.47 0.86
N LYS B 6 15.23 -32.58 1.00
CA LYS B 6 15.33 -33.26 2.28
C LYS B 6 16.07 -32.44 3.33
N SER B 7 16.83 -31.44 2.92
CA SER B 7 17.52 -30.58 3.88
C SER B 7 16.57 -29.72 4.70
N GLN B 8 15.30 -29.64 4.30
CA GLN B 8 14.34 -28.81 5.02
C GLN B 8 14.08 -29.35 6.43
N LYS B 9 13.96 -30.67 6.57
CA LYS B 9 13.73 -31.24 7.89
C LYS B 9 14.92 -31.01 8.81
N ALA B 10 16.13 -31.11 8.27
CA ALA B 10 17.32 -30.84 9.08
C ALA B 10 17.38 -29.37 9.50
N ARG B 11 17.07 -28.47 8.57
CA ARG B 11 17.02 -27.05 8.92
C ARG B 11 15.97 -26.79 9.99
N LEU B 12 14.80 -27.42 9.89
CA LEU B 12 13.76 -27.22 10.88
C LEU B 12 14.18 -27.74 12.24
N PHE B 13 14.81 -28.91 12.29
CA PHE B 13 15.27 -29.44 13.57
C PHE B 13 16.32 -28.51 14.18
N ILE B 14 17.27 -28.04 13.37
CA ILE B 14 18.31 -27.14 13.89
C ILE B 14 17.69 -25.85 14.41
N THR B 15 16.74 -25.29 13.65
CA THR B 15 16.10 -24.05 14.06
C THR B 15 15.32 -24.24 15.36
N HIS B 16 14.58 -25.34 15.49
CA HIS B 16 13.84 -25.60 16.72
C HIS B 16 14.77 -25.74 17.90
N LEU B 17 15.87 -26.48 17.72
CA LEU B 17 16.84 -26.65 18.82
C LEU B 17 17.44 -25.30 19.21
N LEU B 18 17.86 -24.51 18.24
CA LEU B 18 18.48 -23.22 18.54
C LEU B 18 17.50 -22.29 19.25
N LEU B 19 16.25 -22.25 18.78
CA LEU B 19 15.26 -21.38 19.40
C LEU B 19 14.94 -21.84 20.82
N LEU B 20 14.85 -23.15 21.04
CA LEU B 20 14.59 -23.64 22.40
C LEU B 20 15.74 -23.28 23.34
N LEU B 21 16.98 -23.45 22.88
CA LEU B 21 18.12 -23.08 23.71
C LEU B 21 18.13 -21.59 23.99
N PHE B 22 17.86 -20.77 22.98
CA PHE B 22 17.85 -19.32 23.16
C PHE B 22 16.76 -18.89 24.13
N ILE B 23 15.56 -19.47 24.01
CA ILE B 23 14.50 -19.12 24.93
C ILE B 23 14.82 -19.57 26.34
N ALA B 24 15.48 -20.72 26.50
CA ALA B 24 15.92 -21.11 27.84
C ALA B 24 16.88 -20.09 28.41
N ALA B 25 17.84 -19.64 27.61
CA ALA B 25 18.80 -18.64 28.08
C ALA B 25 18.10 -17.33 28.43
N ILE B 26 17.11 -16.92 27.64
CA ILE B 26 16.40 -15.67 27.90
C ILE B 26 15.53 -15.78 29.14
N MET B 27 14.83 -16.90 29.32
CA MET B 27 13.91 -17.06 30.44
C MET B 27 14.60 -17.48 31.72
N PHE B 28 15.90 -17.77 31.69
CA PHE B 28 16.61 -18.06 32.94
C PHE B 28 16.47 -16.97 33.99
N PRO B 29 16.68 -15.68 33.69
CA PRO B 29 16.49 -14.66 34.76
C PRO B 29 15.07 -14.63 35.31
N LEU B 30 14.05 -14.74 34.46
CA LEU B 30 12.68 -14.63 34.94
C LEU B 30 12.28 -15.85 35.76
N LEU B 31 12.65 -17.05 35.28
CA LEU B 31 12.39 -18.25 36.08
C LEU B 31 13.15 -18.22 37.40
N MET B 32 14.36 -17.66 37.39
CA MET B 32 15.13 -17.58 38.63
C MET B 32 14.51 -16.59 39.61
N VAL B 33 13.97 -15.48 39.11
CA VAL B 33 13.32 -14.54 40.03
C VAL B 33 11.99 -15.11 40.51
N VAL B 34 11.35 -15.96 39.70
CA VAL B 34 10.12 -16.62 40.18
C VAL B 34 10.45 -17.62 41.27
N ALA B 35 11.47 -18.45 41.06
CA ALA B 35 11.84 -19.47 42.04
C ALA B 35 12.34 -18.82 43.34
N ILE B 36 13.07 -17.71 43.23
CA ILE B 36 13.57 -17.02 44.41
C ILE B 36 12.41 -16.52 45.26
N SER B 37 11.34 -16.07 44.61
CA SER B 37 10.18 -15.56 45.34
C SER B 37 9.58 -16.60 46.28
N LEU B 38 9.66 -17.88 45.91
CA LEU B 38 9.13 -18.93 46.77
C LEU B 38 10.14 -19.42 47.80
N ARG B 39 11.39 -18.98 47.72
CA ARG B 39 12.39 -19.42 48.69
C ARG B 39 12.08 -18.84 50.07
N GLN B 40 12.32 -19.65 51.11
CA GLN B 40 12.06 -19.19 52.47
C GLN B 40 12.99 -18.05 52.87
N GLY B 41 14.29 -18.22 52.66
CA GLY B 41 15.24 -17.19 53.04
C GLY B 41 15.26 -16.03 52.08
N ASN B 42 15.81 -14.90 52.55
CA ASN B 42 15.93 -13.71 51.75
C ASN B 42 17.37 -13.43 51.30
N PHE B 43 18.34 -14.17 51.83
CA PHE B 43 19.74 -14.02 51.43
C PHE B 43 20.18 -15.09 50.44
N ALA B 44 19.24 -15.89 49.92
CA ALA B 44 19.50 -16.91 48.91
C ALA B 44 20.39 -18.02 49.43
N THR B 45 21.42 -18.39 48.64
CA THR B 45 22.24 -19.56 48.90
C THR B 45 21.37 -20.81 49.11
N GLY B 46 21.84 -21.75 49.92
CA GLY B 46 21.07 -22.97 50.13
C GLY B 46 20.89 -23.73 48.83
N SER B 47 19.63 -24.02 48.51
CA SER B 47 19.27 -24.69 47.27
C SER B 47 18.84 -23.67 46.23
N LEU B 48 19.17 -23.96 44.96
CA LEU B 48 18.95 -22.98 43.90
C LEU B 48 17.46 -22.76 43.64
N TRP B 49 16.71 -23.84 43.47
CA TRP B 49 15.25 -23.76 43.31
C TRP B 49 14.60 -24.59 44.42
N PRO B 50 14.33 -23.98 45.58
CA PRO B 50 13.82 -24.76 46.70
C PRO B 50 12.49 -25.43 46.36
N GLU B 51 12.34 -26.67 46.84
CA GLU B 51 11.08 -27.38 46.64
C GLU B 51 10.00 -26.86 47.56
N GLN B 52 10.38 -26.37 48.74
CA GLN B 52 9.43 -25.82 49.68
C GLN B 52 8.76 -24.56 49.11
N ILE B 53 7.53 -24.33 49.53
CA ILE B 53 6.74 -23.18 49.11
C ILE B 53 6.40 -22.39 50.37
N SER B 54 7.21 -21.37 50.67
CA SER B 54 7.06 -20.64 51.92
C SER B 54 5.92 -19.63 51.87
N TRP B 55 5.86 -18.84 50.79
CA TRP B 55 4.86 -17.80 50.57
C TRP B 55 4.95 -16.67 51.59
N ASP B 56 5.93 -16.70 52.49
CA ASP B 56 6.03 -15.62 53.49
C ASP B 56 6.37 -14.28 52.84
N HIS B 57 7.25 -14.28 51.83
CA HIS B 57 7.59 -13.04 51.15
C HIS B 57 6.38 -12.43 50.45
N TRP B 58 5.56 -13.26 49.81
CA TRP B 58 4.38 -12.76 49.12
C TRP B 58 3.45 -12.05 50.10
N LYS B 59 3.20 -12.65 51.27
CA LYS B 59 2.33 -12.02 52.24
C LYS B 59 2.96 -10.77 52.85
N LEU B 60 4.29 -10.74 53.00
CA LEU B 60 4.96 -9.50 53.36
C LEU B 60 4.77 -8.44 52.27
N ALA B 61 4.99 -8.84 51.02
CA ALA B 61 4.82 -7.90 49.91
C ALA B 61 3.36 -7.50 49.73
N LEU B 62 2.44 -8.43 49.97
CA LEU B 62 1.02 -8.08 49.99
C LEU B 62 0.69 -7.21 51.21
N GLY B 63 1.36 -7.45 52.33
CA GLY B 63 0.98 -6.82 53.57
C GLY B 63 -0.21 -7.45 54.25
N PHE B 64 -0.66 -8.63 53.79
CA PHE B 64 -1.81 -9.28 54.40
C PHE B 64 -1.54 -9.67 55.85
N SER B 65 -0.33 -10.18 56.12
CA SER B 65 0.03 -10.62 57.46
C SER B 65 1.52 -10.41 57.66
N VAL B 66 1.93 -10.43 58.94
CA VAL B 66 3.34 -10.23 59.27
C VAL B 66 4.18 -11.50 59.11
N GLU B 67 3.55 -12.66 58.93
CA GLU B 67 4.24 -13.92 58.70
C GLU B 67 5.18 -14.26 59.84
N GLN B 68 4.56 -14.51 60.99
CA GLN B 68 5.27 -14.99 62.18
C GLN B 68 6.12 -16.21 61.84
N ALA B 69 7.44 -16.05 61.96
CA ALA B 69 8.38 -17.15 61.76
C ALA B 69 8.93 -17.66 63.08
N ASP B 70 9.43 -16.77 63.93
CA ASP B 70 9.84 -17.06 65.29
C ASP B 70 8.95 -16.25 66.23
N GLY B 71 9.33 -16.20 67.50
CA GLY B 71 8.53 -15.45 68.47
C GLY B 71 8.32 -14.01 68.05
N ARG B 72 9.36 -13.37 67.53
CA ARG B 72 9.25 -11.99 67.09
C ARG B 72 8.50 -11.89 65.77
N ILE B 73 7.54 -10.97 65.71
CA ILE B 73 6.78 -10.73 64.49
C ILE B 73 7.60 -9.87 63.53
N TRP B 74 7.36 -10.06 62.23
CA TRP B 74 8.10 -9.33 61.21
C TRP B 74 7.17 -8.33 60.52
N PRO B 75 7.27 -7.03 60.82
CA PRO B 75 6.41 -6.07 60.15
C PRO B 75 6.74 -5.99 58.68
N PRO B 76 5.79 -5.56 57.85
CA PRO B 76 6.04 -5.49 56.40
C PRO B 76 7.22 -4.59 56.10
N PRO B 77 8.06 -4.95 55.13
CA PRO B 77 9.27 -4.16 54.87
C PRO B 77 8.96 -2.77 54.34
N PHE B 78 8.16 -2.69 53.27
CA PHE B 78 7.83 -1.44 52.63
C PHE B 78 6.40 -1.49 52.14
N PRO B 79 5.73 -0.32 52.04
CA PRO B 79 4.34 -0.29 51.51
C PRO B 79 4.29 -0.36 49.98
N VAL B 80 4.35 -1.59 49.46
CA VAL B 80 4.33 -1.81 48.02
C VAL B 80 3.02 -1.35 47.42
N LEU B 81 1.91 -1.54 48.14
CA LEU B 81 0.63 -1.08 47.63
C LEU B 81 0.59 0.44 47.55
N LEU B 82 1.21 1.13 48.51
CA LEU B 82 1.34 2.58 48.41
C LEU B 82 2.18 2.98 47.21
N TRP B 83 3.28 2.27 46.97
CA TRP B 83 4.06 2.49 45.75
C TRP B 83 3.18 2.38 44.52
N LEU B 84 2.39 1.30 44.45
CA LEU B 84 1.52 1.06 43.31
C LEU B 84 0.49 2.18 43.16
N TRP B 85 -0.08 2.64 44.26
CA TRP B 85 -1.12 3.67 44.20
C TRP B 85 -0.54 4.99 43.67
N ASN B 86 0.62 5.38 44.19
CA ASN B 86 1.25 6.60 43.70
C ASN B 86 1.62 6.48 42.22
N SER B 87 2.17 5.33 41.83
CA SER B 87 2.53 5.14 40.43
C SER B 87 1.30 5.20 39.54
N VAL B 88 0.20 4.60 39.98
CA VAL B 88 -1.03 4.60 39.19
C VAL B 88 -1.57 6.01 39.02
N LYS B 89 -1.59 6.80 40.10
CA LYS B 89 -2.06 8.18 40.00
C LYS B 89 -1.21 8.97 39.01
N VAL B 90 0.12 8.89 39.17
CA VAL B 90 1.01 9.66 38.30
C VAL B 90 0.84 9.24 36.85
N ALA B 91 0.79 7.93 36.61
CA ALA B 91 0.66 7.44 35.23
C ALA B 91 -0.67 7.84 34.63
N GLY B 92 -1.75 7.77 35.40
CA GLY B 92 -3.05 8.16 34.86
C GLY B 92 -3.09 9.62 34.45
N ILE B 93 -2.61 10.51 35.33
CA ILE B 93 -2.62 11.93 35.00
C ILE B 93 -1.71 12.20 33.81
N SER B 94 -0.53 11.56 33.78
CA SER B 94 0.40 11.80 32.68
C SER B 94 -0.18 11.32 31.35
N ALA B 95 -0.83 10.15 31.34
CA ALA B 95 -1.41 9.63 30.11
C ALA B 95 -2.55 10.52 29.62
N ILE B 96 -3.41 10.96 30.54
CA ILE B 96 -4.51 11.84 30.14
C ILE B 96 -3.97 13.12 29.52
N GLY B 97 -2.97 13.72 30.18
CA GLY B 97 -2.37 14.93 29.65
C GLY B 97 -1.71 14.70 28.30
N ILE B 98 -1.00 13.58 28.15
CA ILE B 98 -0.31 13.30 26.89
C ILE B 98 -1.31 13.18 25.76
N VAL B 99 -2.39 12.44 25.98
CA VAL B 99 -3.38 12.25 24.92
C VAL B 99 -4.03 13.59 24.57
N ALA B 100 -4.45 14.34 25.59
CA ALA B 100 -5.15 15.59 25.35
C ALA B 100 -4.26 16.59 24.60
N LEU B 101 -2.98 16.65 24.96
CA LEU B 101 -2.08 17.57 24.29
C LEU B 101 -1.65 17.08 22.91
N SER B 102 -1.63 15.77 22.67
CA SER B 102 -1.06 15.24 21.44
C SER B 102 -2.06 15.06 20.30
N THR B 103 -3.35 14.86 20.60
CA THR B 103 -4.29 14.53 19.53
C THR B 103 -4.39 15.66 18.49
N THR B 104 -4.51 16.90 18.97
CA THR B 104 -4.68 18.02 18.05
C THR B 104 -3.42 18.27 17.23
N CYS B 105 -2.25 18.15 17.85
CA CYS B 105 -1.00 18.29 17.11
C CYS B 105 -0.88 17.21 16.04
N ALA B 106 -1.27 15.98 16.37
CA ALA B 106 -1.23 14.92 15.36
C ALA B 106 -2.16 15.25 14.19
N TYR B 107 -3.37 15.71 14.48
CA TYR B 107 -4.26 16.17 13.41
C TYR B 107 -3.59 17.23 12.54
N ALA B 108 -3.05 18.26 13.18
CA ALA B 108 -2.47 19.37 12.42
C ALA B 108 -1.31 18.89 11.55
N PHE B 109 -0.47 18.01 12.08
CA PHE B 109 0.70 17.57 11.35
C PHE B 109 0.35 16.58 10.23
N ALA B 110 -0.70 15.79 10.39
CA ALA B 110 -1.01 14.74 9.43
C ALA B 110 -2.03 15.19 8.38
N ARG B 111 -3.20 15.65 8.80
CA ARG B 111 -4.30 15.79 7.85
C ARG B 111 -4.28 17.13 7.14
N MET B 112 -4.39 18.22 7.88
CA MET B 112 -4.41 19.54 7.27
C MET B 112 -3.00 19.95 6.85
N ARG B 113 -2.90 21.07 6.14
CA ARG B 113 -1.63 21.57 5.65
C ARG B 113 -1.48 23.05 5.98
N PHE B 114 -0.23 23.48 6.09
CA PHE B 114 0.09 24.86 6.43
C PHE B 114 1.50 25.16 5.94
N PRO B 115 1.84 26.42 5.71
CA PRO B 115 3.14 26.75 5.11
C PRO B 115 4.35 26.24 5.89
N GLY B 116 4.28 26.26 7.22
CA GLY B 116 5.42 25.88 8.03
C GLY B 116 5.48 24.40 8.36
N LYS B 117 4.80 23.58 7.57
CA LYS B 117 4.66 22.16 7.92
C LYS B 117 6.01 21.45 7.91
N ALA B 118 6.83 21.69 6.90
CA ALA B 118 8.10 20.99 6.80
C ALA B 118 9.01 21.33 7.98
N THR B 119 9.13 22.62 8.30
CA THR B 119 9.96 23.03 9.42
C THR B 119 9.40 22.51 10.74
N LEU B 120 8.08 22.53 10.90
CA LEU B 120 7.49 22.04 12.14
C LEU B 120 7.70 20.54 12.32
N LEU B 121 7.54 19.76 11.25
CA LEU B 121 7.80 18.32 11.34
C LEU B 121 9.28 18.05 11.62
N LYS B 122 10.18 18.78 10.96
CA LYS B 122 11.60 18.56 11.20
C LYS B 122 11.95 18.89 12.65
N GLY B 123 11.42 19.99 13.18
CA GLY B 123 11.65 20.30 14.59
C GLY B 123 11.00 19.30 15.52
N MET B 124 9.86 18.74 15.11
CA MET B 124 9.21 17.71 15.89
C MET B 124 10.10 16.49 16.02
N LEU B 125 10.67 16.02 14.91
CA LEU B 125 11.62 14.91 14.98
C LEU B 125 12.83 15.29 15.84
N ILE B 126 13.36 16.50 15.61
CA ILE B 126 14.58 16.97 16.27
C ILE B 126 14.43 16.98 17.78
N PHE B 127 13.35 17.57 18.29
CA PHE B 127 13.13 17.62 19.72
C PHE B 127 12.38 16.41 20.24
N GLN B 128 12.00 15.49 19.35
CA GLN B 128 11.35 14.26 19.80
C GLN B 128 12.38 13.22 20.19
N MET B 129 13.45 13.06 19.40
CA MET B 129 14.34 11.96 19.75
C MET B 129 15.40 12.36 20.78
N PHE B 130 15.33 13.58 21.33
CA PHE B 130 16.00 13.85 22.60
C PHE B 130 15.46 12.93 23.69
N PRO B 131 16.31 12.35 24.51
CA PRO B 131 15.88 11.82 25.79
C PRO B 131 16.01 12.86 26.91
N ALA B 132 15.80 12.41 28.14
CA ALA B 132 15.93 13.26 29.33
C ALA B 132 17.41 13.43 29.68
N VAL B 133 18.09 14.15 28.79
CA VAL B 133 19.54 14.27 28.83
C VAL B 133 19.89 15.62 29.49
N LEU B 134 20.33 15.57 30.75
CA LEU B 134 20.70 16.72 31.58
C LEU B 134 19.54 17.64 31.92
N SER B 135 18.34 17.40 31.38
CA SER B 135 17.19 18.19 31.77
C SER B 135 16.85 18.01 33.24
N LEU B 136 17.41 16.99 33.89
CA LEU B 136 17.14 16.76 35.30
C LEU B 136 17.69 17.89 36.16
N VAL B 137 18.88 18.40 35.83
CA VAL B 137 19.45 19.53 36.59
C VAL B 137 18.53 20.74 36.48
N ALA B 138 18.10 21.05 35.26
CA ALA B 138 17.21 22.20 35.06
C ALA B 138 15.89 21.99 35.79
N LEU B 139 15.33 20.79 35.73
CA LEU B 139 14.08 20.52 36.42
C LEU B 139 14.25 20.67 37.93
N TYR B 140 15.36 20.17 38.48
CA TYR B 140 15.60 20.29 39.91
C TYR B 140 15.69 21.75 40.33
N ALA B 141 16.48 22.55 39.59
CA ALA B 141 16.61 23.96 39.94
C ALA B 141 15.27 24.69 39.80
N LEU B 142 14.54 24.39 38.71
CA LEU B 142 13.26 25.05 38.47
C LEU B 142 12.26 24.71 39.57
N PHE B 143 12.21 23.45 39.99
CA PHE B 143 11.26 23.06 41.03
C PHE B 143 11.68 23.61 42.39
N ASP B 144 12.99 23.72 42.64
CA ASP B 144 13.46 24.36 43.86
C ASP B 144 13.00 25.81 43.90
N ARG B 145 13.11 26.52 42.77
CA ARG B 145 12.70 27.92 42.74
C ARG B 145 11.18 28.07 42.76
N LEU B 146 10.46 27.07 42.24
CA LEU B 146 9.01 27.17 42.07
C LEU B 146 8.21 26.71 43.29
N GLY B 147 8.76 25.79 44.10
CA GLY B 147 8.00 25.22 45.20
C GLY B 147 7.55 26.27 46.20
N GLU B 148 8.35 27.31 46.39
CA GLU B 148 7.95 28.42 47.26
C GLU B 148 6.78 29.20 46.68
N TYR B 149 6.61 29.22 45.37
CA TYR B 149 5.53 29.97 44.74
C TYR B 149 4.26 29.12 44.66
N ILE B 150 4.32 27.98 43.99
CA ILE B 150 3.19 27.05 43.95
C ILE B 150 3.64 25.67 44.41
N PRO B 151 3.33 25.29 45.66
CA PRO B 151 3.84 24.01 46.18
C PRO B 151 3.37 22.78 45.43
N PHE B 152 2.16 22.79 44.86
CA PHE B 152 1.59 21.56 44.32
C PHE B 152 2.29 21.08 43.05
N ILE B 153 3.16 21.89 42.44
CA ILE B 153 4.05 21.44 41.39
C ILE B 153 5.51 21.60 41.77
N GLY B 154 5.79 21.94 43.02
CA GLY B 154 7.16 22.15 43.46
C GLY B 154 7.93 20.86 43.67
N LEU B 155 8.82 20.85 44.66
CA LEU B 155 9.67 19.70 44.91
C LEU B 155 9.00 18.74 45.89
N ASN B 156 9.41 17.48 45.81
CA ASN B 156 8.86 16.41 46.65
C ASN B 156 7.34 16.32 46.49
N THR B 157 6.86 16.54 45.26
CA THR B 157 5.44 16.50 44.98
C THR B 157 5.23 15.84 43.63
N HIS B 158 4.00 15.33 43.42
CA HIS B 158 3.66 14.71 42.15
C HIS B 158 3.57 15.72 41.01
N GLY B 159 3.44 17.01 41.32
CA GLY B 159 3.33 18.00 40.27
C GLY B 159 4.56 18.03 39.38
N GLY B 160 5.74 18.04 39.98
CA GLY B 160 6.96 17.97 39.19
C GLY B 160 7.07 16.70 38.39
N VAL B 161 6.63 15.58 38.97
CA VAL B 161 6.67 14.30 38.26
C VAL B 161 5.82 14.37 37.00
N ILE B 162 4.58 14.83 37.14
CA ILE B 162 3.69 14.89 35.98
C ILE B 162 4.20 15.90 34.96
N PHE B 163 4.74 17.03 35.43
CA PHE B 163 5.24 18.04 34.51
C PHE B 163 6.41 17.50 33.68
N ALA B 164 7.30 16.74 34.31
CA ALA B 164 8.36 16.09 33.55
C ALA B 164 7.80 15.01 32.63
N TYR B 165 6.69 14.37 33.02
CA TYR B 165 6.19 13.21 32.24
C TYR B 165 5.39 13.63 31.00
N LEU B 166 4.99 14.90 30.91
CA LEU B 166 4.10 15.31 29.79
C LEU B 166 4.90 15.43 28.49
N GLY B 167 6.23 15.30 28.54
CA GLY B 167 7.06 15.45 27.34
C GLY B 167 6.78 14.37 26.31
N GLY B 168 6.20 13.24 26.74
CA GLY B 168 5.99 12.15 25.81
C GLY B 168 5.10 12.48 24.63
N ILE B 169 4.57 13.70 24.59
CA ILE B 169 3.73 14.14 23.47
C ILE B 169 4.53 14.07 22.17
N ALA B 170 5.81 14.43 22.22
CA ALA B 170 6.65 14.36 21.02
C ALA B 170 6.73 12.94 20.50
N LEU B 171 6.78 11.95 21.38
CA LEU B 171 6.86 10.56 20.94
C LEU B 171 5.51 10.07 20.41
N HIS B 172 4.43 10.43 21.10
CA HIS B 172 3.12 9.86 20.75
C HIS B 172 2.47 10.55 19.55
N VAL B 173 2.86 11.79 19.26
CA VAL B 173 2.31 12.49 18.10
C VAL B 173 2.64 11.74 16.82
N TRP B 174 3.76 11.02 16.78
CA TRP B 174 4.13 10.30 15.56
C TRP B 174 3.24 9.08 15.34
N THR B 175 2.93 8.34 16.41
CA THR B 175 2.02 7.21 16.28
C THR B 175 0.64 7.69 15.85
N ILE B 176 0.14 8.76 16.48
CA ILE B 176 -1.19 9.23 16.13
C ILE B 176 -1.22 9.80 14.71
N LYS B 177 -0.14 10.47 14.30
CA LYS B 177 -0.05 10.97 12.93
C LYS B 177 0.02 9.83 11.92
N GLY B 178 0.72 8.75 12.25
CA GLY B 178 0.71 7.59 11.38
C GLY B 178 -0.67 7.00 11.21
N TYR B 179 -1.42 6.90 12.31
CA TYR B 179 -2.81 6.43 12.20
C TYR B 179 -3.65 7.38 11.35
N PHE B 180 -3.47 8.69 11.54
CA PHE B 180 -4.21 9.67 10.75
C PHE B 180 -3.90 9.53 9.27
N GLU B 181 -2.63 9.31 8.93
CA GLU B 181 -2.26 9.04 7.54
C GLU B 181 -2.92 7.76 7.04
N THR B 182 -3.01 6.74 7.91
CA THR B 182 -3.67 5.50 7.53
C THR B 182 -5.13 5.74 7.16
N ILE B 183 -5.82 6.60 7.91
CA ILE B 183 -7.22 6.89 7.62
C ILE B 183 -7.33 7.58 6.26
N ASP B 184 -8.42 7.28 5.53
CA ASP B 184 -8.62 7.80 4.18
C ASP B 184 -8.60 9.33 4.18
N SER B 185 -7.99 9.88 3.13
CA SER B 185 -7.74 11.32 3.07
C SER B 185 -8.89 12.10 2.44
N SER B 186 -9.91 11.42 1.92
CA SER B 186 -11.04 12.11 1.30
C SER B 186 -12.18 12.39 2.28
N LEU B 187 -12.05 11.94 3.53
CA LEU B 187 -13.15 12.07 4.49
C LEU B 187 -13.43 13.54 4.81
N GLU B 188 -12.39 14.31 5.13
CA GLU B 188 -12.57 15.71 5.44
C GLU B 188 -13.11 16.49 4.24
N GLU B 189 -12.62 16.17 3.04
CA GLU B 189 -13.11 16.84 1.84
C GLU B 189 -14.60 16.56 1.62
N ALA B 190 -15.01 15.30 1.77
CA ALA B 190 -16.42 14.97 1.64
C ALA B 190 -17.25 15.68 2.69
N ALA B 191 -16.77 15.69 3.94
CA ALA B 191 -17.50 16.37 5.01
C ALA B 191 -17.67 17.84 4.71
N ALA B 192 -16.62 18.50 4.20
CA ALA B 192 -16.74 19.89 3.79
C ALA B 192 -17.76 20.03 2.66
N LEU B 193 -17.83 19.04 1.78
CA LEU B 193 -18.84 19.07 0.72
C LEU B 193 -20.26 19.03 1.29
N ASP B 194 -20.50 18.19 2.30
CA ASP B 194 -21.85 18.15 2.87
C ASP B 194 -22.18 19.40 3.68
N GLY B 195 -21.21 20.27 3.93
CA GLY B 195 -21.44 21.51 4.66
C GLY B 195 -20.83 21.59 6.03
N ALA B 196 -19.92 20.68 6.39
CA ALA B 196 -19.33 20.67 7.72
C ALA B 196 -18.17 21.65 7.80
N THR B 197 -18.24 22.56 8.76
CA THR B 197 -17.10 23.38 9.11
C THR B 197 -15.96 22.47 9.56
N PRO B 198 -14.71 22.78 9.19
CA PRO B 198 -13.61 21.83 9.49
C PRO B 198 -13.51 21.42 10.95
N TRP B 199 -13.87 22.29 11.90
CA TRP B 199 -13.88 21.84 13.29
C TRP B 199 -14.89 20.72 13.49
N GLN B 200 -16.08 20.85 12.91
CA GLN B 200 -17.05 19.75 12.98
C GLN B 200 -16.55 18.53 12.22
N ALA B 201 -15.84 18.74 11.11
CA ALA B 201 -15.30 17.63 10.35
C ALA B 201 -14.32 16.83 11.20
N PHE B 202 -13.49 17.52 12.00
CA PHE B 202 -12.62 16.80 12.93
C PHE B 202 -13.43 16.14 14.03
N ARG B 203 -14.33 16.88 14.66
CA ARG B 203 -14.99 16.41 15.87
C ARG B 203 -15.95 15.25 15.58
N LEU B 204 -16.69 15.32 14.47
CA LEU B 204 -17.72 14.33 14.20
C LEU B 204 -17.27 13.18 13.31
N VAL B 205 -16.21 13.36 12.53
CA VAL B 205 -15.84 12.34 11.55
C VAL B 205 -14.54 11.66 11.97
N LEU B 206 -13.47 12.42 12.07
CA LEU B 206 -12.15 11.83 12.31
C LEU B 206 -11.86 11.59 13.79
N LEU B 207 -12.38 12.43 14.69
CA LEU B 207 -12.14 12.21 16.12
C LEU B 207 -12.71 10.88 16.60
N PRO B 208 -13.95 10.49 16.29
CA PRO B 208 -14.41 9.15 16.69
C PRO B 208 -13.63 8.04 16.04
N LEU B 209 -12.98 8.30 14.91
CA LEU B 209 -12.13 7.31 14.27
C LEU B 209 -10.77 7.18 14.94
N SER B 210 -10.44 8.07 15.87
CA SER B 210 -9.17 8.03 16.57
C SER B 210 -9.22 7.28 17.89
N VAL B 211 -10.37 6.72 18.26
CA VAL B 211 -10.49 6.07 19.57
C VAL B 211 -9.53 4.90 19.74
N PRO B 212 -9.37 3.98 18.79
CA PRO B 212 -8.41 2.87 19.01
C PRO B 212 -6.99 3.35 19.22
N ILE B 213 -6.48 4.24 18.36
CA ILE B 213 -5.11 4.70 18.51
C ILE B 213 -4.96 5.52 19.77
N LEU B 214 -5.99 6.28 20.16
CA LEU B 214 -5.92 7.03 21.41
C LEU B 214 -5.85 6.10 22.61
N ALA B 215 -6.62 5.01 22.59
CA ALA B 215 -6.53 4.02 23.67
C ALA B 215 -5.16 3.37 23.70
N VAL B 216 -4.61 3.04 22.54
CA VAL B 216 -3.29 2.42 22.48
C VAL B 216 -2.23 3.37 23.03
N VAL B 217 -2.32 4.66 22.66
CA VAL B 217 -1.38 5.65 23.16
C VAL B 217 -1.54 5.82 24.67
N PHE B 218 -2.78 5.82 25.16
CA PHE B 218 -3.03 5.94 26.58
C PHE B 218 -2.36 4.80 27.34
N ILE B 219 -2.53 3.56 26.85
CA ILE B 219 -1.92 2.42 27.51
C ILE B 219 -0.40 2.49 27.44
N LEU B 220 0.15 2.83 26.28
CA LEU B 220 1.60 2.88 26.11
C LEU B 220 2.23 3.91 27.04
N SER B 221 1.63 5.10 27.10
CA SER B 221 2.18 6.16 27.94
C SER B 221 1.93 5.88 29.42
N PHE B 222 0.82 5.22 29.75
CA PHE B 222 0.59 4.77 31.12
C PHE B 222 1.70 3.82 31.57
N ILE B 223 2.07 2.88 30.70
CA ILE B 223 3.15 1.95 31.03
C ILE B 223 4.48 2.69 31.15
N ALA B 224 4.77 3.58 30.20
CA ALA B 224 6.02 4.34 30.25
C ALA B 224 6.10 5.21 31.50
N ALA B 225 4.95 5.67 31.99
CA ALA B 225 4.92 6.46 33.22
C ALA B 225 5.10 5.58 34.45
N ILE B 226 4.41 4.44 34.45
CA ILE B 226 4.48 3.51 35.61
C ILE B 226 5.93 3.02 35.73
N THR B 227 6.59 2.71 34.60
CA THR B 227 7.95 2.12 34.65
C THR B 227 9.04 3.19 34.53
N GLU B 228 8.73 4.48 34.66
CA GLU B 228 9.81 5.50 34.63
C GLU B 228 10.59 5.42 35.95
N VAL B 229 11.86 5.81 35.93
CA VAL B 229 12.70 5.78 37.16
C VAL B 229 13.43 7.12 37.35
N PRO B 230 14.23 7.62 36.39
CA PRO B 230 15.08 8.81 36.66
C PRO B 230 14.47 9.98 37.42
N VAL B 231 13.42 10.59 36.86
CA VAL B 231 12.87 11.81 37.45
C VAL B 231 12.23 11.52 38.79
N ALA B 232 11.46 10.43 38.88
CA ALA B 232 10.81 10.09 40.14
C ALA B 232 11.85 9.82 41.22
N SER B 233 12.91 9.10 40.88
CA SER B 233 13.96 8.84 41.86
C SER B 233 14.65 10.13 42.28
N LEU B 234 14.93 11.02 41.34
CA LEU B 234 15.66 12.24 41.66
C LEU B 234 14.85 13.14 42.58
N LEU B 235 13.61 13.47 42.19
CA LEU B 235 12.85 14.45 42.94
C LEU B 235 11.76 13.86 43.82
N LEU B 236 11.84 12.56 44.14
CA LEU B 236 10.97 11.98 45.17
C LEU B 236 11.82 11.59 46.37
N ARG B 237 11.53 12.18 47.53
CA ARG B 237 12.36 12.02 48.71
C ARG B 237 11.62 11.46 49.90
N ASP B 238 10.37 11.88 50.12
CA ASP B 238 9.60 11.43 51.28
C ASP B 238 9.31 9.94 51.15
N VAL B 239 9.37 9.24 52.28
CA VAL B 239 9.22 7.79 52.28
C VAL B 239 7.81 7.38 51.89
N ASN B 240 6.80 8.15 52.29
CA ASN B 240 5.42 7.79 51.96
C ASN B 240 5.10 8.09 50.50
N SER B 241 5.76 9.08 49.91
CA SER B 241 5.40 9.56 48.59
C SER B 241 6.07 8.79 47.46
N TYR B 242 6.92 7.82 47.76
CA TYR B 242 7.61 7.07 46.70
C TYR B 242 6.61 6.41 45.76
N THR B 243 6.91 6.44 44.47
CA THR B 243 6.16 5.70 43.47
C THR B 243 6.83 4.35 43.28
N LEU B 244 6.41 3.61 42.26
CA LEU B 244 7.10 2.38 41.93
C LEU B 244 8.44 2.69 41.26
N ALA B 245 9.26 1.65 41.13
CA ALA B 245 10.59 1.71 40.55
C ALA B 245 11.56 2.54 41.39
N VAL B 246 11.11 3.08 42.51
CA VAL B 246 11.97 3.87 43.39
C VAL B 246 12.16 3.22 44.75
N GLY B 247 11.22 2.40 45.21
CA GLY B 247 11.42 1.64 46.43
C GLY B 247 12.05 0.29 46.15
N MET B 248 11.98 -0.11 44.87
CA MET B 248 12.66 -1.32 44.44
C MET B 248 14.16 -1.21 44.70
N GLN B 249 14.72 -0.01 44.55
CA GLN B 249 16.11 0.21 44.91
C GLN B 249 16.34 0.01 46.39
N GLN B 250 15.43 0.49 47.23
CA GLN B 250 15.56 0.29 48.67
C GLN B 250 15.40 -1.17 49.07
N TYR B 251 14.76 -1.98 48.22
CA TYR B 251 14.69 -3.41 48.50
C TYR B 251 16.08 -4.05 48.52
N LEU B 252 16.96 -3.63 47.62
CA LEU B 252 18.32 -4.15 47.54
C LEU B 252 19.29 -3.10 48.08
N ASN B 253 19.70 -3.26 49.33
CA ASN B 253 20.58 -2.31 50.00
C ASN B 253 21.68 -3.05 50.74
N PRO B 254 22.92 -2.57 50.66
CA PRO B 254 24.05 -3.33 51.24
C PRO B 254 23.90 -3.65 52.71
N GLN B 255 23.17 -2.84 53.47
CA GLN B 255 22.94 -3.17 54.87
C GLN B 255 21.98 -4.34 55.01
N ASN B 256 21.02 -4.47 54.09
CA ASN B 256 20.04 -5.56 54.13
C ASN B 256 19.57 -5.89 52.70
N TYR B 257 20.19 -6.91 52.10
CA TYR B 257 19.74 -7.42 50.81
C TYR B 257 18.56 -8.37 51.03
N LEU B 258 17.46 -8.17 50.26
CA LEU B 258 16.20 -8.90 50.49
C LEU B 258 15.70 -9.56 49.20
N TRP B 259 16.23 -10.76 48.91
CA TRP B 259 15.82 -11.46 47.69
C TRP B 259 14.34 -11.80 47.69
N GLY B 260 13.87 -12.43 48.77
CA GLY B 260 12.51 -12.94 48.74
C GLY B 260 11.46 -11.85 48.63
N ASP B 261 11.61 -10.79 49.42
CA ASP B 261 10.65 -9.70 49.36
C ASP B 261 10.76 -8.95 48.03
N PHE B 262 11.99 -8.74 47.54
CA PHE B 262 12.12 -8.09 46.24
C PHE B 262 11.45 -8.90 45.15
N ALA B 263 11.65 -10.22 45.15
CA ALA B 263 11.07 -11.06 44.11
C ALA B 263 9.56 -11.13 44.24
N ALA B 264 9.04 -11.13 45.48
CA ALA B 264 7.59 -11.10 45.66
C ALA B 264 7.01 -9.83 45.07
N ALA B 265 7.66 -8.68 45.30
CA ALA B 265 7.19 -7.44 44.68
C ALA B 265 7.32 -7.49 43.17
N ALA B 266 8.42 -8.06 42.66
CA ALA B 266 8.66 -8.09 41.22
C ALA B 266 7.60 -8.92 40.51
N VAL B 267 7.23 -10.06 41.07
CA VAL B 267 6.18 -10.87 40.46
C VAL B 267 4.80 -10.31 40.77
N MET B 268 4.65 -9.50 41.82
CA MET B 268 3.44 -8.72 41.97
C MET B 268 3.31 -7.68 40.86
N SER B 269 4.44 -7.28 40.29
CA SER B 269 4.42 -6.33 39.15
C SER B 269 4.24 -7.08 37.84
N ALA B 270 3.52 -8.22 37.86
CA ALA B 270 3.34 -9.05 36.65
C ALA B 270 2.28 -8.44 35.74
N LEU B 271 1.39 -7.60 36.29
CA LEU B 271 0.30 -7.05 35.48
C LEU B 271 0.78 -6.15 34.34
N PRO B 272 1.72 -5.22 34.55
CA PRO B 272 2.24 -4.47 33.39
C PRO B 272 2.84 -5.37 32.33
N ILE B 273 3.44 -6.51 32.71
CA ILE B 273 3.98 -7.43 31.73
C ILE B 273 2.88 -7.95 30.81
N THR B 274 1.78 -8.42 31.39
CA THR B 274 0.69 -8.93 30.57
C THR B 274 0.04 -7.83 29.76
N ILE B 275 -0.08 -6.62 30.34
CA ILE B 275 -0.69 -5.50 29.61
C ILE B 275 0.13 -5.17 28.38
N VAL B 276 1.46 -5.03 28.53
CA VAL B 276 2.30 -4.75 27.38
C VAL B 276 2.32 -5.94 26.42
N PHE B 277 2.16 -7.16 26.95
CA PHE B 277 2.14 -8.34 26.09
C PHE B 277 0.95 -8.31 25.14
N LEU B 278 -0.24 -7.96 25.65
CA LEU B 278 -1.44 -8.09 24.84
C LEU B 278 -1.99 -6.76 24.34
N LEU B 279 -2.30 -5.80 25.22
CA LEU B 279 -2.92 -4.56 24.74
C LEU B 279 -1.93 -3.70 23.97
N ALA B 280 -0.72 -3.54 24.48
CA ALA B 280 0.28 -2.72 23.80
C ALA B 280 0.65 -3.33 22.45
N GLN B 281 0.77 -4.65 22.39
CA GLN B 281 1.07 -5.32 21.13
C GLN B 281 -0.12 -5.26 20.18
N ARG B 282 -1.33 -5.11 20.72
CA ARG B 282 -2.56 -4.85 19.97
C ARG B 282 -2.86 -5.93 18.92
N TRP B 283 -2.16 -7.06 18.98
CA TRP B 283 -2.20 -8.11 17.96
C TRP B 283 -2.29 -7.54 16.56
N LEU B 284 -1.38 -6.60 16.29
CA LEU B 284 -1.13 -6.15 14.93
C LEU B 284 -0.26 -7.16 14.21
N VAL B 285 -0.46 -7.31 12.90
CA VAL B 285 0.38 -8.18 12.11
C VAL B 285 1.80 -7.61 12.19
N ASN B 286 2.68 -8.34 12.86
CA ASN B 286 3.98 -7.81 13.26
C ASN B 286 4.91 -7.60 12.07
N ALA C 1 -28.47 25.08 -13.66
CA ALA C 1 -27.49 24.05 -13.36
C ALA C 1 -26.57 23.79 -14.54
N SER C 2 -26.33 24.83 -15.33
CA SER C 2 -25.48 24.73 -16.52
C SER C 2 -24.12 25.34 -16.22
N VAL C 3 -23.14 24.48 -15.95
CA VAL C 3 -21.79 24.94 -15.65
C VAL C 3 -21.18 25.56 -16.91
N GLN C 4 -20.49 26.69 -16.74
CA GLN C 4 -20.03 27.52 -17.85
C GLN C 4 -18.57 27.93 -17.64
N LEU C 5 -17.70 26.95 -17.45
CA LEU C 5 -16.27 27.20 -17.38
C LEU C 5 -15.81 28.08 -18.53
N GLN C 6 -15.21 29.22 -18.22
CA GLN C 6 -14.82 30.20 -19.22
C GLN C 6 -13.46 30.76 -18.88
N ASN C 7 -12.48 30.52 -19.77
CA ASN C 7 -11.12 31.05 -19.64
C ASN C 7 -10.47 30.64 -18.32
N VAL C 8 -10.88 29.49 -17.77
CA VAL C 8 -10.34 29.02 -16.51
C VAL C 8 -8.95 28.43 -16.75
N THR C 9 -8.00 28.85 -15.93
CA THR C 9 -6.63 28.37 -16.03
C THR C 9 -6.15 27.94 -14.64
N LYS C 10 -5.55 26.77 -14.55
CA LYS C 10 -5.03 26.24 -13.30
C LYS C 10 -3.52 26.32 -13.31
N ALA C 11 -2.95 26.87 -12.23
CA ALA C 11 -1.50 27.00 -12.06
C ALA C 11 -1.13 26.34 -10.74
N TRP C 12 -0.84 25.04 -10.78
CA TRP C 12 -0.36 24.31 -9.61
C TRP C 12 1.09 24.74 -9.36
N GLY C 13 1.27 25.73 -8.50
CA GLY C 13 2.58 26.32 -8.32
C GLY C 13 3.01 27.08 -9.55
N GLU C 14 3.99 26.57 -10.29
CA GLU C 14 4.46 27.20 -11.51
C GLU C 14 4.09 26.43 -12.77
N VAL C 15 3.95 25.12 -12.71
CA VAL C 15 3.57 24.33 -13.88
C VAL C 15 2.07 24.48 -14.08
N VAL C 16 1.66 24.87 -15.29
CA VAL C 16 0.26 25.05 -15.63
C VAL C 16 -0.27 23.68 -16.03
N VAL C 17 -1.00 23.04 -15.11
CA VAL C 17 -1.56 21.72 -15.38
C VAL C 17 -2.82 21.79 -16.23
N SER C 18 -3.34 23.01 -16.46
CA SER C 18 -4.53 23.19 -17.28
C SER C 18 -4.44 24.56 -17.94
N LYS C 19 -4.53 24.58 -19.27
CA LYS C 19 -4.50 25.83 -20.02
C LYS C 19 -5.88 26.50 -19.94
N ASP C 20 -6.13 27.44 -20.85
CA ASP C 20 -7.38 28.20 -20.81
C ASP C 20 -8.54 27.36 -21.29
N ILE C 21 -9.09 26.51 -20.41
CA ILE C 21 -10.24 25.69 -20.76
C ILE C 21 -11.44 26.57 -20.98
N ASN C 22 -12.22 26.25 -22.03
CA ASN C 22 -13.40 27.04 -22.40
C ASN C 22 -14.49 26.05 -22.82
N LEU C 23 -15.35 25.68 -21.87
CA LEU C 23 -16.44 24.76 -22.12
C LEU C 23 -17.78 25.47 -21.91
N ASP C 24 -18.85 24.76 -22.29
CA ASP C 24 -20.20 25.26 -22.08
C ASP C 24 -21.10 24.02 -22.02
N ILE C 25 -21.50 23.66 -20.80
CA ILE C 25 -22.34 22.49 -20.56
C ILE C 25 -23.73 22.99 -20.15
N HIS C 26 -24.73 22.72 -20.98
CA HIS C 26 -26.08 23.19 -20.72
C HIS C 26 -26.74 22.37 -19.61
N GLU C 27 -28.02 22.66 -19.37
CA GLU C 27 -28.77 21.98 -18.33
C GLU C 27 -29.15 20.57 -18.75
N GLY C 28 -28.93 19.61 -17.86
CA GLY C 28 -29.31 18.22 -18.13
C GLY C 28 -28.51 17.55 -19.22
N GLU C 29 -27.19 17.74 -19.24
CA GLU C 29 -26.30 17.08 -20.19
C GLU C 29 -25.32 16.21 -19.42
N PHE C 30 -25.04 15.02 -19.95
CA PHE C 30 -24.09 14.10 -19.35
C PHE C 30 -22.77 14.21 -20.10
N VAL C 31 -21.84 14.96 -19.51
CA VAL C 31 -20.57 15.27 -20.15
C VAL C 31 -19.48 14.41 -19.53
N VAL C 32 -18.69 13.75 -20.37
CA VAL C 32 -17.64 12.85 -19.92
C VAL C 32 -16.28 13.45 -20.28
N PHE C 33 -15.35 13.39 -19.33
CA PHE C 33 -13.99 13.88 -19.50
C PHE C 33 -13.08 12.68 -19.68
N VAL C 34 -12.52 12.53 -20.88
CA VAL C 34 -11.67 11.40 -21.21
C VAL C 34 -10.29 11.92 -21.63
N GLY C 35 -9.24 11.33 -21.05
CA GLY C 35 -7.90 11.77 -21.34
C GLY C 35 -6.85 10.80 -20.84
N PRO C 36 -5.61 10.96 -21.31
CA PRO C 36 -4.54 10.04 -20.89
C PRO C 36 -3.94 10.39 -19.55
N SER C 37 -3.95 11.67 -19.17
CA SER C 37 -3.37 12.11 -17.90
C SER C 37 -4.50 12.25 -16.88
N GLY C 38 -4.52 11.35 -15.89
CA GLY C 38 -5.62 11.31 -14.95
C GLY C 38 -5.68 12.50 -14.01
N CYS C 39 -4.54 13.08 -13.65
CA CYS C 39 -4.53 14.18 -12.69
C CYS C 39 -5.28 15.39 -13.22
N GLY C 40 -5.06 15.74 -14.48
CA GLY C 40 -5.64 16.97 -15.03
C GLY C 40 -7.17 16.93 -15.03
N LYS C 41 -7.74 15.79 -15.43
CA LYS C 41 -9.19 15.67 -15.45
C LYS C 41 -9.75 15.74 -14.03
N SER C 42 -9.15 15.01 -13.10
CA SER C 42 -9.60 15.06 -11.71
C SER C 42 -9.38 16.44 -11.11
N THR C 43 -8.26 17.08 -11.46
CA THR C 43 -8.02 18.44 -10.98
C THR C 43 -9.11 19.39 -11.47
N LEU C 44 -9.47 19.30 -12.75
CA LEU C 44 -10.52 20.16 -13.30
C LEU C 44 -11.85 19.88 -12.61
N LEU C 45 -12.16 18.61 -12.36
CA LEU C 45 -13.38 18.27 -11.64
C LEU C 45 -13.37 18.85 -10.23
N ARG C 46 -12.21 18.84 -9.58
CA ARG C 46 -12.12 19.39 -8.22
C ARG C 46 -12.29 20.90 -8.22
N MET C 47 -11.71 21.60 -9.21
CA MET C 47 -11.97 23.02 -9.34
C MET C 47 -13.45 23.29 -9.61
N ILE C 48 -14.11 22.39 -10.34
CA ILE C 48 -15.55 22.52 -10.53
C ILE C 48 -16.27 22.40 -9.20
N ALA C 49 -15.88 21.41 -8.39
CA ALA C 49 -16.57 21.15 -7.13
C ALA C 49 -16.30 22.24 -6.09
N GLY C 50 -15.16 22.91 -6.19
CA GLY C 50 -14.76 23.89 -5.20
C GLY C 50 -13.65 23.45 -4.26
N LEU C 51 -13.25 22.18 -4.32
CA LEU C 51 -12.17 21.69 -3.47
C LEU C 51 -10.81 22.25 -3.86
N GLU C 52 -10.69 22.87 -5.02
CA GLU C 52 -9.42 23.41 -5.50
C GLU C 52 -9.62 24.85 -5.94
N THR C 53 -8.55 25.62 -5.84
CA THR C 53 -8.57 27.05 -6.14
C THR C 53 -8.34 27.25 -7.64
N ILE C 54 -9.08 28.19 -8.21
CA ILE C 54 -8.92 28.53 -9.62
C ILE C 54 -8.00 29.75 -9.72
N THR C 55 -6.91 29.60 -10.48
CA THR C 55 -5.92 30.67 -10.55
C THR C 55 -6.44 31.86 -11.34
N SER C 56 -7.04 31.61 -12.50
CA SER C 56 -7.59 32.67 -13.33
C SER C 56 -8.82 32.14 -14.06
N GLY C 57 -9.69 33.07 -14.46
CA GLY C 57 -10.94 32.72 -15.09
C GLY C 57 -12.08 32.73 -14.10
N ASP C 58 -13.29 32.50 -14.62
CA ASP C 58 -14.50 32.55 -13.83
C ASP C 58 -15.36 31.33 -14.10
N LEU C 59 -15.96 30.79 -13.06
CA LEU C 59 -16.82 29.62 -13.15
C LEU C 59 -18.27 30.03 -12.88
N PHE C 60 -19.20 29.44 -13.61
CA PHE C 60 -20.62 29.80 -13.55
C PHE C 60 -21.47 28.54 -13.37
N ILE C 61 -21.85 28.25 -12.12
CA ILE C 61 -22.81 27.19 -11.86
C ILE C 61 -24.21 27.74 -12.06
N GLY C 62 -24.87 27.31 -13.12
CA GLY C 62 -26.18 27.83 -13.45
C GLY C 62 -26.10 29.19 -14.10
N GLU C 63 -26.48 30.23 -13.38
CA GLU C 63 -26.39 31.60 -13.87
C GLU C 63 -25.85 32.53 -12.80
N LYS C 64 -24.93 32.02 -11.97
CA LYS C 64 -24.31 32.82 -10.92
C LYS C 64 -22.82 32.53 -10.89
N ARG C 65 -22.03 33.59 -10.68
CA ARG C 65 -20.58 33.44 -10.56
C ARG C 65 -20.26 32.65 -9.29
N MET C 66 -19.39 31.65 -9.42
CA MET C 66 -19.14 30.70 -8.34
C MET C 66 -17.65 30.45 -8.12
N ASN C 67 -16.80 31.40 -8.48
CA ASN C 67 -15.35 31.19 -8.34
C ASN C 67 -14.95 31.10 -6.88
N ASP C 68 -15.46 32.01 -6.04
CA ASP C 68 -15.06 32.09 -4.65
C ASP C 68 -16.13 31.61 -3.68
N THR C 69 -17.20 31.00 -4.18
CA THR C 69 -18.19 30.43 -3.29
C THR C 69 -17.62 29.18 -2.60
N PRO C 70 -17.82 29.03 -1.30
CA PRO C 70 -17.31 27.85 -0.59
C PRO C 70 -17.96 26.58 -1.10
N PRO C 71 -17.33 25.41 -0.90
CA PRO C 71 -17.84 24.18 -1.52
C PRO C 71 -19.26 23.82 -1.12
N ALA C 72 -19.68 24.14 0.10
CA ALA C 72 -21.00 23.72 0.56
C ALA C 72 -22.12 24.34 -0.27
N GLU C 73 -22.00 25.62 -0.59
CA GLU C 73 -23.06 26.36 -1.27
C GLU C 73 -23.00 26.26 -2.79
N ARG C 74 -22.04 25.52 -3.34
CA ARG C 74 -21.93 25.39 -4.79
C ARG C 74 -23.05 24.58 -5.40
N GLY C 75 -23.84 23.86 -4.59
CA GLY C 75 -24.90 23.03 -5.12
C GLY C 75 -24.40 21.91 -6.01
N VAL C 76 -23.29 21.28 -5.64
CA VAL C 76 -22.70 20.20 -6.42
C VAL C 76 -22.56 18.97 -5.54
N GLY C 77 -22.60 17.80 -6.17
CA GLY C 77 -22.44 16.55 -5.47
C GLY C 77 -21.39 15.67 -6.12
N MET C 78 -20.32 15.37 -5.40
CA MET C 78 -19.16 14.70 -5.97
C MET C 78 -19.06 13.29 -5.42
N VAL C 79 -18.64 12.35 -6.26
CA VAL C 79 -18.47 10.96 -5.89
C VAL C 79 -16.98 10.63 -6.00
N PHE C 80 -16.31 10.57 -4.86
CA PHE C 80 -14.87 10.38 -4.84
C PHE C 80 -14.50 8.98 -5.32
N GLN C 81 -13.21 8.82 -5.65
CA GLN C 81 -12.70 7.52 -6.08
C GLN C 81 -12.83 6.49 -4.97
N SER C 82 -12.50 6.88 -3.74
CA SER C 82 -12.63 6.01 -2.58
C SER C 82 -13.99 6.12 -1.91
N TYR C 83 -14.90 6.93 -2.49
CA TYR C 83 -16.26 7.13 -2.01
C TYR C 83 -16.29 7.88 -0.68
N ALA C 84 -15.11 8.13 -0.10
CA ALA C 84 -14.95 8.88 1.14
C ALA C 84 -15.95 8.43 2.20
N LEU C 85 -16.11 7.11 2.31
CA LEU C 85 -17.12 6.55 3.20
C LEU C 85 -16.65 6.60 4.65
N TYR C 86 -17.51 7.10 5.53
CA TYR C 86 -17.19 7.15 6.95
C TYR C 86 -17.44 5.79 7.58
N PRO C 87 -16.40 5.14 8.12
CA PRO C 87 -16.62 3.77 8.65
C PRO C 87 -17.48 3.72 9.89
N HIS C 88 -17.28 4.64 10.83
CA HIS C 88 -18.00 4.54 12.11
C HIS C 88 -19.48 4.79 11.94
N LEU C 89 -19.87 5.70 11.04
CA LEU C 89 -21.27 5.93 10.77
C LEU C 89 -21.87 4.77 9.97
N SER C 90 -23.17 4.58 10.16
CA SER C 90 -23.89 3.54 9.43
C SER C 90 -24.15 3.98 7.99
N VAL C 91 -24.78 3.10 7.22
CA VAL C 91 -25.10 3.40 5.83
C VAL C 91 -26.07 4.58 5.75
N ALA C 92 -27.12 4.55 6.58
CA ALA C 92 -28.09 5.64 6.57
C ALA C 92 -27.46 6.96 7.02
N GLU C 93 -26.58 6.89 8.03
CA GLU C 93 -25.89 8.10 8.47
C GLU C 93 -24.99 8.66 7.37
N ASN C 94 -24.28 7.78 6.66
CA ASN C 94 -23.47 8.21 5.53
C ASN C 94 -24.34 8.86 4.47
N MET C 95 -25.51 8.28 4.21
CA MET C 95 -26.39 8.78 3.17
C MET C 95 -27.07 10.09 3.52
N SER C 96 -27.26 10.37 4.82
CA SER C 96 -27.98 11.57 5.23
C SER C 96 -27.16 12.48 6.14
N PHE C 97 -25.83 12.40 6.08
CA PHE C 97 -24.99 13.35 6.81
C PHE C 97 -25.30 14.79 6.44
N GLY C 98 -25.47 15.07 5.15
CA GLY C 98 -25.74 16.43 4.72
C GLY C 98 -27.00 17.00 5.34
N LEU C 99 -28.06 16.19 5.42
CA LEU C 99 -29.28 16.63 6.07
C LEU C 99 -29.14 16.68 7.58
N LYS C 100 -28.31 15.80 8.15
CA LYS C 100 -28.14 15.78 9.60
C LYS C 100 -27.40 17.01 10.08
N LEU C 101 -26.48 17.55 9.28
CA LEU C 101 -25.71 18.71 9.70
C LEU C 101 -26.61 19.91 9.91
N ALA C 102 -27.60 20.10 9.05
CA ALA C 102 -28.51 21.25 9.12
C ALA C 102 -29.95 20.74 9.01
N GLY C 103 -30.65 20.70 10.14
CA GLY C 103 -32.07 20.40 10.15
C GLY C 103 -32.44 19.00 9.73
N ALA C 104 -32.09 18.01 10.55
CA ALA C 104 -32.50 16.64 10.27
C ALA C 104 -34.01 16.49 10.30
N LYS C 105 -34.66 17.05 11.33
CA LYS C 105 -36.11 17.11 11.46
C LYS C 105 -36.73 15.73 11.69
N LYS C 106 -35.92 14.68 11.61
CA LYS C 106 -36.32 13.30 11.86
C LYS C 106 -37.50 12.86 11.00
N GLU C 107 -37.83 13.61 9.95
CA GLU C 107 -38.82 13.17 8.97
C GLU C 107 -38.23 13.07 7.57
N VAL C 108 -37.63 14.15 7.07
CA VAL C 108 -37.04 14.12 5.73
C VAL C 108 -35.81 13.22 5.71
N ILE C 109 -35.05 13.20 6.80
CA ILE C 109 -33.81 12.42 6.86
C ILE C 109 -34.11 10.95 6.63
N ASN C 110 -35.30 10.49 7.02
CA ASN C 110 -35.71 9.11 6.76
C ASN C 110 -36.48 8.95 5.47
N GLN C 111 -37.35 9.90 5.12
CA GLN C 111 -38.13 9.78 3.89
C GLN C 111 -37.22 9.75 2.67
N ARG C 112 -36.25 10.67 2.62
CA ARG C 112 -35.34 10.73 1.48
C ARG C 112 -34.50 9.47 1.38
N VAL C 113 -33.98 8.99 2.50
CA VAL C 113 -33.10 7.81 2.46
C VAL C 113 -33.89 6.59 2.04
N ASN C 114 -35.15 6.48 2.51
CA ASN C 114 -35.99 5.36 2.09
C ASN C 114 -36.27 5.41 0.59
N GLN C 115 -36.61 6.59 0.07
CA GLN C 115 -36.90 6.70 -1.36
C GLN C 115 -35.68 6.36 -2.20
N VAL C 116 -34.52 6.92 -1.83
CA VAL C 116 -33.32 6.68 -2.63
C VAL C 116 -32.85 5.24 -2.48
N ALA C 117 -33.11 4.61 -1.33
CA ALA C 117 -32.74 3.21 -1.17
C ALA C 117 -33.64 2.31 -1.99
N GLU C 118 -34.92 2.64 -2.08
CA GLU C 118 -35.82 1.86 -2.94
C GLU C 118 -35.46 2.03 -4.41
N VAL C 119 -35.14 3.26 -4.83
CA VAL C 119 -34.75 3.48 -6.21
C VAL C 119 -33.28 3.18 -6.48
N LEU C 120 -32.56 2.71 -5.46
CA LEU C 120 -31.19 2.25 -5.62
C LEU C 120 -30.99 0.82 -5.16
N GLN C 121 -32.05 0.14 -4.71
CA GLN C 121 -31.96 -1.23 -4.21
C GLN C 121 -30.95 -1.33 -3.06
N LEU C 122 -31.22 -0.55 -2.01
CA LEU C 122 -30.34 -0.50 -0.85
C LEU C 122 -31.07 -0.57 0.49
N ALA C 123 -32.40 -0.65 0.50
CA ALA C 123 -33.15 -0.56 1.75
C ALA C 123 -32.90 -1.74 2.68
N HIS C 124 -32.60 -2.92 2.14
CA HIS C 124 -32.41 -4.10 2.97
C HIS C 124 -31.10 -4.10 3.75
N LEU C 125 -30.21 -3.14 3.50
CA LEU C 125 -28.94 -3.07 4.21
C LEU C 125 -28.60 -1.64 4.62
N LEU C 126 -29.62 -0.77 4.75
CA LEU C 126 -29.37 0.63 5.06
C LEU C 126 -28.87 0.84 6.48
N ASP C 127 -29.04 -0.15 7.37
CA ASP C 127 -28.63 -0.02 8.76
C ASP C 127 -27.32 -0.73 9.06
N ARG C 128 -26.58 -1.14 8.04
CA ARG C 128 -25.26 -1.74 8.25
C ARG C 128 -24.21 -0.64 8.23
N LYS C 129 -22.94 -1.02 8.31
CA LYS C 129 -21.81 -0.12 8.24
C LYS C 129 -21.00 -0.40 6.99
N PRO C 130 -20.25 0.59 6.48
CA PRO C 130 -19.48 0.37 5.24
C PRO C 130 -18.48 -0.76 5.32
N LYS C 131 -18.02 -1.13 6.51
CA LYS C 131 -17.07 -2.25 6.63
C LYS C 131 -17.73 -3.55 6.17
N ALA C 132 -18.99 -3.76 6.53
CA ALA C 132 -19.72 -4.97 6.13
C ALA C 132 -20.46 -4.77 4.82
N LEU C 133 -19.73 -4.34 3.79
CA LEU C 133 -20.29 -4.08 2.48
C LEU C 133 -19.42 -4.71 1.41
N SER C 134 -19.99 -4.86 0.22
CA SER C 134 -19.25 -5.24 -0.98
C SER C 134 -18.96 -3.98 -1.79
N GLY C 135 -18.20 -4.14 -2.88
CA GLY C 135 -17.82 -2.99 -3.69
C GLY C 135 -19.01 -2.29 -4.31
N GLY C 136 -19.91 -3.07 -4.93
CA GLY C 136 -21.09 -2.49 -5.53
C GLY C 136 -21.99 -1.83 -4.51
N GLN C 137 -22.16 -2.46 -3.35
CA GLN C 137 -22.95 -1.87 -2.29
C GLN C 137 -22.35 -0.55 -1.81
N ARG C 138 -21.03 -0.51 -1.64
CA ARG C 138 -20.36 0.72 -1.19
C ARG C 138 -20.56 1.84 -2.20
N GLN C 139 -20.36 1.54 -3.49
CA GLN C 139 -20.60 2.53 -4.52
C GLN C 139 -22.05 3.01 -4.49
N ARG C 140 -22.98 2.08 -4.26
CA ARG C 140 -24.39 2.45 -4.19
C ARG C 140 -24.67 3.37 -3.00
N VAL C 141 -24.00 3.13 -1.86
CA VAL C 141 -24.17 4.05 -0.74
C VAL C 141 -23.64 5.44 -1.09
N ALA C 142 -22.49 5.52 -1.76
CA ALA C 142 -21.98 6.83 -2.15
C ALA C 142 -22.96 7.54 -3.09
N ILE C 143 -23.48 6.80 -4.07
CA ILE C 143 -24.43 7.37 -5.02
C ILE C 143 -25.70 7.83 -4.31
N GLY C 144 -26.19 7.01 -3.38
CA GLY C 144 -27.38 7.38 -2.63
C GLY C 144 -27.15 8.60 -1.73
N ARG C 145 -25.94 8.72 -1.18
CA ARG C 145 -25.60 9.93 -0.44
C ARG C 145 -25.72 11.15 -1.33
N THR C 146 -25.17 11.07 -2.54
CA THR C 146 -25.28 12.19 -3.47
C THR C 146 -26.75 12.47 -3.80
N LEU C 147 -27.54 11.42 -4.02
CA LEU C 147 -28.95 11.61 -4.36
C LEU C 147 -29.72 12.25 -3.21
N VAL C 148 -29.43 11.85 -1.97
CA VAL C 148 -30.06 12.50 -0.83
C VAL C 148 -29.67 13.96 -0.77
N ALA C 149 -28.39 14.26 -1.04
CA ALA C 149 -27.96 15.65 -1.10
C ALA C 149 -28.72 16.43 -2.16
N GLU C 150 -29.10 15.78 -3.27
CA GLU C 150 -29.83 16.40 -4.37
C GLU C 150 -29.10 17.62 -4.91
N PRO C 151 -27.95 17.44 -5.55
CA PRO C 151 -27.22 18.60 -6.09
C PRO C 151 -27.74 19.01 -7.46
N SER C 152 -27.42 20.25 -7.82
CA SER C 152 -27.79 20.75 -9.15
C SER C 152 -26.99 20.04 -10.24
N VAL C 153 -25.71 19.77 -9.98
CA VAL C 153 -24.86 19.02 -10.90
C VAL C 153 -24.28 17.83 -10.15
N PHE C 154 -24.00 16.76 -10.89
CA PHE C 154 -23.48 15.52 -10.33
C PHE C 154 -22.08 15.29 -10.87
N LEU C 155 -21.09 15.34 -9.98
CA LEU C 155 -19.70 15.14 -10.36
C LEU C 155 -19.26 13.74 -9.95
N LEU C 156 -18.74 12.98 -10.92
CA LEU C 156 -18.26 11.63 -10.66
C LEU C 156 -16.82 11.51 -11.11
N ASP C 157 -15.99 10.92 -10.26
CA ASP C 157 -14.57 10.76 -10.55
C ASP C 157 -14.36 9.55 -11.47
N GLU C 158 -13.11 9.11 -11.58
CA GLU C 158 -12.75 7.91 -12.34
C GLU C 158 -12.22 6.87 -11.37
N PRO C 159 -13.10 6.15 -10.65
CA PRO C 159 -12.62 5.09 -9.76
C PRO C 159 -12.49 3.73 -10.42
N LEU C 160 -12.77 3.63 -11.71
CA LEU C 160 -12.60 2.37 -12.43
C LEU C 160 -11.15 1.89 -12.41
N SER C 161 -10.20 2.80 -12.11
CA SER C 161 -8.81 2.40 -12.01
C SER C 161 -8.60 1.36 -10.93
N ASN C 162 -9.28 1.50 -9.80
CA ASN C 162 -9.19 0.54 -8.71
C ASN C 162 -10.22 -0.58 -8.81
N LEU C 163 -11.15 -0.50 -9.75
CA LEU C 163 -12.26 -1.45 -9.82
C LEU C 163 -11.91 -2.65 -10.68
N ASP C 164 -12.76 -3.66 -10.60
CA ASP C 164 -12.67 -4.85 -11.44
C ASP C 164 -13.64 -4.73 -12.61
N ALA C 165 -13.60 -5.73 -13.50
CA ALA C 165 -14.44 -5.70 -14.70
C ALA C 165 -15.91 -5.76 -14.34
N ALA C 166 -16.31 -6.71 -13.49
CA ALA C 166 -17.71 -6.85 -13.12
C ALA C 166 -18.22 -5.61 -12.39
N LEU C 167 -17.41 -5.09 -11.47
CA LEU C 167 -17.85 -3.90 -10.72
C LEU C 167 -17.91 -2.68 -11.62
N ARG C 168 -17.02 -2.58 -12.60
CA ARG C 168 -17.12 -1.50 -13.59
C ARG C 168 -18.39 -1.63 -14.41
N VAL C 169 -18.76 -2.86 -14.81
CA VAL C 169 -20.00 -3.04 -15.55
C VAL C 169 -21.21 -2.64 -14.71
N GLN C 170 -21.21 -3.04 -13.45
CA GLN C 170 -22.31 -2.66 -12.55
C GLN C 170 -22.36 -1.15 -12.39
N MET C 171 -21.20 -0.51 -12.23
CA MET C 171 -21.12 0.94 -12.16
C MET C 171 -21.73 1.58 -13.39
N ARG C 172 -21.33 1.11 -14.57
CA ARG C 172 -21.80 1.70 -15.83
C ARG C 172 -23.30 1.53 -15.96
N ILE C 173 -23.81 0.34 -15.65
CA ILE C 173 -25.26 0.11 -15.67
C ILE C 173 -25.97 1.11 -14.78
N GLU C 174 -25.61 1.14 -13.49
CA GLU C 174 -26.35 1.96 -12.55
C GLU C 174 -26.21 3.45 -12.83
N ILE C 175 -25.07 3.93 -13.35
CA ILE C 175 -24.96 5.33 -13.68
C ILE C 175 -25.84 5.66 -14.90
N SER C 176 -25.95 4.71 -15.84
CA SER C 176 -26.87 4.90 -16.96
C SER C 176 -28.31 5.01 -16.47
N ARG C 177 -28.71 4.12 -15.55
CA ARG C 177 -30.06 4.20 -15.00
C ARG C 177 -30.27 5.50 -14.25
N LEU C 178 -29.26 5.94 -13.49
CA LEU C 178 -29.31 7.22 -12.81
C LEU C 178 -29.59 8.36 -13.78
N HIS C 179 -28.79 8.45 -14.84
CA HIS C 179 -28.92 9.56 -15.76
C HIS C 179 -30.28 9.54 -16.45
N LYS C 180 -30.73 8.36 -16.86
CA LYS C 180 -32.03 8.26 -17.52
C LYS C 180 -33.17 8.57 -16.56
N ARG C 181 -33.05 8.17 -15.29
CA ARG C 181 -34.11 8.40 -14.32
C ARG C 181 -34.24 9.88 -13.96
N LEU C 182 -33.12 10.56 -13.72
CA LEU C 182 -33.19 11.96 -13.29
C LEU C 182 -33.17 12.93 -14.46
N GLY C 183 -32.13 12.88 -15.29
CA GLY C 183 -31.99 13.86 -16.34
C GLY C 183 -31.42 15.19 -15.88
N ARG C 184 -30.65 15.20 -14.81
CA ARG C 184 -30.01 16.41 -14.30
C ARG C 184 -28.59 16.51 -14.84
N THR C 185 -28.02 17.71 -14.74
CA THR C 185 -26.66 17.93 -15.21
C THR C 185 -25.68 17.04 -14.48
N MET C 186 -24.78 16.41 -15.23
CA MET C 186 -23.84 15.44 -14.67
C MET C 186 -22.51 15.54 -15.39
N ILE C 187 -21.42 15.40 -14.65
CA ILE C 187 -20.07 15.36 -15.22
C ILE C 187 -19.42 14.04 -14.82
N TYR C 188 -18.75 13.41 -15.78
CA TYR C 188 -18.13 12.11 -15.57
C TYR C 188 -16.68 12.17 -16.03
N VAL C 189 -15.81 11.46 -15.34
CA VAL C 189 -14.38 11.42 -15.64
C VAL C 189 -13.98 9.98 -15.92
N THR C 190 -13.24 9.76 -17.00
CA THR C 190 -12.77 8.44 -17.37
C THR C 190 -11.50 8.57 -18.19
N HIS C 191 -10.78 7.46 -18.31
CA HIS C 191 -9.66 7.37 -19.24
C HIS C 191 -9.90 6.35 -20.33
N ASP C 192 -11.00 5.60 -20.27
CA ASP C 192 -11.35 4.59 -21.25
C ASP C 192 -12.30 5.22 -22.26
N GLN C 193 -11.96 5.09 -23.55
CA GLN C 193 -12.76 5.75 -24.58
C GLN C 193 -14.09 5.03 -24.81
N VAL C 194 -14.14 3.71 -24.58
CA VAL C 194 -15.37 2.97 -24.81
C VAL C 194 -16.47 3.46 -23.88
N GLU C 195 -16.13 3.73 -22.61
CA GLU C 195 -17.11 4.25 -21.67
C GLU C 195 -17.70 5.57 -22.15
N ALA C 196 -16.85 6.47 -22.62
CA ALA C 196 -17.34 7.75 -23.14
C ALA C 196 -18.22 7.54 -24.36
N MET C 197 -17.84 6.62 -25.24
CA MET C 197 -18.63 6.37 -26.43
C MET C 197 -20.01 5.80 -26.09
N THR C 198 -20.09 4.95 -25.06
CA THR C 198 -21.39 4.35 -24.76
C THR C 198 -22.26 5.28 -23.93
N LEU C 199 -21.66 6.15 -23.11
CA LEU C 199 -22.44 7.07 -22.30
C LEU C 199 -21.86 8.48 -22.41
N ALA C 200 -22.48 9.32 -23.24
CA ALA C 200 -22.13 10.72 -23.32
C ALA C 200 -23.14 11.45 -24.19
N ASP C 201 -23.54 12.64 -23.75
CA ASP C 201 -24.20 13.60 -24.61
C ASP C 201 -23.24 14.64 -25.14
N LYS C 202 -22.02 14.69 -24.61
CA LYS C 202 -20.97 15.62 -25.05
C LYS C 202 -19.67 15.14 -24.46
N ILE C 203 -18.64 15.01 -25.30
CA ILE C 203 -17.34 14.48 -24.87
C ILE C 203 -16.30 15.57 -24.98
N VAL C 204 -15.49 15.72 -23.94
CA VAL C 204 -14.42 16.70 -23.89
C VAL C 204 -13.10 15.93 -23.87
N VAL C 205 -12.37 15.96 -24.98
CA VAL C 205 -11.08 15.32 -25.07
C VAL C 205 -10.04 16.30 -24.51
N LEU C 206 -9.43 15.95 -23.40
CA LEU C 206 -8.51 16.84 -22.69
C LEU C 206 -7.08 16.36 -22.90
N ASP C 207 -6.23 17.23 -23.43
CA ASP C 207 -4.82 16.92 -23.63
C ASP C 207 -3.97 18.03 -23.03
N ALA C 208 -2.88 17.63 -22.36
CA ALA C 208 -1.87 18.55 -21.82
C ALA C 208 -2.50 19.77 -21.14
N GLY C 209 -3.64 19.56 -20.47
CA GLY C 209 -4.34 20.67 -19.87
C GLY C 209 -5.06 21.59 -20.84
N ARG C 210 -5.20 21.17 -22.10
CA ARG C 210 -5.88 21.94 -23.12
C ARG C 210 -7.05 21.14 -23.67
N VAL C 211 -8.20 21.79 -23.85
CA VAL C 211 -9.33 21.12 -24.46
C VAL C 211 -9.04 20.94 -25.95
N ALA C 212 -9.10 19.69 -26.42
CA ALA C 212 -8.83 19.41 -27.82
C ALA C 212 -10.08 19.58 -28.67
N GLN C 213 -11.14 18.85 -28.35
CA GLN C 213 -12.40 18.98 -29.07
C GLN C 213 -13.54 18.71 -28.09
N VAL C 214 -14.69 19.32 -28.38
CA VAL C 214 -15.90 19.16 -27.59
C VAL C 214 -17.04 18.86 -28.54
N GLY C 215 -17.71 17.73 -28.34
CA GLY C 215 -18.81 17.37 -29.21
C GLY C 215 -19.37 16.01 -28.84
N LYS C 216 -20.29 15.55 -29.68
CA LYS C 216 -20.91 14.26 -29.48
C LYS C 216 -19.92 13.14 -29.80
N PRO C 217 -20.15 11.93 -29.31
CA PRO C 217 -19.22 10.83 -29.59
C PRO C 217 -19.08 10.49 -31.07
N LEU C 218 -20.21 10.38 -31.77
CA LEU C 218 -20.16 10.14 -33.20
C LEU C 218 -19.55 11.32 -33.94
N GLU C 219 -19.73 12.54 -33.41
CA GLU C 219 -19.08 13.71 -33.99
C GLU C 219 -17.57 13.60 -33.89
N LEU C 220 -17.07 13.19 -32.72
CA LEU C 220 -15.63 12.99 -32.57
C LEU C 220 -15.12 11.89 -33.48
N TYR C 221 -15.88 10.80 -33.59
CA TYR C 221 -15.43 9.70 -34.44
C TYR C 221 -15.36 10.13 -35.90
N HIS C 222 -16.45 10.69 -36.43
CA HIS C 222 -16.55 10.89 -37.87
C HIS C 222 -15.78 12.12 -38.33
N TYR C 223 -15.72 13.16 -37.49
CA TYR C 223 -15.06 14.42 -37.83
C TYR C 223 -14.07 14.80 -36.74
N PRO C 224 -12.98 14.05 -36.60
CA PRO C 224 -11.98 14.41 -35.58
C PRO C 224 -11.32 15.74 -35.93
N ALA C 225 -11.15 16.59 -34.91
CA ALA C 225 -10.66 17.94 -35.15
C ALA C 225 -9.16 17.96 -35.40
N ASP C 226 -8.42 17.06 -34.75
CA ASP C 226 -6.97 17.07 -34.86
C ASP C 226 -6.43 15.66 -34.67
N ARG C 227 -5.10 15.55 -34.79
CA ARG C 227 -4.45 14.24 -34.78
C ARG C 227 -4.62 13.54 -33.44
N PHE C 228 -4.54 14.30 -32.34
CA PHE C 228 -4.61 13.69 -31.01
C PHE C 228 -5.97 13.02 -30.80
N VAL C 229 -7.06 13.76 -31.03
CA VAL C 229 -8.39 13.19 -30.84
C VAL C 229 -8.65 12.09 -31.87
N ALA C 230 -8.15 12.27 -33.10
CA ALA C 230 -8.34 11.28 -34.14
C ALA C 230 -7.73 9.94 -33.74
N GLY C 231 -6.51 9.97 -33.21
CA GLY C 231 -5.91 8.75 -32.70
C GLY C 231 -6.60 8.24 -31.45
N PHE C 232 -7.03 9.14 -30.57
CA PHE C 232 -7.60 8.73 -29.29
C PHE C 232 -8.89 7.94 -29.49
N ILE C 233 -9.77 8.41 -30.38
CA ILE C 233 -11.06 7.74 -30.57
C ILE C 233 -10.89 6.58 -31.53
N GLY C 234 -11.25 5.38 -31.08
CA GLY C 234 -11.08 4.18 -31.87
C GLY C 234 -10.00 3.26 -31.33
N SER C 235 -10.37 2.06 -30.90
CA SER C 235 -9.40 1.16 -30.30
C SER C 235 -8.26 0.78 -31.25
N PRO C 236 -8.49 0.46 -32.54
CA PRO C 236 -7.37 0.35 -33.48
C PRO C 236 -6.99 1.72 -34.00
N LYS C 237 -5.76 2.15 -33.70
CA LYS C 237 -5.32 3.48 -34.10
C LYS C 237 -5.41 3.64 -35.61
N MET C 238 -5.96 4.78 -36.03
CA MET C 238 -6.18 5.04 -37.45
C MET C 238 -4.84 4.99 -38.19
N ASN C 239 -4.85 4.33 -39.35
CA ASN C 239 -3.63 4.23 -40.14
C ASN C 239 -3.28 5.57 -40.75
N PHE C 240 -2.05 6.03 -40.50
CA PHE C 240 -1.59 7.34 -40.94
C PHE C 240 -0.63 7.16 -42.11
N LEU C 241 -0.91 7.84 -43.22
CA LEU C 241 -0.07 7.78 -44.41
C LEU C 241 0.39 9.18 -44.78
N PRO C 242 1.67 9.51 -44.67
CA PRO C 242 2.13 10.83 -45.13
C PRO C 242 1.87 11.00 -46.62
N VAL C 243 1.49 12.21 -47.01
CA VAL C 243 1.08 12.49 -48.38
C VAL C 243 1.64 13.84 -48.82
N LYS C 244 1.73 14.02 -50.14
CA LYS C 244 2.15 15.27 -50.74
C LYS C 244 1.06 15.75 -51.70
N VAL C 245 0.69 17.01 -51.56
CA VAL C 245 -0.42 17.57 -52.34
C VAL C 245 0.05 17.92 -53.74
N THR C 246 -0.75 17.52 -54.74
CA THR C 246 -0.51 17.86 -56.13
C THR C 246 -1.25 19.11 -56.57
N ALA C 247 -2.57 19.16 -56.34
CA ALA C 247 -3.36 20.33 -56.68
C ALA C 247 -4.49 20.47 -55.66
N THR C 248 -4.99 21.69 -55.52
CA THR C 248 -6.05 22.01 -54.58
C THR C 248 -7.22 22.60 -55.33
N ALA C 249 -8.41 22.06 -55.11
CA ALA C 249 -9.65 22.59 -55.68
C ALA C 249 -10.38 23.38 -54.60
N ILE C 250 -11.60 23.82 -54.92
CA ILE C 250 -12.41 24.56 -53.95
C ILE C 250 -13.16 23.64 -53.01
N ASP C 251 -13.24 22.35 -53.30
CA ASP C 251 -13.92 21.39 -52.44
C ASP C 251 -13.16 20.09 -52.24
N GLN C 252 -11.99 19.94 -52.85
CA GLN C 252 -11.23 18.71 -52.71
C GLN C 252 -9.75 19.00 -52.91
N VAL C 253 -8.92 18.11 -52.37
CA VAL C 253 -7.47 18.22 -52.45
C VAL C 253 -6.91 16.89 -52.94
N GLN C 254 -6.02 16.94 -53.92
CA GLN C 254 -5.42 15.75 -54.51
C GLN C 254 -4.04 15.54 -53.90
N VAL C 255 -3.83 14.36 -53.32
CA VAL C 255 -2.60 14.05 -52.59
C VAL C 255 -1.88 12.89 -53.27
N GLU C 256 -0.66 12.65 -52.82
CA GLU C 256 0.23 11.67 -53.44
C GLU C 256 0.52 10.53 -52.48
N LEU C 257 0.38 9.29 -52.94
CA LEU C 257 0.55 8.14 -52.00
C LEU C 257 2.03 7.72 -52.01
N PRO C 258 2.64 7.43 -50.85
CA PRO C 258 4.03 6.96 -50.80
C PRO C 258 4.22 5.72 -51.67
N MET C 259 3.13 4.99 -51.96
CA MET C 259 3.21 3.82 -52.86
C MET C 259 4.00 4.20 -54.12
N PRO C 260 4.95 3.35 -54.59
CA PRO C 260 5.79 3.67 -55.74
C PRO C 260 4.99 4.17 -56.95
N ASN C 261 3.83 3.56 -57.22
CA ASN C 261 3.02 3.95 -58.37
C ASN C 261 2.64 5.41 -58.32
N ARG C 262 2.81 6.03 -57.16
CA ARG C 262 2.53 7.45 -56.92
C ARG C 262 1.12 7.82 -57.37
N GLN C 263 0.13 7.19 -56.73
CA GLN C 263 -1.26 7.43 -57.08
C GLN C 263 -1.75 8.77 -56.51
N GLN C 264 -2.66 9.39 -57.23
CA GLN C 264 -3.29 10.64 -56.81
C GLN C 264 -4.78 10.40 -56.63
N VAL C 265 -5.32 10.84 -55.48
CA VAL C 265 -6.71 10.62 -55.12
C VAL C 265 -7.37 11.96 -54.87
N TRP C 266 -8.50 12.21 -55.53
CA TRP C 266 -9.28 13.43 -55.31
C TRP C 266 -10.24 13.23 -54.15
N LEU C 267 -9.68 13.28 -52.95
CA LEU C 267 -10.47 13.06 -51.74
C LEU C 267 -11.26 14.32 -51.40
N PRO C 268 -12.53 14.18 -50.99
CA PRO C 268 -13.29 15.36 -50.56
C PRO C 268 -12.77 15.87 -49.22
N VAL C 269 -12.66 17.19 -49.10
CA VAL C 269 -12.00 17.81 -47.95
C VAL C 269 -12.41 19.28 -47.92
N GLU C 270 -12.26 19.90 -46.75
CA GLU C 270 -12.52 21.34 -46.62
C GLU C 270 -11.76 22.14 -47.67
N SER C 271 -10.51 21.78 -47.92
CA SER C 271 -9.68 22.42 -48.95
C SER C 271 -9.52 23.91 -48.70
N ARG C 272 -9.33 24.29 -47.43
CA ARG C 272 -9.07 25.67 -47.05
C ARG C 272 -7.69 25.75 -46.40
N ASP C 273 -6.93 26.78 -46.77
CA ASP C 273 -5.57 26.96 -46.29
C ASP C 273 -4.72 25.72 -46.59
N VAL C 274 -4.61 25.39 -47.88
CA VAL C 274 -3.82 24.27 -48.35
C VAL C 274 -2.95 24.76 -49.51
N GLN C 275 -1.64 24.61 -49.38
CA GLN C 275 -0.70 25.06 -50.38
C GLN C 275 -0.08 23.87 -51.10
N VAL C 276 0.00 23.96 -52.43
CA VAL C 276 0.52 22.86 -53.24
C VAL C 276 1.99 22.63 -52.92
N GLY C 277 2.42 21.38 -53.05
CA GLY C 277 3.79 20.99 -52.78
C GLY C 277 4.10 20.74 -51.32
N ALA C 278 3.14 20.94 -50.42
CA ALA C 278 3.37 20.74 -48.99
C ALA C 278 3.26 19.26 -48.64
N ASN C 279 3.63 18.93 -47.40
CA ASN C 279 3.58 17.57 -46.89
C ASN C 279 2.55 17.49 -45.77
N MET C 280 1.61 16.56 -45.89
CA MET C 280 0.62 16.33 -44.86
C MET C 280 0.53 14.83 -44.58
N SER C 281 -0.39 14.46 -43.70
CA SER C 281 -0.60 13.08 -43.28
C SER C 281 -2.03 12.69 -43.59
N LEU C 282 -2.21 11.53 -44.21
CA LEU C 282 -3.53 11.03 -44.56
C LEU C 282 -3.90 9.88 -43.63
N GLY C 283 -5.14 9.93 -43.13
CA GLY C 283 -5.61 8.92 -42.21
C GLY C 283 -6.85 8.19 -42.67
N ILE C 284 -6.80 6.86 -42.64
CA ILE C 284 -7.94 6.02 -42.99
C ILE C 284 -8.11 4.99 -41.89
N ARG C 285 -9.35 4.80 -41.44
CA ARG C 285 -9.61 3.95 -40.31
C ARG C 285 -9.47 2.47 -40.70
N PRO C 286 -9.08 1.62 -39.74
CA PRO C 286 -9.00 0.18 -40.05
C PRO C 286 -10.32 -0.42 -40.47
N GLU C 287 -11.44 0.08 -39.95
CA GLU C 287 -12.74 -0.48 -40.28
C GLU C 287 -13.18 -0.08 -41.68
N HIS C 288 -12.83 1.14 -42.11
CA HIS C 288 -13.32 1.66 -43.38
C HIS C 288 -12.52 1.16 -44.57
N LEU C 289 -11.37 0.52 -44.36
CA LEU C 289 -10.56 0.02 -45.47
C LEU C 289 -11.31 -1.04 -46.25
N LEU C 290 -11.66 -0.73 -47.48
CA LEU C 290 -12.41 -1.64 -48.33
C LEU C 290 -11.52 -2.77 -48.85
N PRO C 291 -12.11 -3.89 -49.25
CA PRO C 291 -11.34 -4.92 -49.95
C PRO C 291 -10.82 -4.40 -51.28
N SER C 292 -9.69 -4.97 -51.72
CA SER C 292 -9.00 -4.47 -52.90
C SER C 292 -9.84 -4.60 -54.16
N ASP C 293 -10.69 -5.62 -54.25
CA ASP C 293 -11.43 -5.86 -55.49
C ASP C 293 -12.45 -4.76 -55.76
N ILE C 294 -13.11 -4.27 -54.72
CA ILE C 294 -14.16 -3.27 -54.92
C ILE C 294 -13.56 -1.90 -55.20
N ALA C 295 -12.57 -1.50 -54.40
CA ALA C 295 -12.03 -0.14 -54.51
C ALA C 295 -11.03 -0.04 -55.65
N ASP C 296 -10.98 1.14 -56.27
CA ASP C 296 -10.06 1.36 -57.38
C ASP C 296 -8.64 1.57 -56.89
N VAL C 297 -8.46 2.22 -55.75
CA VAL C 297 -7.13 2.46 -55.19
C VAL C 297 -6.78 1.31 -54.28
N ILE C 298 -5.74 0.57 -54.63
CA ILE C 298 -5.36 -0.66 -53.94
C ILE C 298 -4.01 -0.45 -53.27
N LEU C 299 -3.87 -0.96 -52.05
CA LEU C 299 -2.64 -0.85 -51.27
C LEU C 299 -2.06 -2.25 -51.11
N GLU C 300 -1.15 -2.63 -52.01
CA GLU C 300 -0.56 -3.95 -51.99
C GLU C 300 0.68 -3.98 -51.10
N GLY C 301 0.71 -4.94 -50.19
CA GLY C 301 1.84 -5.07 -49.28
C GLY C 301 1.95 -6.49 -48.78
N GLU C 302 2.95 -6.72 -47.93
CA GLU C 302 3.24 -8.03 -47.38
C GLU C 302 2.63 -8.15 -45.99
N VAL C 303 1.95 -9.26 -45.73
CA VAL C 303 1.25 -9.47 -44.46
C VAL C 303 2.26 -9.83 -43.39
N GLN C 304 2.19 -9.14 -42.25
CA GLN C 304 3.03 -9.45 -41.10
C GLN C 304 2.27 -10.21 -40.02
N VAL C 305 1.14 -9.68 -39.56
CA VAL C 305 0.37 -10.29 -38.48
C VAL C 305 -1.07 -10.51 -38.95
N VAL C 306 -1.55 -11.74 -38.79
CA VAL C 306 -2.96 -12.06 -39.00
C VAL C 306 -3.51 -12.50 -37.64
N GLU C 307 -4.41 -11.71 -37.08
CA GLU C 307 -4.98 -11.98 -35.77
C GLU C 307 -6.47 -12.33 -35.93
N GLN C 308 -6.77 -13.62 -35.89
CA GLN C 308 -8.14 -14.09 -36.04
C GLN C 308 -8.84 -14.01 -34.69
N LEU C 309 -9.78 -13.07 -34.57
CA LEU C 309 -10.56 -12.90 -33.34
C LEU C 309 -11.95 -13.51 -33.43
N GLY C 310 -12.23 -14.28 -34.49
CA GLY C 310 -13.52 -14.88 -34.65
C GLY C 310 -14.50 -13.99 -35.41
N ASN C 311 -14.94 -12.91 -34.76
CA ASN C 311 -15.84 -11.98 -35.44
C ASN C 311 -15.09 -11.15 -36.48
N GLU C 312 -13.83 -10.85 -36.23
CA GLU C 312 -13.02 -10.04 -37.13
C GLU C 312 -11.59 -10.54 -37.13
N THR C 313 -10.86 -10.19 -38.19
CA THR C 313 -9.45 -10.53 -38.33
C THR C 313 -8.65 -9.26 -38.58
N GLN C 314 -7.73 -8.95 -37.67
CA GLN C 314 -6.92 -7.75 -37.75
C GLN C 314 -5.70 -8.08 -38.61
N ILE C 315 -5.84 -7.90 -39.91
CA ILE C 315 -4.73 -8.14 -40.83
C ILE C 315 -3.80 -6.94 -40.83
N HIS C 316 -2.56 -7.14 -40.37
CA HIS C 316 -1.54 -6.10 -40.41
C HIS C 316 -0.77 -6.24 -41.71
N ILE C 317 -0.79 -5.22 -42.54
CA ILE C 317 -0.12 -5.22 -43.83
C ILE C 317 0.96 -4.15 -43.81
N GLN C 318 2.21 -4.56 -44.03
CA GLN C 318 3.33 -3.65 -44.08
C GLN C 318 3.46 -3.13 -45.51
N ILE C 319 2.92 -1.95 -45.76
CA ILE C 319 2.92 -1.41 -47.12
C ILE C 319 4.34 -0.99 -47.50
N PRO C 320 4.85 -1.39 -48.66
CA PRO C 320 6.20 -0.96 -49.07
C PRO C 320 6.29 0.55 -49.17
N SER C 321 7.46 1.07 -48.82
CA SER C 321 7.75 2.51 -48.76
C SER C 321 6.98 3.23 -47.66
N ILE C 322 6.35 2.47 -46.76
CA ILE C 322 5.64 3.03 -45.61
C ILE C 322 6.03 2.21 -44.39
N ARG C 323 6.47 2.88 -43.33
CA ARG C 323 6.97 2.19 -42.16
C ARG C 323 5.84 1.47 -41.41
N GLN C 324 4.65 2.07 -41.38
CA GLN C 324 3.57 1.54 -40.57
C GLN C 324 2.93 0.32 -41.22
N ASN C 325 2.61 -0.67 -40.40
CA ASN C 325 1.81 -1.82 -40.83
C ASN C 325 0.35 -1.43 -40.66
N LEU C 326 -0.37 -1.27 -41.78
CA LEU C 326 -1.72 -0.75 -41.74
C LEU C 326 -2.68 -1.83 -41.24
N VAL C 327 -3.42 -1.51 -40.19
CA VAL C 327 -4.38 -2.45 -39.62
C VAL C 327 -5.63 -2.48 -40.50
N TYR C 328 -6.02 -3.68 -40.91
CA TYR C 328 -7.20 -3.88 -41.75
C TYR C 328 -8.12 -4.89 -41.07
N ARG C 329 -9.37 -4.49 -40.85
CA ARG C 329 -10.36 -5.32 -40.19
C ARG C 329 -11.44 -5.73 -41.18
N GLN C 330 -11.85 -7.00 -41.10
CA GLN C 330 -12.91 -7.52 -41.94
C GLN C 330 -13.78 -8.46 -41.11
N ASN C 331 -15.09 -8.42 -41.36
CA ASN C 331 -16.01 -9.28 -40.65
C ASN C 331 -15.84 -10.74 -41.09
N ASP C 332 -16.35 -11.64 -40.27
CA ASP C 332 -16.16 -13.08 -40.42
C ASP C 332 -14.65 -13.36 -40.32
N VAL C 333 -14.17 -14.41 -40.97
CA VAL C 333 -12.77 -14.80 -40.93
C VAL C 333 -12.24 -14.90 -42.34
N VAL C 334 -10.97 -14.52 -42.52
CA VAL C 334 -10.27 -14.62 -43.80
C VAL C 334 -8.97 -15.35 -43.57
N LEU C 335 -8.76 -16.44 -44.31
CA LEU C 335 -7.56 -17.27 -44.14
C LEU C 335 -6.42 -16.64 -44.91
N VAL C 336 -5.56 -15.90 -44.20
CA VAL C 336 -4.37 -15.30 -44.77
C VAL C 336 -3.16 -15.76 -43.98
N GLU C 337 -2.16 -16.30 -44.68
CA GLU C 337 -0.95 -16.80 -44.07
C GLU C 337 0.04 -15.66 -43.84
N GLU C 338 0.73 -15.69 -42.71
CA GLU C 338 1.74 -14.68 -42.42
C GLU C 338 2.87 -14.77 -43.43
N GLY C 339 3.38 -13.60 -43.84
CA GLY C 339 4.44 -13.52 -44.81
C GLY C 339 3.98 -13.46 -46.25
N ALA C 340 2.69 -13.65 -46.52
CA ALA C 340 2.16 -13.57 -47.87
C ALA C 340 1.82 -12.12 -48.22
N THR C 341 1.32 -11.92 -49.43
CA THR C 341 0.98 -10.60 -49.93
C THR C 341 -0.53 -10.49 -50.07
N PHE C 342 -1.10 -9.46 -49.44
CA PHE C 342 -2.54 -9.22 -49.47
C PHE C 342 -2.79 -7.77 -49.83
N ALA C 343 -3.81 -7.54 -50.66
CA ALA C 343 -4.14 -6.23 -51.16
C ALA C 343 -5.45 -5.74 -50.57
N ILE C 344 -5.50 -4.44 -50.27
CA ILE C 344 -6.68 -3.80 -49.70
C ILE C 344 -6.98 -2.53 -50.47
N GLY C 345 -8.23 -2.08 -50.38
CA GLY C 345 -8.69 -0.89 -51.07
C GLY C 345 -8.78 0.32 -50.17
N LEU C 346 -8.63 1.50 -50.76
CA LEU C 346 -8.69 2.78 -50.05
C LEU C 346 -9.87 3.60 -50.54
N PRO C 347 -10.95 3.69 -49.76
CA PRO C 347 -12.09 4.53 -50.17
C PRO C 347 -11.77 6.00 -49.99
N PRO C 348 -11.92 6.81 -51.04
CA PRO C 348 -11.61 8.24 -50.92
C PRO C 348 -12.48 8.98 -49.91
N GLU C 349 -13.73 8.55 -49.74
CA GLU C 349 -14.67 9.31 -48.92
C GLU C 349 -14.35 9.24 -47.42
N ARG C 350 -13.55 8.26 -46.99
CA ARG C 350 -13.26 8.08 -45.57
C ARG C 350 -11.87 8.53 -45.18
N CYS C 351 -11.14 9.18 -46.07
CA CYS C 351 -9.81 9.66 -45.73
C CYS C 351 -9.92 10.99 -44.96
N HIS C 352 -9.25 11.04 -43.81
CA HIS C 352 -9.19 12.25 -42.99
C HIS C 352 -7.84 12.90 -43.24
N LEU C 353 -7.83 14.00 -43.98
CA LEU C 353 -6.60 14.71 -44.28
C LEU C 353 -6.22 15.61 -43.11
N PHE C 354 -4.93 15.60 -42.76
CA PHE C 354 -4.44 16.30 -41.57
C PHE C 354 -3.31 17.24 -41.96
N ARG C 355 -3.39 18.47 -41.50
CA ARG C 355 -2.36 19.45 -41.81
C ARG C 355 -1.04 19.07 -41.13
N GLU C 356 0.02 19.79 -41.50
CA GLU C 356 1.33 19.52 -40.93
C GLU C 356 1.35 19.82 -39.43
N ASP C 357 0.68 20.89 -39.02
CA ASP C 357 0.64 21.23 -37.59
C ASP C 357 -0.10 20.18 -36.78
N GLY C 358 -1.22 19.69 -37.30
CA GLY C 358 -2.01 18.70 -36.59
C GLY C 358 -3.50 18.88 -36.75
N THR C 359 -3.93 20.09 -37.12
CA THR C 359 -5.35 20.34 -37.34
C THR C 359 -5.84 19.56 -38.55
N ALA C 360 -7.07 19.06 -38.45
CA ALA C 360 -7.68 18.28 -39.51
C ALA C 360 -8.70 19.13 -40.26
N CYS C 361 -8.63 19.09 -41.59
CA CYS C 361 -9.59 19.81 -42.40
C CYS C 361 -10.95 19.14 -42.33
N ARG C 362 -12.00 19.94 -42.26
CA ARG C 362 -13.35 19.40 -42.14
C ARG C 362 -13.70 18.55 -43.35
N ARG C 363 -14.29 17.38 -43.10
CA ARG C 363 -14.64 16.46 -44.18
C ARG C 363 -16.00 16.88 -44.74
N LEU C 364 -16.01 17.22 -46.03
CA LEU C 364 -17.25 17.67 -46.67
C LEU C 364 -18.21 16.52 -46.92
N HIS C 365 -17.78 15.28 -46.74
CA HIS C 365 -18.64 14.12 -46.98
C HIS C 365 -19.61 13.96 -45.81
N LYS C 366 -20.90 13.93 -46.11
CA LYS C 366 -21.91 13.73 -45.09
C LYS C 366 -21.83 12.30 -44.56
N GLU C 367 -22.11 12.14 -43.28
CA GLU C 367 -22.03 10.82 -42.65
C GLU C 367 -23.24 10.58 -41.76
N PRO C 368 -23.86 9.40 -41.85
CA PRO C 368 -25.03 9.11 -41.03
C PRO C 368 -24.66 9.01 -39.56
N GLY C 369 -25.63 9.35 -38.70
CA GLY C 369 -25.47 9.29 -37.27
C GLY C 369 -24.92 10.54 -36.63
N VAL C 370 -24.33 11.45 -37.42
CA VAL C 370 -23.77 12.67 -36.85
C VAL C 370 -24.84 13.70 -36.56
N ALA C 371 -25.96 13.67 -37.30
CA ALA C 371 -27.06 14.63 -37.13
C ALA C 371 -26.57 16.08 -37.23
N ALA D 1 10.62 -29.74 -21.87
CA ALA D 1 10.12 -30.01 -23.21
C ALA D 1 8.61 -30.13 -23.22
N SER D 2 8.11 -31.36 -23.25
CA SER D 2 6.67 -31.62 -23.26
C SER D 2 6.18 -31.74 -21.83
N VAL D 3 5.25 -30.85 -21.45
CA VAL D 3 4.62 -30.90 -20.14
C VAL D 3 3.30 -31.64 -20.27
N GLN D 4 3.10 -32.64 -19.42
CA GLN D 4 1.89 -33.45 -19.42
C GLN D 4 1.36 -33.55 -17.99
N LEU D 5 0.05 -33.48 -17.85
CA LEU D 5 -0.60 -33.52 -16.54
C LEU D 5 -1.62 -34.65 -16.53
N GLN D 6 -1.50 -35.55 -15.56
CA GLN D 6 -2.36 -36.73 -15.48
C GLN D 6 -3.02 -36.76 -14.11
N ASN D 7 -4.34 -36.53 -14.09
CA ASN D 7 -5.15 -36.61 -12.87
C ASN D 7 -4.59 -35.71 -11.77
N VAL D 8 -4.17 -34.52 -12.15
CA VAL D 8 -3.65 -33.56 -11.18
C VAL D 8 -4.79 -33.01 -10.35
N THR D 9 -4.67 -33.14 -9.02
CA THR D 9 -5.67 -32.64 -8.09
C THR D 9 -4.94 -31.87 -6.99
N LYS D 10 -5.48 -30.71 -6.62
CA LYS D 10 -4.92 -29.87 -5.58
C LYS D 10 -5.97 -29.67 -4.49
N ALA D 11 -5.57 -29.83 -3.24
CA ALA D 11 -6.48 -29.75 -2.11
C ALA D 11 -5.91 -28.80 -1.07
N TRP D 12 -6.53 -27.63 -0.93
CA TRP D 12 -6.15 -26.67 0.11
C TRP D 12 -6.92 -27.01 1.40
N GLY D 13 -6.75 -28.25 1.83
CA GLY D 13 -7.48 -28.76 2.98
C GLY D 13 -8.85 -29.27 2.62
N GLU D 14 -9.90 -28.54 3.02
CA GLU D 14 -11.26 -28.97 2.70
C GLU D 14 -11.60 -28.72 1.24
N VAL D 15 -11.16 -27.59 0.69
CA VAL D 15 -11.50 -27.22 -0.67
C VAL D 15 -10.53 -27.87 -1.66
N VAL D 16 -11.07 -28.29 -2.80
CA VAL D 16 -10.29 -28.84 -3.89
C VAL D 16 -10.34 -27.82 -5.02
N VAL D 17 -9.28 -27.01 -5.14
CA VAL D 17 -9.27 -25.94 -6.12
C VAL D 17 -9.33 -26.50 -7.54
N SER D 18 -8.49 -27.48 -7.84
CA SER D 18 -8.46 -28.12 -9.15
C SER D 18 -8.53 -29.63 -8.96
N LYS D 19 -9.33 -30.29 -9.81
CA LYS D 19 -9.59 -31.72 -9.68
C LYS D 19 -9.26 -32.43 -10.98
N ASP D 20 -8.49 -33.52 -10.89
CA ASP D 20 -8.22 -34.50 -11.93
C ASP D 20 -8.17 -33.93 -13.34
N ILE D 21 -7.41 -32.86 -13.52
CA ILE D 21 -7.29 -32.23 -14.83
C ILE D 21 -6.30 -33.03 -15.67
N ASN D 22 -6.49 -33.02 -16.99
CA ASN D 22 -5.62 -33.72 -17.92
C ASN D 22 -5.26 -32.77 -19.05
N LEU D 23 -3.96 -32.63 -19.33
CA LEU D 23 -3.46 -31.82 -20.43
C LEU D 23 -2.34 -32.56 -21.13
N ASP D 24 -2.19 -32.29 -22.43
CA ASP D 24 -1.10 -32.87 -23.22
C ASP D 24 -0.54 -31.74 -24.09
N ILE D 25 0.45 -31.04 -23.56
CA ILE D 25 1.11 -29.95 -24.27
C ILE D 25 2.34 -30.54 -24.95
N HIS D 26 2.28 -30.65 -26.27
CA HIS D 26 3.42 -31.15 -27.02
C HIS D 26 4.51 -30.08 -27.11
N GLU D 27 5.68 -30.50 -27.55
CA GLU D 27 6.84 -29.61 -27.57
C GLU D 27 6.60 -28.44 -28.52
N GLY D 28 6.91 -27.23 -28.04
CA GLY D 28 6.82 -26.03 -28.85
C GLY D 28 5.47 -25.35 -28.84
N GLU D 29 4.47 -25.95 -28.23
CA GLU D 29 3.11 -25.42 -28.32
C GLU D 29 2.92 -24.23 -27.37
N PHE D 30 2.22 -23.20 -27.86
CA PHE D 30 1.86 -22.04 -27.06
C PHE D 30 0.46 -22.28 -26.51
N VAL D 31 0.37 -22.53 -25.21
CA VAL D 31 -0.90 -22.88 -24.57
C VAL D 31 -1.22 -21.81 -23.54
N VAL D 32 -2.44 -21.28 -23.60
CA VAL D 32 -2.89 -20.25 -22.67
C VAL D 32 -3.95 -20.86 -21.75
N PHE D 33 -3.94 -20.42 -20.50
CA PHE D 33 -4.92 -20.86 -19.51
C PHE D 33 -5.84 -19.69 -19.19
N VAL D 34 -7.13 -19.87 -19.45
CA VAL D 34 -8.11 -18.81 -19.28
C VAL D 34 -9.25 -19.31 -18.41
N GLY D 35 -9.97 -18.35 -17.83
CA GLY D 35 -11.07 -18.63 -16.94
C GLY D 35 -11.49 -17.38 -16.20
N PRO D 36 -12.39 -17.53 -15.23
CA PRO D 36 -12.78 -16.37 -14.41
C PRO D 36 -11.64 -15.93 -13.49
N SER D 37 -11.90 -14.93 -12.64
CA SER D 37 -10.88 -14.37 -11.77
C SER D 37 -10.37 -15.35 -10.72
N GLY D 38 -10.90 -16.57 -10.68
CA GLY D 38 -10.41 -17.53 -9.70
C GLY D 38 -8.94 -17.84 -9.89
N CYS D 39 -8.24 -17.99 -8.76
CA CYS D 39 -6.79 -18.24 -8.73
C CYS D 39 -6.43 -19.65 -9.15
N GLY D 40 -7.39 -20.44 -9.63
CA GLY D 40 -7.07 -21.80 -10.05
C GLY D 40 -6.04 -21.85 -11.16
N LYS D 41 -6.13 -20.93 -12.11
CA LYS D 41 -5.16 -20.89 -13.21
C LYS D 41 -3.76 -20.56 -12.69
N SER D 42 -3.66 -19.54 -11.84
CA SER D 42 -2.36 -19.17 -11.29
C SER D 42 -1.79 -20.29 -10.44
N THR D 43 -2.64 -20.93 -9.63
CA THR D 43 -2.17 -22.05 -8.81
C THR D 43 -1.72 -23.21 -9.69
N LEU D 44 -2.40 -23.42 -10.83
CA LEU D 44 -1.99 -24.45 -11.77
C LEU D 44 -0.61 -24.16 -12.35
N LEU D 45 -0.40 -22.93 -12.81
CA LEU D 45 0.93 -22.56 -13.31
C LEU D 45 1.97 -22.73 -12.22
N ARG D 46 1.59 -22.42 -10.98
CA ARG D 46 2.53 -22.53 -9.86
C ARG D 46 2.91 -23.98 -9.59
N MET D 47 1.94 -24.89 -9.58
CA MET D 47 2.29 -26.30 -9.36
C MET D 47 3.09 -26.84 -10.53
N ILE D 48 2.84 -26.34 -11.74
CA ILE D 48 3.65 -26.74 -12.88
C ILE D 48 5.09 -26.29 -12.68
N ALA D 49 5.28 -25.06 -12.21
CA ALA D 49 6.62 -24.56 -11.93
C ALA D 49 7.25 -25.22 -10.70
N GLY D 50 6.46 -25.87 -9.86
CA GLY D 50 6.94 -26.46 -8.64
C GLY D 50 6.78 -25.62 -7.40
N LEU D 51 6.15 -24.45 -7.51
CA LEU D 51 5.97 -23.54 -6.39
C LEU D 51 4.88 -23.99 -5.43
N GLU D 52 3.99 -24.87 -5.86
CA GLU D 52 2.97 -25.43 -4.99
C GLU D 52 2.98 -26.94 -5.14
N THR D 53 2.84 -27.65 -4.02
CA THR D 53 2.83 -29.10 -4.05
C THR D 53 1.58 -29.61 -4.76
N ILE D 54 1.77 -30.55 -5.68
CA ILE D 54 0.65 -31.24 -6.30
C ILE D 54 0.14 -32.28 -5.30
N THR D 55 -1.12 -32.12 -4.88
CA THR D 55 -1.65 -32.99 -3.83
C THR D 55 -1.72 -34.44 -4.30
N SER D 56 -2.17 -34.68 -5.52
CA SER D 56 -2.23 -36.02 -6.07
C SER D 56 -2.16 -35.95 -7.58
N GLY D 57 -1.75 -37.06 -8.18
CA GLY D 57 -1.57 -37.13 -9.62
C GLY D 57 -0.11 -37.17 -10.01
N ASP D 58 0.13 -36.92 -11.29
CA ASP D 58 1.46 -36.90 -11.86
C ASP D 58 1.62 -35.72 -12.80
N LEU D 59 2.85 -35.23 -12.90
CA LEU D 59 3.21 -34.16 -13.82
C LEU D 59 4.51 -34.53 -14.51
N PHE D 60 4.49 -34.60 -15.84
CA PHE D 60 5.62 -35.10 -16.61
C PHE D 60 6.18 -33.98 -17.49
N ILE D 61 7.43 -33.62 -17.25
CA ILE D 61 8.17 -32.73 -18.15
C ILE D 61 9.12 -33.61 -18.96
N GLY D 62 8.80 -33.80 -20.24
CA GLY D 62 9.59 -34.71 -21.05
C GLY D 62 9.22 -36.15 -20.79
N GLU D 63 10.09 -36.87 -20.09
CA GLU D 63 9.86 -38.27 -19.77
C GLU D 63 9.75 -38.54 -18.27
N LYS D 64 10.70 -38.04 -17.48
CA LYS D 64 10.75 -38.37 -16.07
C LYS D 64 9.56 -37.77 -15.32
N ARG D 65 9.15 -38.45 -14.25
CA ARG D 65 8.09 -37.95 -13.39
C ARG D 65 8.67 -36.91 -12.44
N MET D 66 7.99 -35.77 -12.33
CA MET D 66 8.56 -34.60 -11.68
C MET D 66 7.60 -33.99 -10.67
N ASN D 67 6.89 -34.84 -9.92
CA ASN D 67 5.96 -34.33 -8.91
C ASN D 67 6.69 -33.85 -7.67
N ASP D 68 7.88 -34.41 -7.39
CA ASP D 68 8.60 -34.13 -6.17
C ASP D 68 10.03 -33.71 -6.45
N THR D 69 10.22 -32.83 -7.43
CA THR D 69 11.51 -32.31 -7.80
C THR D 69 11.55 -30.81 -7.51
N PRO D 70 12.57 -30.32 -6.82
CA PRO D 70 12.60 -28.89 -6.49
C PRO D 70 12.68 -28.05 -7.73
N PRO D 71 12.16 -26.82 -7.70
CA PRO D 71 12.11 -26.00 -8.92
C PRO D 71 13.46 -25.68 -9.51
N ALA D 72 14.54 -25.79 -8.73
CA ALA D 72 15.87 -25.57 -9.27
C ALA D 72 16.23 -26.63 -10.31
N GLU D 73 15.89 -27.89 -10.04
CA GLU D 73 16.20 -28.98 -10.94
C GLU D 73 15.13 -29.20 -12.00
N ARG D 74 14.05 -28.44 -11.97
CA ARG D 74 12.91 -28.69 -12.85
C ARG D 74 13.14 -28.23 -14.28
N GLY D 75 14.14 -27.40 -14.54
CA GLY D 75 14.33 -26.86 -15.87
C GLY D 75 13.14 -26.09 -16.38
N VAL D 76 12.58 -25.21 -15.54
CA VAL D 76 11.40 -24.42 -15.86
C VAL D 76 11.65 -22.98 -15.47
N GLY D 77 11.29 -22.06 -16.35
CA GLY D 77 11.45 -20.64 -16.11
C GLY D 77 10.09 -19.98 -15.97
N MET D 78 10.00 -19.00 -15.06
CA MET D 78 8.74 -18.38 -14.70
C MET D 78 8.90 -16.86 -14.62
N VAL D 79 7.90 -16.14 -15.13
CA VAL D 79 7.72 -14.72 -14.85
C VAL D 79 6.42 -14.59 -14.07
N PHE D 80 6.41 -13.68 -13.09
CA PHE D 80 5.31 -13.62 -12.15
C PHE D 80 4.34 -12.49 -12.50
N GLN D 81 3.22 -12.44 -11.78
CA GLN D 81 2.28 -11.34 -11.96
C GLN D 81 2.94 -10.00 -11.68
N SER D 82 3.57 -9.88 -10.52
CA SER D 82 4.54 -8.81 -10.34
C SER D 82 5.84 -9.18 -11.05
N TYR D 83 6.63 -8.17 -11.39
CA TYR D 83 7.79 -8.41 -12.23
C TYR D 83 8.95 -9.03 -11.47
N ALA D 84 8.88 -9.09 -10.14
CA ALA D 84 9.82 -9.84 -9.31
C ALA D 84 11.27 -9.47 -9.61
N LEU D 85 11.51 -8.16 -9.73
CA LEU D 85 12.84 -7.63 -9.97
C LEU D 85 13.43 -7.15 -8.66
N TYR D 86 14.66 -7.58 -8.37
CA TYR D 86 15.33 -7.18 -7.15
C TYR D 86 15.71 -5.70 -7.25
N PRO D 87 15.18 -4.84 -6.38
CA PRO D 87 15.49 -3.40 -6.50
C PRO D 87 16.95 -3.07 -6.35
N HIS D 88 17.69 -3.79 -5.48
CA HIS D 88 19.07 -3.42 -5.21
C HIS D 88 19.99 -3.80 -6.37
N LEU D 89 19.79 -4.98 -6.96
CA LEU D 89 20.59 -5.41 -8.09
C LEU D 89 20.31 -4.55 -9.31
N SER D 90 21.34 -4.34 -10.12
CA SER D 90 21.19 -3.63 -11.38
C SER D 90 20.47 -4.54 -12.37
N VAL D 91 20.30 -4.08 -13.61
CA VAL D 91 19.59 -4.89 -14.61
C VAL D 91 20.38 -6.15 -14.95
N ALA D 92 21.69 -5.99 -15.17
CA ALA D 92 22.52 -7.14 -15.53
C ALA D 92 22.56 -8.16 -14.41
N GLU D 93 22.74 -7.70 -13.17
CA GLU D 93 22.75 -8.63 -12.04
C GLU D 93 21.37 -9.26 -11.84
N ASN D 94 20.31 -8.50 -12.07
CA ASN D 94 18.96 -9.06 -12.01
C ASN D 94 18.83 -10.23 -12.97
N MET D 95 19.25 -10.05 -14.22
CA MET D 95 19.10 -11.13 -15.19
C MET D 95 20.09 -12.27 -14.97
N SER D 96 21.23 -11.99 -14.34
CA SER D 96 22.28 -12.99 -14.19
C SER D 96 22.40 -13.52 -12.76
N PHE D 97 21.39 -13.29 -11.92
CA PHE D 97 21.40 -13.83 -10.56
C PHE D 97 21.57 -15.35 -10.57
N GLY D 98 20.75 -16.04 -11.37
CA GLY D 98 20.82 -17.49 -11.38
C GLY D 98 22.15 -18.02 -11.88
N LEU D 99 22.69 -17.40 -12.94
CA LEU D 99 23.99 -17.81 -13.46
C LEU D 99 25.09 -17.56 -12.44
N LYS D 100 25.04 -16.43 -11.73
CA LYS D 100 26.02 -16.20 -10.67
C LYS D 100 25.90 -17.23 -9.57
N LEU D 101 24.67 -17.60 -9.20
CA LEU D 101 24.46 -18.58 -8.14
C LEU D 101 24.99 -19.95 -8.54
N ALA D 102 24.79 -20.33 -9.80
CA ALA D 102 25.15 -21.69 -10.23
C ALA D 102 26.58 -21.78 -10.75
N GLY D 103 26.88 -21.08 -11.85
CA GLY D 103 28.20 -21.12 -12.43
C GLY D 103 29.11 -20.02 -11.91
N ALA D 104 30.35 -20.03 -12.40
CA ALA D 104 31.36 -19.08 -11.95
C ALA D 104 32.17 -18.47 -13.09
N LYS D 105 31.89 -18.81 -14.34
CA LYS D 105 32.64 -18.27 -15.48
C LYS D 105 32.03 -16.92 -15.87
N LYS D 106 32.61 -15.84 -15.33
CA LYS D 106 32.08 -14.51 -15.61
C LYS D 106 32.07 -14.18 -17.09
N GLU D 107 33.00 -14.77 -17.85
CA GLU D 107 32.97 -14.61 -19.31
C GLU D 107 31.66 -15.15 -19.87
N VAL D 108 31.27 -16.36 -19.46
CA VAL D 108 30.02 -16.94 -19.91
C VAL D 108 28.84 -16.09 -19.45
N ILE D 109 28.88 -15.63 -18.20
CA ILE D 109 27.78 -14.83 -17.66
C ILE D 109 27.58 -13.58 -18.51
N ASN D 110 28.65 -12.83 -18.75
CA ASN D 110 28.51 -11.58 -19.49
C ASN D 110 28.21 -11.82 -20.96
N GLN D 111 28.71 -12.92 -21.53
CA GLN D 111 28.36 -13.27 -22.91
C GLN D 111 26.86 -13.49 -23.05
N ARG D 112 26.28 -14.30 -22.14
CA ARG D 112 24.84 -14.56 -22.22
C ARG D 112 24.03 -13.30 -21.94
N VAL D 113 24.47 -12.49 -20.99
CA VAL D 113 23.76 -11.24 -20.69
C VAL D 113 23.77 -10.32 -21.91
N ASN D 114 24.92 -10.18 -22.55
CA ASN D 114 25.02 -9.32 -23.73
C ASN D 114 24.17 -9.85 -24.87
N GLN D 115 24.17 -11.17 -25.09
CA GLN D 115 23.38 -11.75 -26.15
C GLN D 115 21.88 -11.49 -25.92
N VAL D 116 21.40 -11.77 -24.72
CA VAL D 116 19.98 -11.57 -24.43
C VAL D 116 19.63 -10.09 -24.47
N ALA D 117 20.57 -9.21 -24.09
CA ALA D 117 20.31 -7.78 -24.17
C ALA D 117 20.18 -7.32 -25.62
N GLU D 118 21.04 -7.85 -26.50
CA GLU D 118 20.97 -7.48 -27.90
C GLU D 118 19.69 -7.99 -28.55
N VAL D 119 19.27 -9.21 -28.21
CA VAL D 119 18.04 -9.72 -28.82
C VAL D 119 16.79 -9.15 -28.17
N LEU D 120 16.88 -8.65 -26.94
CA LEU D 120 15.75 -8.02 -26.26
C LEU D 120 15.87 -6.51 -26.19
N GLN D 121 16.90 -5.93 -26.82
CA GLN D 121 17.10 -4.48 -26.87
C GLN D 121 17.23 -3.90 -25.46
N LEU D 122 18.11 -4.49 -24.65
CA LEU D 122 18.35 -4.05 -23.28
C LEU D 122 19.77 -3.57 -23.06
N ALA D 123 20.51 -3.27 -24.14
CA ALA D 123 21.93 -2.94 -23.99
C ALA D 123 22.13 -1.58 -23.35
N HIS D 124 21.43 -0.54 -23.83
CA HIS D 124 21.70 0.81 -23.37
C HIS D 124 21.18 1.08 -21.97
N LEU D 125 20.32 0.21 -21.45
CA LEU D 125 19.75 0.34 -20.11
C LEU D 125 20.23 -0.78 -19.18
N LEU D 126 21.37 -1.38 -19.49
CA LEU D 126 21.86 -2.52 -18.72
C LEU D 126 22.36 -2.12 -17.35
N ASP D 127 22.96 -0.93 -17.22
CA ASP D 127 23.58 -0.50 -15.97
C ASP D 127 22.60 0.08 -14.97
N ARG D 128 21.34 0.25 -15.34
CA ARG D 128 20.37 0.90 -14.48
C ARG D 128 19.78 -0.10 -13.48
N LYS D 129 19.00 0.43 -12.52
CA LYS D 129 18.29 -0.32 -11.50
C LYS D 129 16.80 -0.39 -11.81
N PRO D 130 16.09 -1.38 -11.24
CA PRO D 130 14.68 -1.57 -11.62
C PRO D 130 13.77 -0.39 -11.35
N LYS D 131 14.10 0.47 -10.39
CA LYS D 131 13.22 1.60 -10.07
C LYS D 131 13.14 2.58 -11.24
N ALA D 132 14.28 2.88 -11.87
CA ALA D 132 14.31 3.93 -12.88
C ALA D 132 13.72 3.48 -14.20
N LEU D 133 13.57 2.17 -14.41
CA LEU D 133 13.01 1.69 -15.67
C LEU D 133 11.50 1.88 -15.67
N SER D 134 10.93 1.93 -16.89
CA SER D 134 9.50 2.01 -17.05
C SER D 134 8.90 0.61 -17.07
N GLY D 135 7.57 0.53 -17.25
CA GLY D 135 6.90 -0.76 -17.20
C GLY D 135 7.35 -1.70 -18.30
N GLY D 136 7.41 -1.19 -19.53
CA GLY D 136 7.87 -2.02 -20.63
C GLY D 136 9.30 -2.49 -20.46
N GLN D 137 10.18 -1.58 -19.99
CA GLN D 137 11.56 -1.95 -19.77
C GLN D 137 11.68 -3.02 -18.68
N ARG D 138 10.90 -2.89 -17.61
CA ARG D 138 10.93 -3.89 -16.54
C ARG D 138 10.42 -5.24 -17.03
N GLN D 139 9.34 -5.25 -17.82
CA GLN D 139 8.84 -6.51 -18.36
C GLN D 139 9.86 -7.16 -19.28
N ARG D 140 10.51 -6.36 -20.14
CA ARG D 140 11.54 -6.91 -21.00
C ARG D 140 12.74 -7.40 -20.20
N VAL D 141 13.03 -6.76 -19.07
CA VAL D 141 14.12 -7.22 -18.21
C VAL D 141 13.78 -8.57 -17.60
N ALA D 142 12.53 -8.75 -17.16
CA ALA D 142 12.12 -10.04 -16.62
C ALA D 142 12.19 -11.13 -17.69
N ILE D 143 11.71 -10.81 -18.90
CA ILE D 143 11.80 -11.77 -20.00
C ILE D 143 13.25 -12.11 -20.31
N GLY D 144 14.12 -11.10 -20.26
CA GLY D 144 15.54 -11.34 -20.49
C GLY D 144 16.15 -12.23 -19.42
N ARG D 145 15.73 -12.05 -18.17
CA ARG D 145 16.21 -12.93 -17.10
C ARG D 145 15.78 -14.37 -17.36
N THR D 146 14.53 -14.56 -17.78
CA THR D 146 14.07 -15.91 -18.09
C THR D 146 14.87 -16.51 -19.25
N LEU D 147 15.12 -15.72 -20.29
CA LEU D 147 15.89 -16.20 -21.43
C LEU D 147 17.33 -16.51 -21.03
N VAL D 148 17.89 -15.71 -20.11
CA VAL D 148 19.22 -16.00 -19.58
C VAL D 148 19.24 -17.34 -18.87
N ALA D 149 18.24 -17.59 -18.01
CA ALA D 149 18.15 -18.89 -17.36
C ALA D 149 18.00 -20.00 -18.38
N GLU D 150 17.37 -19.70 -19.52
CA GLU D 150 17.24 -20.61 -20.65
C GLU D 150 16.60 -21.92 -20.21
N PRO D 151 15.33 -21.92 -19.86
CA PRO D 151 14.67 -23.15 -19.42
C PRO D 151 14.06 -23.91 -20.60
N SER D 152 13.66 -25.15 -20.31
CA SER D 152 12.98 -25.96 -21.31
C SER D 152 11.53 -25.54 -21.50
N VAL D 153 10.91 -24.99 -20.46
CA VAL D 153 9.52 -24.55 -20.51
C VAL D 153 9.45 -23.12 -19.96
N PHE D 154 8.78 -22.23 -20.70
CA PHE D 154 8.60 -20.85 -20.26
C PHE D 154 7.21 -20.71 -19.65
N LEU D 155 7.14 -20.10 -18.47
CA LEU D 155 5.88 -19.88 -17.78
C LEU D 155 5.63 -18.38 -17.63
N LEU D 156 4.47 -17.93 -18.07
CA LEU D 156 4.08 -16.52 -17.98
C LEU D 156 2.85 -16.41 -17.09
N ASP D 157 3.00 -15.71 -15.96
CA ASP D 157 1.91 -15.51 -15.02
C ASP D 157 1.35 -14.11 -15.21
N GLU D 158 0.44 -13.99 -16.17
CA GLU D 158 -0.22 -12.73 -16.50
C GLU D 158 0.78 -11.59 -16.75
N PRO D 159 1.69 -11.75 -17.71
CA PRO D 159 2.69 -10.69 -17.94
C PRO D 159 2.07 -9.38 -18.41
N LEU D 160 1.02 -9.44 -19.21
CA LEU D 160 0.38 -8.24 -19.73
C LEU D 160 -0.81 -7.84 -18.86
N SER D 161 -0.52 -7.60 -17.59
CA SER D 161 -1.52 -7.14 -16.63
C SER D 161 -1.22 -5.78 -16.03
N ASN D 162 0.05 -5.37 -15.94
CA ASN D 162 0.43 -4.12 -15.32
C ASN D 162 0.76 -3.03 -16.33
N LEU D 163 0.33 -3.19 -17.58
CA LEU D 163 0.62 -2.25 -18.65
C LEU D 163 -0.67 -1.76 -19.30
N ASP D 164 -0.59 -0.60 -19.94
CA ASP D 164 -1.72 -0.02 -20.65
C ASP D 164 -1.95 -0.77 -21.97
N ALA D 165 -2.94 -0.31 -22.73
CA ALA D 165 -3.38 -1.05 -23.91
C ALA D 165 -2.31 -1.08 -24.99
N ALA D 166 -1.75 0.09 -25.33
CA ALA D 166 -0.75 0.15 -26.41
C ALA D 166 0.47 -0.69 -26.07
N LEU D 167 1.01 -0.53 -24.87
CA LEU D 167 2.19 -1.27 -24.48
C LEU D 167 1.91 -2.76 -24.39
N ARG D 168 0.74 -3.15 -23.88
CA ARG D 168 0.44 -4.57 -23.82
C ARG D 168 0.27 -5.17 -25.20
N VAL D 169 -0.25 -4.40 -26.17
CA VAL D 169 -0.34 -4.89 -27.53
C VAL D 169 1.05 -5.06 -28.14
N GLN D 170 1.91 -4.06 -27.95
CA GLN D 170 3.27 -4.14 -28.48
C GLN D 170 4.02 -5.33 -27.89
N MET D 171 3.92 -5.53 -26.57
CA MET D 171 4.60 -6.66 -25.97
C MET D 171 3.90 -7.98 -26.27
N ARG D 172 2.61 -7.96 -26.63
CA ARG D 172 1.97 -9.16 -27.14
C ARG D 172 2.60 -9.58 -28.46
N ILE D 173 2.84 -8.61 -29.34
CA ILE D 173 3.53 -8.93 -30.60
C ILE D 173 4.96 -9.36 -30.32
N GLU D 174 5.59 -8.75 -29.32
CA GLU D 174 6.94 -9.16 -28.93
C GLU D 174 6.96 -10.60 -28.43
N ILE D 175 5.98 -10.99 -27.62
CA ILE D 175 5.89 -12.36 -27.13
C ILE D 175 5.63 -13.32 -28.29
N SER D 176 4.80 -12.92 -29.25
CA SER D 176 4.59 -13.76 -30.43
C SER D 176 5.89 -13.95 -31.20
N ARG D 177 6.68 -12.88 -31.35
CA ARG D 177 7.96 -12.99 -32.03
C ARG D 177 8.91 -13.90 -31.26
N LEU D 178 8.91 -13.81 -29.93
CA LEU D 178 9.72 -14.69 -29.10
C LEU D 178 9.34 -16.14 -29.32
N HIS D 179 8.03 -16.42 -29.33
CA HIS D 179 7.55 -17.78 -29.58
C HIS D 179 7.99 -18.26 -30.96
N LYS D 180 7.84 -17.42 -31.98
CA LYS D 180 8.20 -17.81 -33.33
C LYS D 180 9.69 -18.11 -33.44
N ARG D 181 10.53 -17.29 -32.81
CA ARG D 181 11.97 -17.50 -32.88
C ARG D 181 12.40 -18.73 -32.10
N LEU D 182 12.17 -18.71 -30.78
CA LEU D 182 12.68 -19.79 -29.93
C LEU D 182 12.00 -21.12 -30.25
N GLY D 183 10.67 -21.14 -30.29
CA GLY D 183 9.96 -22.38 -30.50
C GLY D 183 9.87 -23.29 -29.29
N ARG D 184 10.36 -22.84 -28.13
CA ARG D 184 10.26 -23.63 -26.91
C ARG D 184 8.84 -23.57 -26.36
N THR D 185 8.51 -24.55 -25.51
CA THR D 185 7.18 -24.62 -24.94
C THR D 185 6.95 -23.43 -24.01
N MET D 186 5.84 -22.73 -24.23
CA MET D 186 5.48 -21.58 -23.42
C MET D 186 4.04 -21.74 -22.95
N ILE D 187 3.82 -21.48 -21.67
CA ILE D 187 2.50 -21.60 -21.04
C ILE D 187 2.09 -20.21 -20.55
N TYR D 188 0.86 -19.83 -20.86
CA TYR D 188 0.37 -18.48 -20.63
C TYR D 188 -0.88 -18.51 -19.78
N VAL D 189 -1.02 -17.53 -18.90
CA VAL D 189 -2.24 -17.33 -18.13
C VAL D 189 -2.71 -15.89 -18.32
N THR D 190 -3.99 -15.73 -18.59
CA THR D 190 -4.60 -14.40 -18.72
C THR D 190 -6.10 -14.55 -18.62
N HIS D 191 -6.78 -13.42 -18.36
CA HIS D 191 -8.23 -13.39 -18.36
C HIS D 191 -8.81 -12.91 -19.67
N ASP D 192 -8.00 -12.31 -20.56
CA ASP D 192 -8.52 -11.62 -21.72
C ASP D 192 -8.62 -12.57 -22.91
N GLN D 193 -9.85 -12.77 -23.39
CA GLN D 193 -10.09 -13.57 -24.58
C GLN D 193 -9.33 -13.04 -25.79
N VAL D 194 -9.13 -11.72 -25.85
CA VAL D 194 -8.42 -11.14 -26.99
C VAL D 194 -6.98 -11.65 -27.04
N GLU D 195 -6.26 -11.56 -25.91
CA GLU D 195 -4.90 -12.07 -25.88
C GLU D 195 -4.87 -13.57 -26.11
N ALA D 196 -5.80 -14.31 -25.49
CA ALA D 196 -5.82 -15.76 -25.68
C ALA D 196 -5.97 -16.12 -27.16
N MET D 197 -6.94 -15.49 -27.83
CA MET D 197 -7.24 -15.84 -29.22
C MET D 197 -6.15 -15.35 -30.16
N THR D 198 -5.48 -14.25 -29.82
CA THR D 198 -4.41 -13.75 -30.69
C THR D 198 -3.14 -14.57 -30.57
N LEU D 199 -2.82 -15.02 -29.36
CA LEU D 199 -1.53 -15.68 -29.13
C LEU D 199 -1.60 -17.20 -29.24
N ALA D 200 -2.52 -17.84 -28.53
CA ALA D 200 -2.40 -19.25 -28.22
C ALA D 200 -2.53 -20.14 -29.46
N ASP D 201 -1.74 -21.20 -29.49
CA ASP D 201 -1.98 -22.32 -30.40
C ASP D 201 -2.92 -23.34 -29.82
N LYS D 202 -3.09 -23.35 -28.50
CA LYS D 202 -4.10 -24.15 -27.81
C LYS D 202 -4.57 -23.35 -26.61
N ILE D 203 -5.86 -23.45 -26.31
CA ILE D 203 -6.47 -22.73 -25.20
C ILE D 203 -7.09 -23.74 -24.26
N VAL D 204 -6.82 -23.60 -22.97
CA VAL D 204 -7.41 -24.46 -21.94
C VAL D 204 -8.28 -23.58 -21.06
N VAL D 205 -9.60 -23.78 -21.15
CA VAL D 205 -10.56 -22.99 -20.40
C VAL D 205 -10.83 -23.69 -19.08
N LEU D 206 -10.48 -23.02 -17.98
CA LEU D 206 -10.63 -23.58 -16.64
C LEU D 206 -11.93 -23.10 -16.01
N ASP D 207 -12.67 -24.02 -15.40
CA ASP D 207 -13.93 -23.73 -14.73
C ASP D 207 -13.84 -24.27 -13.31
N ALA D 208 -13.66 -23.37 -12.34
CA ALA D 208 -13.51 -23.75 -10.93
C ALA D 208 -12.44 -24.82 -10.77
N GLY D 209 -11.33 -24.63 -11.46
CA GLY D 209 -10.27 -25.61 -11.50
C GLY D 209 -10.64 -26.91 -12.21
N ARG D 210 -11.41 -26.81 -13.28
CA ARG D 210 -11.73 -27.95 -14.12
C ARG D 210 -11.54 -27.57 -15.57
N VAL D 211 -11.05 -28.53 -16.37
CA VAL D 211 -10.80 -28.27 -17.79
C VAL D 211 -12.11 -28.33 -18.57
N ALA D 212 -12.65 -27.15 -18.90
CA ALA D 212 -13.92 -27.09 -19.62
C ALA D 212 -13.76 -27.60 -21.05
N GLN D 213 -12.76 -27.10 -21.76
CA GLN D 213 -12.48 -27.54 -23.13
C GLN D 213 -11.10 -27.05 -23.52
N VAL D 214 -10.40 -27.88 -24.28
CA VAL D 214 -9.06 -27.58 -24.76
C VAL D 214 -9.02 -27.76 -26.27
N GLY D 215 -8.52 -26.76 -26.97
CA GLY D 215 -8.47 -26.81 -28.41
C GLY D 215 -7.98 -25.49 -28.98
N LYS D 216 -8.00 -25.42 -30.31
CA LYS D 216 -7.56 -24.23 -31.01
C LYS D 216 -8.52 -23.07 -30.73
N PRO D 217 -8.04 -21.83 -30.87
CA PRO D 217 -8.91 -20.68 -30.54
C PRO D 217 -10.16 -20.59 -31.41
N LEU D 218 -10.01 -20.65 -32.73
CA LEU D 218 -11.18 -20.67 -33.60
C LEU D 218 -12.03 -21.90 -33.34
N GLU D 219 -11.41 -23.01 -32.94
CA GLU D 219 -12.18 -24.19 -32.61
C GLU D 219 -13.09 -23.94 -31.42
N LEU D 220 -12.58 -23.27 -30.38
CA LEU D 220 -13.44 -22.90 -29.25
C LEU D 220 -14.51 -21.91 -29.68
N TYR D 221 -14.15 -20.95 -30.52
CA TYR D 221 -15.10 -19.91 -30.92
C TYR D 221 -16.25 -20.50 -31.72
N HIS D 222 -15.98 -21.51 -32.54
CA HIS D 222 -17.02 -22.06 -33.42
C HIS D 222 -17.74 -23.27 -32.83
N TYR D 223 -17.06 -24.10 -32.04
CA TYR D 223 -17.65 -25.32 -31.49
C TYR D 223 -17.39 -25.38 -29.99
N PRO D 224 -18.06 -24.54 -29.20
CA PRO D 224 -17.91 -24.63 -27.75
C PRO D 224 -18.42 -25.97 -27.23
N ALA D 225 -17.75 -26.48 -26.20
CA ALA D 225 -18.15 -27.76 -25.61
C ALA D 225 -19.39 -27.62 -24.74
N ASP D 226 -19.60 -26.47 -24.11
CA ASP D 226 -20.72 -26.33 -23.18
C ASP D 226 -21.09 -24.86 -23.03
N ARG D 227 -22.06 -24.62 -22.16
CA ARG D 227 -22.59 -23.28 -21.95
C ARG D 227 -21.52 -22.33 -21.44
N PHE D 228 -20.68 -22.78 -20.51
CA PHE D 228 -19.65 -21.91 -19.96
C PHE D 228 -18.68 -21.46 -21.04
N VAL D 229 -18.21 -22.39 -21.87
CA VAL D 229 -17.28 -22.03 -22.94
C VAL D 229 -17.95 -21.09 -23.92
N ALA D 230 -19.21 -21.38 -24.29
CA ALA D 230 -19.91 -20.51 -25.23
C ALA D 230 -20.05 -19.10 -24.67
N GLY D 231 -20.39 -18.97 -23.40
CA GLY D 231 -20.52 -17.66 -22.79
C GLY D 231 -19.20 -16.93 -22.65
N PHE D 232 -18.15 -17.65 -22.27
CA PHE D 232 -16.86 -17.00 -22.00
C PHE D 232 -16.21 -16.53 -23.30
N ILE D 233 -16.19 -17.38 -24.32
CA ILE D 233 -15.53 -17.01 -25.56
C ILE D 233 -16.43 -16.07 -26.35
N GLY D 234 -15.88 -14.91 -26.73
CA GLY D 234 -16.65 -13.88 -27.41
C GLY D 234 -16.86 -12.66 -26.53
N SER D 235 -16.42 -11.50 -27.01
CA SER D 235 -16.49 -10.29 -26.18
C SER D 235 -17.93 -9.93 -25.80
N PRO D 236 -18.89 -9.85 -26.72
CA PRO D 236 -20.28 -9.73 -26.29
C PRO D 236 -20.83 -11.09 -25.89
N LYS D 237 -21.58 -11.11 -24.79
CA LYS D 237 -22.11 -12.36 -24.27
C LYS D 237 -22.99 -13.03 -25.31
N MET D 238 -22.76 -14.33 -25.52
CA MET D 238 -23.57 -15.09 -26.45
C MET D 238 -25.02 -15.12 -26.00
N ASN D 239 -25.93 -14.80 -26.92
CA ASN D 239 -27.35 -14.77 -26.59
C ASN D 239 -27.85 -16.18 -26.31
N PHE D 240 -28.67 -16.32 -25.28
CA PHE D 240 -29.21 -17.61 -24.87
C PHE D 240 -30.73 -17.53 -24.81
N LEU D 241 -31.39 -18.44 -25.52
CA LEU D 241 -32.84 -18.51 -25.55
C LEU D 241 -33.28 -19.96 -25.27
N PRO D 242 -34.25 -20.16 -24.39
CA PRO D 242 -34.79 -21.52 -24.20
C PRO D 242 -35.49 -22.01 -25.45
N VAL D 243 -35.50 -23.33 -25.63
CA VAL D 243 -36.18 -23.97 -26.76
C VAL D 243 -36.70 -25.33 -26.32
N LYS D 244 -37.76 -25.78 -26.99
CA LYS D 244 -38.38 -27.07 -26.72
C LYS D 244 -38.20 -27.99 -27.91
N VAL D 245 -37.77 -29.22 -27.64
CA VAL D 245 -37.58 -30.21 -28.70
C VAL D 245 -38.94 -30.74 -29.14
N THR D 246 -39.17 -30.76 -30.45
CA THR D 246 -40.41 -31.29 -31.02
C THR D 246 -40.19 -32.60 -31.76
N ALA D 247 -39.18 -32.68 -32.61
CA ALA D 247 -38.87 -33.90 -33.33
C ALA D 247 -37.39 -33.92 -33.66
N THR D 248 -36.79 -35.11 -33.57
CA THR D 248 -35.37 -35.31 -33.83
C THR D 248 -35.20 -36.14 -35.08
N ALA D 249 -34.40 -35.64 -36.02
CA ALA D 249 -34.08 -36.35 -37.24
C ALA D 249 -32.75 -37.09 -37.07
N ILE D 250 -32.23 -37.64 -38.18
CA ILE D 250 -30.96 -38.35 -38.11
C ILE D 250 -29.80 -37.38 -37.86
N ASP D 251 -29.90 -36.17 -38.41
CA ASP D 251 -28.81 -35.20 -38.33
C ASP D 251 -29.31 -33.78 -38.09
N GLN D 252 -30.51 -33.63 -37.57
CA GLN D 252 -31.03 -32.30 -37.25
C GLN D 252 -32.12 -32.42 -36.20
N VAL D 253 -32.31 -31.33 -35.45
CA VAL D 253 -33.24 -31.29 -34.33
C VAL D 253 -34.14 -30.07 -34.50
N GLN D 254 -35.44 -30.28 -34.38
CA GLN D 254 -36.41 -29.19 -34.41
C GLN D 254 -36.61 -28.61 -33.02
N VAL D 255 -36.82 -27.29 -32.97
CA VAL D 255 -37.05 -26.58 -31.73
C VAL D 255 -38.23 -25.63 -31.91
N GLU D 256 -38.86 -25.27 -30.79
CA GLU D 256 -39.95 -24.32 -30.77
C GLU D 256 -39.50 -23.05 -30.05
N LEU D 257 -39.67 -21.90 -30.71
CA LEU D 257 -39.34 -20.64 -30.08
C LEU D 257 -40.38 -20.29 -29.03
N PRO D 258 -39.97 -20.01 -27.79
CA PRO D 258 -40.90 -19.71 -26.68
C PRO D 258 -41.56 -18.35 -26.85
N MET D 259 -42.21 -18.16 -28.00
CA MET D 259 -42.83 -16.90 -28.37
C MET D 259 -44.15 -17.25 -29.04
N PRO D 260 -45.15 -16.35 -29.02
CA PRO D 260 -46.43 -16.65 -29.67
C PRO D 260 -46.32 -17.04 -31.15
N ASN D 261 -45.13 -16.99 -31.74
CA ASN D 261 -44.97 -17.45 -33.12
C ASN D 261 -45.24 -18.94 -33.25
N ARG D 262 -44.83 -19.73 -32.25
CA ARG D 262 -44.87 -21.20 -32.33
C ARG D 262 -44.15 -21.71 -33.58
N GLN D 263 -42.99 -21.12 -33.89
CA GLN D 263 -42.24 -21.48 -35.08
C GLN D 263 -41.33 -22.67 -34.80
N GLN D 264 -41.23 -23.57 -35.78
CA GLN D 264 -40.36 -24.74 -35.71
C GLN D 264 -39.29 -24.62 -36.78
N VAL D 265 -38.04 -24.86 -36.40
CA VAL D 265 -36.90 -24.74 -37.30
C VAL D 265 -35.96 -25.91 -37.08
N TRP D 266 -35.38 -26.41 -38.18
CA TRP D 266 -34.39 -27.47 -38.13
C TRP D 266 -33.01 -26.88 -37.92
N LEU D 267 -32.25 -27.45 -36.98
CA LEU D 267 -30.90 -27.03 -36.69
C LEU D 267 -29.94 -28.19 -36.86
N PRO D 268 -28.92 -28.08 -37.71
CA PRO D 268 -27.98 -29.20 -37.89
C PRO D 268 -27.05 -29.37 -36.68
N VAL D 269 -27.32 -30.40 -35.87
CA VAL D 269 -26.51 -30.73 -34.71
C VAL D 269 -26.25 -32.24 -34.74
N GLU D 270 -25.59 -32.72 -33.68
CA GLU D 270 -25.32 -34.16 -33.57
C GLU D 270 -26.61 -34.96 -33.56
N SER D 271 -27.63 -34.47 -32.86
CA SER D 271 -28.91 -35.15 -32.69
C SER D 271 -28.75 -36.52 -32.02
N ARG D 272 -27.69 -36.70 -31.26
CA ARG D 272 -27.45 -37.95 -30.55
C ARG D 272 -27.81 -37.77 -29.07
N ASP D 273 -28.51 -38.77 -28.53
CA ASP D 273 -28.94 -38.75 -27.12
C ASP D 273 -29.75 -37.51 -26.80
N VAL D 274 -30.55 -37.06 -27.76
CA VAL D 274 -31.46 -35.94 -27.56
C VAL D 274 -32.86 -36.49 -27.39
N GLN D 275 -33.53 -36.07 -26.31
CA GLN D 275 -34.83 -36.60 -25.96
C GLN D 275 -35.93 -35.65 -26.43
N VAL D 276 -36.95 -36.22 -27.08
CA VAL D 276 -38.07 -35.43 -27.57
C VAL D 276 -38.82 -34.84 -26.38
N GLY D 277 -39.39 -33.66 -26.58
CA GLY D 277 -40.12 -32.99 -25.51
C GLY D 277 -39.27 -32.65 -24.30
N ALA D 278 -38.08 -32.13 -24.53
CA ALA D 278 -37.15 -31.79 -23.47
C ALA D 278 -36.79 -30.31 -23.53
N ASN D 279 -36.68 -29.68 -22.37
CA ASN D 279 -36.26 -28.29 -22.30
C ASN D 279 -34.82 -28.18 -22.79
N MET D 280 -34.59 -27.25 -23.72
CA MET D 280 -33.30 -27.09 -24.36
C MET D 280 -32.89 -25.64 -24.23
N SER D 281 -31.72 -25.29 -24.76
CA SER D 281 -31.19 -23.92 -24.68
C SER D 281 -30.51 -23.59 -25.99
N LEU D 282 -31.13 -22.69 -26.76
CA LEU D 282 -30.55 -22.25 -28.03
C LEU D 282 -29.66 -21.04 -27.81
N GLY D 283 -28.51 -21.05 -28.47
CA GLY D 283 -27.57 -19.95 -28.37
C GLY D 283 -27.08 -19.46 -29.72
N ILE D 284 -26.89 -18.16 -29.85
CA ILE D 284 -26.40 -17.57 -31.08
C ILE D 284 -25.67 -16.27 -30.75
N ARG D 285 -24.46 -16.13 -31.29
CA ARG D 285 -23.65 -14.94 -31.01
C ARG D 285 -24.30 -13.71 -31.66
N PRO D 286 -24.14 -12.54 -31.05
CA PRO D 286 -24.72 -11.33 -31.64
C PRO D 286 -24.18 -11.00 -33.03
N GLU D 287 -22.92 -11.32 -33.31
CA GLU D 287 -22.35 -11.02 -34.61
C GLU D 287 -23.07 -11.79 -35.73
N HIS D 288 -23.39 -13.06 -35.48
CA HIS D 288 -23.95 -13.92 -36.51
C HIS D 288 -25.41 -13.61 -36.82
N LEU D 289 -26.05 -12.74 -36.05
CA LEU D 289 -27.44 -12.40 -36.30
C LEU D 289 -27.61 -11.75 -37.66
N LEU D 290 -28.61 -12.19 -38.41
CA LEU D 290 -28.83 -11.68 -39.75
C LEU D 290 -29.93 -10.62 -39.76
N PRO D 291 -29.87 -9.68 -40.71
CA PRO D 291 -30.95 -8.70 -40.83
C PRO D 291 -32.28 -9.37 -41.18
N SER D 292 -33.36 -8.64 -40.93
CA SER D 292 -34.69 -9.22 -41.06
C SER D 292 -35.03 -9.59 -42.51
N ASP D 293 -34.55 -8.81 -43.47
CA ASP D 293 -35.00 -8.98 -44.85
C ASP D 293 -34.58 -10.32 -45.45
N ILE D 294 -33.36 -10.76 -45.17
CA ILE D 294 -32.79 -11.92 -45.83
C ILE D 294 -32.85 -13.17 -44.94
N ALA D 295 -33.73 -13.17 -43.93
CA ALA D 295 -33.86 -14.32 -43.03
C ALA D 295 -35.32 -14.74 -42.95
N ASP D 296 -35.56 -16.04 -43.13
CA ASP D 296 -36.93 -16.55 -43.03
C ASP D 296 -37.43 -16.52 -41.60
N VAL D 297 -36.62 -16.99 -40.65
CA VAL D 297 -36.99 -16.97 -39.25
C VAL D 297 -36.82 -15.56 -38.70
N ILE D 298 -37.87 -15.03 -38.10
CA ILE D 298 -37.91 -13.63 -37.68
C ILE D 298 -38.15 -13.56 -36.18
N LEU D 299 -37.33 -12.77 -35.50
CA LEU D 299 -37.53 -12.43 -34.08
C LEU D 299 -37.89 -10.95 -34.02
N GLU D 300 -39.18 -10.66 -33.83
CA GLU D 300 -39.64 -9.29 -33.70
C GLU D 300 -39.52 -8.85 -32.24
N GLY D 301 -38.94 -7.67 -32.02
CA GLY D 301 -38.73 -7.18 -30.67
C GLY D 301 -38.68 -5.68 -30.63
N GLU D 302 -38.60 -5.16 -29.40
CA GLU D 302 -38.61 -3.73 -29.15
C GLU D 302 -37.22 -3.27 -28.70
N VAL D 303 -36.75 -2.18 -29.28
CA VAL D 303 -35.43 -1.65 -28.98
C VAL D 303 -35.44 -1.07 -27.56
N GLN D 304 -34.52 -1.55 -26.72
CA GLN D 304 -34.38 -1.06 -25.35
C GLN D 304 -33.22 -0.08 -25.23
N VAL D 305 -32.01 -0.51 -25.60
CA VAL D 305 -30.81 0.33 -25.53
C VAL D 305 -30.08 0.21 -26.85
N VAL D 306 -29.72 1.35 -27.44
CA VAL D 306 -28.92 1.40 -28.66
C VAL D 306 -27.60 2.05 -28.31
N GLU D 307 -26.52 1.28 -28.41
CA GLU D 307 -25.17 1.77 -28.12
C GLU D 307 -24.44 1.96 -29.44
N GLN D 308 -24.00 3.19 -29.69
CA GLN D 308 -23.31 3.52 -30.93
C GLN D 308 -21.82 3.68 -30.62
N LEU D 309 -21.10 2.55 -30.62
CA LEU D 309 -19.66 2.60 -30.45
C LEU D 309 -18.97 3.30 -31.62
N GLY D 310 -19.64 3.37 -32.76
CA GLY D 310 -19.18 4.12 -33.91
C GLY D 310 -18.71 3.25 -35.05
N ASN D 311 -17.90 2.23 -34.75
CA ASN D 311 -17.51 1.26 -35.77
C ASN D 311 -18.52 0.13 -35.89
N GLU D 312 -19.29 -0.12 -34.83
CA GLU D 312 -20.39 -1.05 -34.86
C GLU D 312 -21.47 -0.53 -33.92
N THR D 313 -22.71 -0.90 -34.21
CA THR D 313 -23.86 -0.49 -33.40
C THR D 313 -24.38 -1.69 -32.63
N GLN D 314 -24.48 -1.55 -31.31
CA GLN D 314 -25.00 -2.60 -30.44
C GLN D 314 -26.42 -2.24 -30.03
N ILE D 315 -27.38 -3.02 -30.50
CA ILE D 315 -28.80 -2.75 -30.28
C ILE D 315 -29.33 -3.83 -29.34
N HIS D 316 -29.74 -3.42 -28.15
CA HIS D 316 -30.38 -4.35 -27.21
C HIS D 316 -31.86 -4.48 -27.56
N ILE D 317 -32.31 -5.71 -27.77
CA ILE D 317 -33.67 -6.00 -28.19
C ILE D 317 -34.37 -6.77 -27.09
N GLN D 318 -35.56 -6.31 -26.71
CA GLN D 318 -36.40 -7.02 -25.76
C GLN D 318 -37.47 -7.77 -26.54
N ILE D 319 -37.42 -9.09 -26.49
CA ILE D 319 -38.42 -9.93 -27.16
C ILE D 319 -39.63 -9.97 -26.25
N PRO D 320 -40.86 -9.96 -26.79
CA PRO D 320 -42.05 -9.96 -25.94
C PRO D 320 -42.11 -11.09 -24.91
N SER D 321 -41.42 -12.20 -25.16
CA SER D 321 -41.59 -13.39 -24.33
C SER D 321 -40.35 -13.84 -23.57
N ILE D 322 -39.16 -13.81 -24.18
CA ILE D 322 -37.96 -14.30 -23.51
C ILE D 322 -37.49 -13.27 -22.48
N ARG D 323 -36.99 -13.77 -21.34
CA ARG D 323 -36.63 -12.92 -20.21
C ARG D 323 -35.45 -12.02 -20.57
N GLN D 324 -34.30 -12.62 -20.87
CA GLN D 324 -33.11 -11.84 -21.18
C GLN D 324 -33.28 -11.07 -22.48
N ASN D 325 -32.77 -9.84 -22.51
CA ASN D 325 -32.86 -9.02 -23.71
C ASN D 325 -31.91 -9.54 -24.78
N LEU D 326 -32.39 -9.54 -26.02
CA LEU D 326 -31.56 -9.93 -27.15
C LEU D 326 -30.56 -8.82 -27.47
N VAL D 327 -29.31 -9.20 -27.69
CA VAL D 327 -28.25 -8.27 -28.03
C VAL D 327 -27.95 -8.41 -29.52
N TYR D 328 -28.00 -7.30 -30.24
CA TYR D 328 -27.72 -7.27 -31.68
C TYR D 328 -26.54 -6.35 -31.95
N ARG D 329 -25.65 -6.78 -32.83
CA ARG D 329 -24.47 -6.01 -33.21
C ARG D 329 -24.35 -6.00 -34.72
N GLN D 330 -24.17 -4.81 -35.30
CA GLN D 330 -24.12 -4.63 -36.74
C GLN D 330 -22.96 -3.72 -37.10
N ASN D 331 -22.38 -3.96 -38.28
CA ASN D 331 -21.28 -3.14 -38.74
C ASN D 331 -21.75 -1.73 -39.06
N ASP D 332 -20.83 -0.77 -38.92
CA ASP D 332 -21.11 0.65 -39.13
C ASP D 332 -22.20 1.14 -38.20
N VAL D 333 -22.72 2.35 -38.44
CA VAL D 333 -23.72 2.95 -37.58
C VAL D 333 -25.11 2.57 -38.09
N VAL D 334 -25.96 2.09 -37.20
CA VAL D 334 -27.35 1.78 -37.50
C VAL D 334 -28.20 2.81 -36.77
N LEU D 335 -28.96 3.59 -37.54
CA LEU D 335 -29.77 4.68 -36.97
C LEU D 335 -31.15 4.14 -36.61
N VAL D 336 -31.24 3.62 -35.40
CA VAL D 336 -32.51 3.16 -34.83
C VAL D 336 -32.70 3.87 -33.49
N GLU D 337 -33.90 4.39 -33.27
CA GLU D 337 -34.19 5.07 -32.02
C GLU D 337 -34.70 4.09 -30.97
N GLU D 338 -34.54 4.47 -29.71
CA GLU D 338 -35.05 3.64 -28.62
C GLU D 338 -36.57 3.59 -28.64
N GLY D 339 -37.12 2.49 -28.14
CA GLY D 339 -38.57 2.32 -28.16
C GLY D 339 -39.14 2.02 -29.53
N ALA D 340 -38.34 1.53 -30.46
CA ALA D 340 -38.78 1.20 -31.81
C ALA D 340 -38.79 -0.31 -31.99
N THR D 341 -39.84 -0.82 -32.62
CA THR D 341 -39.92 -2.24 -32.92
C THR D 341 -38.92 -2.61 -34.00
N PHE D 342 -38.14 -3.65 -33.74
CA PHE D 342 -37.09 -4.10 -34.64
C PHE D 342 -37.26 -5.58 -34.93
N ALA D 343 -36.88 -5.98 -36.14
CA ALA D 343 -36.92 -7.39 -36.55
C ALA D 343 -35.51 -7.83 -36.93
N ILE D 344 -35.13 -9.02 -36.46
CA ILE D 344 -33.84 -9.61 -36.77
C ILE D 344 -34.06 -11.07 -37.11
N GLY D 345 -33.04 -11.66 -37.76
CA GLY D 345 -33.13 -13.02 -38.24
C GLY D 345 -32.26 -13.99 -37.46
N LEU D 346 -32.68 -15.25 -37.47
CA LEU D 346 -31.95 -16.36 -36.86
C LEU D 346 -31.46 -17.29 -37.97
N PRO D 347 -30.20 -17.22 -38.36
CA PRO D 347 -29.65 -18.19 -39.29
C PRO D 347 -29.61 -19.57 -38.66
N PRO D 348 -30.42 -20.52 -39.14
CA PRO D 348 -30.46 -21.84 -38.51
C PRO D 348 -29.12 -22.56 -38.53
N GLU D 349 -28.26 -22.26 -39.50
CA GLU D 349 -26.93 -22.87 -39.52
C GLU D 349 -26.11 -22.48 -38.31
N ARG D 350 -26.15 -21.19 -37.94
CA ARG D 350 -25.34 -20.68 -36.84
C ARG D 350 -26.17 -20.59 -35.56
N CYS D 351 -26.48 -21.77 -35.02
CA CYS D 351 -27.12 -21.90 -33.72
C CYS D 351 -26.43 -23.00 -32.92
N HIS D 352 -26.57 -22.94 -31.61
CA HIS D 352 -25.99 -23.91 -30.70
C HIS D 352 -27.08 -24.42 -29.75
N LEU D 353 -26.91 -25.66 -29.29
CA LEU D 353 -27.86 -26.30 -28.40
C LEU D 353 -27.15 -26.82 -27.17
N PHE D 354 -27.70 -26.52 -25.99
CA PHE D 354 -27.08 -26.89 -24.72
C PHE D 354 -28.12 -27.60 -23.87
N ARG D 355 -27.78 -28.81 -23.41
CA ARG D 355 -28.73 -29.60 -22.63
C ARG D 355 -28.79 -29.09 -21.19
N GLU D 356 -29.72 -29.65 -20.43
CA GLU D 356 -29.94 -29.21 -19.05
C GLU D 356 -28.70 -29.40 -18.19
N ASP D 357 -27.88 -30.41 -18.50
CA ASP D 357 -26.63 -30.59 -17.78
C ASP D 357 -25.57 -29.57 -18.16
N GLY D 358 -25.81 -28.77 -19.21
CA GLY D 358 -24.88 -27.76 -19.66
C GLY D 358 -24.07 -28.15 -20.88
N THR D 359 -23.97 -29.44 -21.19
CA THR D 359 -23.20 -29.88 -22.34
C THR D 359 -23.87 -29.44 -23.64
N ALA D 360 -23.09 -29.38 -24.71
CA ALA D 360 -23.54 -28.90 -25.99
C ALA D 360 -23.40 -29.98 -27.06
N CYS D 361 -24.32 -29.94 -28.04
CA CYS D 361 -24.27 -30.81 -29.20
C CYS D 361 -23.44 -30.15 -30.29
N ARG D 362 -22.58 -30.92 -30.93
CA ARG D 362 -21.68 -30.37 -31.94
C ARG D 362 -22.46 -30.05 -33.21
N ARG D 363 -22.22 -28.86 -33.77
CA ARG D 363 -22.89 -28.45 -34.99
C ARG D 363 -22.33 -29.20 -36.20
N LEU D 364 -23.15 -29.28 -37.24
CA LEU D 364 -22.75 -29.90 -38.50
C LEU D 364 -22.37 -28.90 -39.57
N HIS D 365 -22.44 -27.60 -39.28
CA HIS D 365 -22.06 -26.58 -40.24
C HIS D 365 -20.54 -26.41 -40.24
N LYS D 366 -19.90 -26.82 -41.32
CA LYS D 366 -18.45 -26.69 -41.42
C LYS D 366 -18.05 -25.21 -41.45
N GLU D 367 -17.02 -24.87 -40.67
CA GLU D 367 -16.63 -23.47 -40.53
C GLU D 367 -15.24 -23.23 -41.08
N PRO D 368 -15.02 -22.12 -41.77
CA PRO D 368 -13.69 -21.83 -42.32
C PRO D 368 -12.68 -21.56 -41.23
N GLY D 369 -11.42 -21.89 -41.52
CA GLY D 369 -10.33 -21.65 -40.61
C GLY D 369 -10.17 -22.65 -39.50
N VAL D 370 -11.03 -23.66 -39.42
CA VAL D 370 -10.92 -24.65 -38.36
C VAL D 370 -9.69 -25.52 -38.55
N ALA D 371 -9.39 -25.88 -39.80
CA ALA D 371 -8.26 -26.75 -40.12
C ALA D 371 -7.10 -25.95 -40.72
N HIS D 372 -6.88 -24.74 -40.20
CA HIS D 372 -5.78 -23.91 -40.70
C HIS D 372 -4.43 -24.55 -40.40
N HIS D 373 -4.27 -25.12 -39.21
CA HIS D 373 -3.02 -25.79 -38.84
C HIS D 373 -3.32 -27.08 -38.09
#